data_1EC3
# 
_entry.id   1EC3 
# 
_audit_conform.dict_name       mmcif_pdbx.dic 
_audit_conform.dict_version    5.385 
_audit_conform.dict_location   http://mmcif.pdb.org/dictionaries/ascii/mmcif_pdbx.dic 
# 
loop_
_database_2.database_id 
_database_2.database_code 
_database_2.pdbx_database_accession 
_database_2.pdbx_DOI 
PDB   1EC3         pdb_00001ec3 10.2210/pdb1ec3/pdb 
RCSB  RCSB010446   ?            ?                   
WWPDB D_1000010446 ?            ?                   
# 
loop_
_pdbx_audit_revision_history.ordinal 
_pdbx_audit_revision_history.data_content_type 
_pdbx_audit_revision_history.major_revision 
_pdbx_audit_revision_history.minor_revision 
_pdbx_audit_revision_history.revision_date 
1 'Structure model' 1 0 2002-06-26 
2 'Structure model' 1 1 2008-04-27 
3 'Structure model' 1 2 2011-07-13 
4 'Structure model' 1 3 2018-03-07 
5 'Structure model' 1 4 2024-02-07 
# 
_pdbx_audit_revision_details.ordinal             1 
_pdbx_audit_revision_details.revision_ordinal    1 
_pdbx_audit_revision_details.data_content_type   'Structure model' 
_pdbx_audit_revision_details.provider            repository 
_pdbx_audit_revision_details.type                'Initial release' 
_pdbx_audit_revision_details.description         ? 
_pdbx_audit_revision_details.details             ? 
# 
loop_
_pdbx_audit_revision_group.ordinal 
_pdbx_audit_revision_group.revision_ordinal 
_pdbx_audit_revision_group.data_content_type 
_pdbx_audit_revision_group.group 
1 2 'Structure model' 'Version format compliance' 
2 3 'Structure model' 'Version format compliance' 
3 4 'Structure model' 'Data collection'           
4 5 'Structure model' 'Data collection'           
5 5 'Structure model' 'Database references'       
6 5 'Structure model' 'Derived calculations'      
# 
loop_
_pdbx_audit_revision_category.ordinal 
_pdbx_audit_revision_category.revision_ordinal 
_pdbx_audit_revision_category.data_content_type 
_pdbx_audit_revision_category.category 
1 4 'Structure model' diffrn_source  
2 5 'Structure model' chem_comp_atom 
3 5 'Structure model' chem_comp_bond 
4 5 'Structure model' database_2     
5 5 'Structure model' struct_site    
# 
loop_
_pdbx_audit_revision_item.ordinal 
_pdbx_audit_revision_item.revision_ordinal 
_pdbx_audit_revision_item.data_content_type 
_pdbx_audit_revision_item.item 
1 4 'Structure model' '_diffrn_source.pdbx_synchrotron_site' 
2 5 'Structure model' '_database_2.pdbx_DOI'                 
3 5 'Structure model' '_database_2.pdbx_database_accession'  
4 5 'Structure model' '_struct_site.pdbx_auth_asym_id'       
5 5 'Structure model' '_struct_site.pdbx_auth_comp_id'       
6 5 'Structure model' '_struct_site.pdbx_auth_seq_id'        
# 
_pdbx_database_status.status_code                     REL 
_pdbx_database_status.entry_id                        1EC3 
_pdbx_database_status.recvd_initial_deposition_date   2000-01-25 
_pdbx_database_status.deposit_site                    RCSB 
_pdbx_database_status.process_site                    RCSB 
_pdbx_database_status.status_code_sf                  REL 
_pdbx_database_status.status_code_mr                  ? 
_pdbx_database_status.SG_entry                        ? 
_pdbx_database_status.pdb_format_compatible           Y 
_pdbx_database_status.status_code_cs                  ? 
_pdbx_database_status.methods_development_category    ? 
_pdbx_database_status.status_code_nmr_data            ? 
# 
loop_
_pdbx_database_related.db_name 
_pdbx_database_related.db_id 
_pdbx_database_related.details 
_pdbx_database_related.content_type 
PDB 1AJV '1AJV contains the same protein complexed with the cyclic sulfamide inhibitor aha006' unspecified 
PDB 1AJX '1AJX contains the same protein complexed with the cyclic urea inhibitor aha001'      unspecified 
PDB 1D4I '1D4I contains the same protein complexed with the inhibitor bea425'                  unspecified 
PDB 1D4H '1D4H contains the same protein complexed with the inhibitor bea435'                  unspecified 
PDB 1D4J '1D4J contains the same protein complexed with the inhibitor msl370'                  unspecified 
PDB 1EBW '1EBW CONTAINS THE SAME PROTEIN COMPLEXED with the inhibitor bea322'                  unspecified 
PDB 1EBY '1EBY CONTAINS THE SAME PROTEIN COMPLEXED with the inhibitor bea369'                  unspecified 
PDB 1EBZ '1EBZ CONTAINS THE SAME PROTEIN COMPLEXED with the inhibitor bea388'                  unspecified 
PDB 1EC0 '1EC0 CONTAINS THE SAME PROTEIN COMPLEXED WITH the inhibitor bea403'                  unspecified 
PDB 1EC1 '1EC1 CONTAINS THE SAME PROTEIN COMPLEXED with the inhibitor bea409'                  unspecified 
PDB 1EC2 '1EC2 CONTAINS THE SAME PROTEIN COMPLEXED with the inhibitor bea428'                  unspecified 
# 
_audit_author.name           'Unge, T.' 
_audit_author.pdbx_ordinal   1 
# 
_citation.id                        primary 
_citation.title                     'Optimization of P1-P3 groups in symmetric and asymmetric HIV-1 protease inhibitors' 
_citation.journal_abbrev            Eur.J.Biochem. 
_citation.journal_volume            270 
_citation.page_first                1746 
_citation.page_last                 1758 
_citation.year                      2003 
_citation.journal_id_ASTM           EJBCAI 
_citation.country                   IX 
_citation.journal_id_ISSN           0014-2956 
_citation.journal_id_CSD            0262 
_citation.book_publisher            ? 
_citation.pdbx_database_id_PubMed   12694187 
_citation.pdbx_database_id_DOI      10.1046/j.1432-1033.2003.03533.x 
# 
loop_
_citation_author.citation_id 
_citation_author.name 
_citation_author.ordinal 
_citation_author.identifier_ORCID 
primary 'Andersson, H.O.'  1  ? 
primary 'Fridborg, K.'     2  ? 
primary 'Lowgren, S.'      3  ? 
primary 'Alterman, M.'     4  ? 
primary 'Muhlman, A.'      5  ? 
primary 'Bjorsne, M.'      6  ? 
primary 'Garg, N.'         7  ? 
primary 'Kvarnstrom, I.'   8  ? 
primary 'Schaal, W.'       9  ? 
primary 'Classon, B.'      10 ? 
primary 'Karlen, A.'       11 ? 
primary 'Danielsson, U.H.' 12 ? 
primary 'Ahlsen, G.'       13 ? 
primary 'Nillroth, U.'     14 ? 
primary 'Vrang, L.'        15 ? 
primary 'Oberg, B.'        16 ? 
primary 'Samuelsson, B.'   17 ? 
primary 'Hallberg, A.'     18 ? 
primary 'Unge, T.'         19 ? 
# 
loop_
_entity.id 
_entity.type 
_entity.src_method 
_entity.pdbx_description 
_entity.formula_weight 
_entity.pdbx_number_of_molecules 
_entity.pdbx_ec 
_entity.pdbx_mutation 
_entity.pdbx_fragment 
_entity.details 
1 polymer     man 'HIV-1 PROTEASE'                                                    10803.756 2   3.4.23.16 ? 'FRAGMENT 69-167' 
? 
2 non-polymer syn 'N,N-[2,5-O-DIBENZYL-GLUCARYL]-DI-[VALINYL-AMINOMETHANYL-PYRIDINE]' 768.898   1   ?         ? ?                 
? 
3 water       nat water                                                               18.015    123 ?         ? ?                 
? 
# 
_entity_poly.entity_id                      1 
_entity_poly.type                           'polypeptide(L)' 
_entity_poly.nstd_linkage                   no 
_entity_poly.nstd_monomer                   no 
_entity_poly.pdbx_seq_one_letter_code       
;PQITLWQRPLVTIKIGGQLKEALLDTGADDTVLEEMSLPGRWKPKMIGGIGGFIKVRQYDQILIEICGHKAIGTVLVGPT
PVNIIGRNLLTQIGCTLNF
;
_entity_poly.pdbx_seq_one_letter_code_can   
;PQITLWQRPLVTIKIGGQLKEALLDTGADDTVLEEMSLPGRWKPKMIGGIGGFIKVRQYDQILIEICGHKAIGTVLVGPT
PVNIIGRNLLTQIGCTLNF
;
_entity_poly.pdbx_strand_id                 A,B 
_entity_poly.pdbx_target_identifier         ? 
# 
loop_
_pdbx_entity_nonpoly.entity_id 
_pdbx_entity_nonpoly.name 
_pdbx_entity_nonpoly.comp_id 
2 'N,N-[2,5-O-DIBENZYL-GLUCARYL]-DI-[VALINYL-AMINOMETHANYL-PYRIDINE]' MS3 
3 water                                                               HOH 
# 
loop_
_entity_poly_seq.entity_id 
_entity_poly_seq.num 
_entity_poly_seq.mon_id 
_entity_poly_seq.hetero 
1 1  PRO n 
1 2  GLN n 
1 3  ILE n 
1 4  THR n 
1 5  LEU n 
1 6  TRP n 
1 7  GLN n 
1 8  ARG n 
1 9  PRO n 
1 10 LEU n 
1 11 VAL n 
1 12 THR n 
1 13 ILE n 
1 14 LYS n 
1 15 ILE n 
1 16 GLY n 
1 17 GLY n 
1 18 GLN n 
1 19 LEU n 
1 20 LYS n 
1 21 GLU n 
1 22 ALA n 
1 23 LEU n 
1 24 LEU n 
1 25 ASP n 
1 26 THR n 
1 27 GLY n 
1 28 ALA n 
1 29 ASP n 
1 30 ASP n 
1 31 THR n 
1 32 VAL n 
1 33 LEU n 
1 34 GLU n 
1 35 GLU n 
1 36 MET n 
1 37 SER n 
1 38 LEU n 
1 39 PRO n 
1 40 GLY n 
1 41 ARG n 
1 42 TRP n 
1 43 LYS n 
1 44 PRO n 
1 45 LYS n 
1 46 MET n 
1 47 ILE n 
1 48 GLY n 
1 49 GLY n 
1 50 ILE n 
1 51 GLY n 
1 52 GLY n 
1 53 PHE n 
1 54 ILE n 
1 55 LYS n 
1 56 VAL n 
1 57 ARG n 
1 58 GLN n 
1 59 TYR n 
1 60 ASP n 
1 61 GLN n 
1 62 ILE n 
1 63 LEU n 
1 64 ILE n 
1 65 GLU n 
1 66 ILE n 
1 67 CYS n 
1 68 GLY n 
1 69 HIS n 
1 70 LYS n 
1 71 ALA n 
1 72 ILE n 
1 73 GLY n 
1 74 THR n 
1 75 VAL n 
1 76 LEU n 
1 77 VAL n 
1 78 GLY n 
1 79 PRO n 
1 80 THR n 
1 81 PRO n 
1 82 VAL n 
1 83 ASN n 
1 84 ILE n 
1 85 ILE n 
1 86 GLY n 
1 87 ARG n 
1 88 ASN n 
1 89 LEU n 
1 90 LEU n 
1 91 THR n 
1 92 GLN n 
1 93 ILE n 
1 94 GLY n 
1 95 CYS n 
1 96 THR n 
1 97 LEU n 
1 98 ASN n 
1 99 PHE n 
# 
_entity_src_gen.entity_id                          1 
_entity_src_gen.pdbx_src_id                        1 
_entity_src_gen.pdbx_alt_source_flag               sample 
_entity_src_gen.pdbx_seq_type                      ? 
_entity_src_gen.pdbx_beg_seq_num                   ? 
_entity_src_gen.pdbx_end_seq_num                   ? 
_entity_src_gen.gene_src_common_name               ? 
_entity_src_gen.gene_src_genus                     Lentivirus 
_entity_src_gen.pdbx_gene_src_gene                 ? 
_entity_src_gen.gene_src_species                   ? 
_entity_src_gen.gene_src_strain                    ? 
_entity_src_gen.gene_src_tissue                    ? 
_entity_src_gen.gene_src_tissue_fraction           ? 
_entity_src_gen.gene_src_details                   ? 
_entity_src_gen.pdbx_gene_src_fragment             ? 
_entity_src_gen.pdbx_gene_src_scientific_name      'Human immunodeficiency virus 1' 
_entity_src_gen.pdbx_gene_src_ncbi_taxonomy_id     11676 
_entity_src_gen.pdbx_gene_src_variant              ? 
_entity_src_gen.pdbx_gene_src_cell_line            ? 
_entity_src_gen.pdbx_gene_src_atcc                 ? 
_entity_src_gen.pdbx_gene_src_organ                ? 
_entity_src_gen.pdbx_gene_src_organelle            ? 
_entity_src_gen.pdbx_gene_src_cell                 ? 
_entity_src_gen.pdbx_gene_src_cellular_location    ? 
_entity_src_gen.host_org_common_name               ? 
_entity_src_gen.pdbx_host_org_scientific_name      'Escherichia coli' 
_entity_src_gen.pdbx_host_org_ncbi_taxonomy_id     562 
_entity_src_gen.host_org_genus                     Escherichia 
_entity_src_gen.pdbx_host_org_gene                 ? 
_entity_src_gen.pdbx_host_org_organ                ? 
_entity_src_gen.host_org_species                   ? 
_entity_src_gen.pdbx_host_org_tissue               ? 
_entity_src_gen.pdbx_host_org_tissue_fraction      ? 
_entity_src_gen.pdbx_host_org_strain               ? 
_entity_src_gen.pdbx_host_org_variant              ? 
_entity_src_gen.pdbx_host_org_cell_line            ? 
_entity_src_gen.pdbx_host_org_atcc                 ? 
_entity_src_gen.pdbx_host_org_culture_collection   ? 
_entity_src_gen.pdbx_host_org_cell                 ? 
_entity_src_gen.pdbx_host_org_organelle            ? 
_entity_src_gen.pdbx_host_org_cellular_location    ? 
_entity_src_gen.pdbx_host_org_vector_type          ? 
_entity_src_gen.pdbx_host_org_vector               ? 
_entity_src_gen.host_org_details                   ? 
_entity_src_gen.expression_system_id               ? 
_entity_src_gen.plasmid_name                       PET11C 
_entity_src_gen.plasmid_details                    ? 
_entity_src_gen.pdbx_description                   ? 
# 
loop_
_chem_comp.id 
_chem_comp.type 
_chem_comp.mon_nstd_flag 
_chem_comp.name 
_chem_comp.pdbx_synonyms 
_chem_comp.formula 
_chem_comp.formula_weight 
ALA 'L-peptide linking' y ALANINE                                                             ?                  'C3 H7 N O2'     
89.093  
ARG 'L-peptide linking' y ARGININE                                                            ?                  'C6 H15 N4 O2 1' 
175.209 
ASN 'L-peptide linking' y ASPARAGINE                                                          ?                  'C4 H8 N2 O3'    
132.118 
ASP 'L-peptide linking' y 'ASPARTIC ACID'                                                     ?                  'C4 H7 N O4'     
133.103 
CYS 'L-peptide linking' y CYSTEINE                                                            ?                  'C3 H7 N O2 S'   
121.158 
GLN 'L-peptide linking' y GLUTAMINE                                                           ?                  'C5 H10 N2 O3'   
146.144 
GLU 'L-peptide linking' y 'GLUTAMIC ACID'                                                     ?                  'C5 H9 N O4'     
147.129 
GLY 'peptide linking'   y GLYCINE                                                             ?                  'C2 H5 N O2'     
75.067  
HIS 'L-peptide linking' y HISTIDINE                                                           ?                  'C6 H10 N3 O2 1' 
156.162 
HOH non-polymer         . WATER                                                               ?                  'H2 O'           
18.015  
ILE 'L-peptide linking' y ISOLEUCINE                                                          ?                  'C6 H13 N O2'    
131.173 
LEU 'L-peptide linking' y LEUCINE                                                             ?                  'C6 H13 N O2'    
131.173 
LYS 'L-peptide linking' y LYSINE                                                              ?                  'C6 H15 N2 O2 1' 
147.195 
MET 'L-peptide linking' y METHIONINE                                                          ?                  'C5 H11 N O2 S'  
149.211 
MS3 non-polymer         . 'N,N-[2,5-O-DIBENZYL-GLUCARYL]-DI-[VALINYL-AMINOMETHANYL-PYRIDINE]' 'INHIBITOR MSA367' 'C42 H52 N6 O8'  
768.898 
PHE 'L-peptide linking' y PHENYLALANINE                                                       ?                  'C9 H11 N O2'    
165.189 
PRO 'L-peptide linking' y PROLINE                                                             ?                  'C5 H9 N O2'     
115.130 
SER 'L-peptide linking' y SERINE                                                              ?                  'C3 H7 N O3'     
105.093 
THR 'L-peptide linking' y THREONINE                                                           ?                  'C4 H9 N O3'     
119.119 
TRP 'L-peptide linking' y TRYPTOPHAN                                                          ?                  'C11 H12 N2 O2'  
204.225 
TYR 'L-peptide linking' y TYROSINE                                                            ?                  'C9 H11 N O3'    
181.189 
VAL 'L-peptide linking' y VALINE                                                              ?                  'C5 H11 N O2'    
117.146 
# 
loop_
_pdbx_poly_seq_scheme.asym_id 
_pdbx_poly_seq_scheme.entity_id 
_pdbx_poly_seq_scheme.seq_id 
_pdbx_poly_seq_scheme.mon_id 
_pdbx_poly_seq_scheme.ndb_seq_num 
_pdbx_poly_seq_scheme.pdb_seq_num 
_pdbx_poly_seq_scheme.auth_seq_num 
_pdbx_poly_seq_scheme.pdb_mon_id 
_pdbx_poly_seq_scheme.auth_mon_id 
_pdbx_poly_seq_scheme.pdb_strand_id 
_pdbx_poly_seq_scheme.pdb_ins_code 
_pdbx_poly_seq_scheme.hetero 
A 1 1  PRO 1  1   1   PRO PRO A . n 
A 1 2  GLN 2  2   2   GLN GLN A . n 
A 1 3  ILE 3  3   3   ILE ILE A . n 
A 1 4  THR 4  4   4   THR THR A . n 
A 1 5  LEU 5  5   5   LEU LEU A . n 
A 1 6  TRP 6  6   6   TRP TRP A . n 
A 1 7  GLN 7  7   7   GLN GLN A . n 
A 1 8  ARG 8  8   8   ARG ARG A . n 
A 1 9  PRO 9  9   9   PRO PRO A . n 
A 1 10 LEU 10 10  10  LEU LEU A . n 
A 1 11 VAL 11 11  11  VAL VAL A . n 
A 1 12 THR 12 12  12  THR THR A . n 
A 1 13 ILE 13 13  13  ILE ILE A . n 
A 1 14 LYS 14 14  14  LYS LYS A . n 
A 1 15 ILE 15 15  15  ILE ILE A . n 
A 1 16 GLY 16 16  16  GLY GLY A . n 
A 1 17 GLY 17 17  17  GLY GLY A . n 
A 1 18 GLN 18 18  18  GLN GLN A . n 
A 1 19 LEU 19 19  19  LEU LEU A . n 
A 1 20 LYS 20 20  20  LYS LYS A . n 
A 1 21 GLU 21 21  21  GLU GLU A . n 
A 1 22 ALA 22 22  22  ALA ALA A . n 
A 1 23 LEU 23 23  23  LEU LEU A . n 
A 1 24 LEU 24 24  24  LEU LEU A . n 
A 1 25 ASP 25 25  25  ASP ASP A . n 
A 1 26 THR 26 26  26  THR THR A . n 
A 1 27 GLY 27 27  27  GLY GLY A . n 
A 1 28 ALA 28 28  28  ALA ALA A . n 
A 1 29 ASP 29 29  29  ASP ASP A . n 
A 1 30 ASP 30 30  30  ASP ASP A . n 
A 1 31 THR 31 31  31  THR THR A . n 
A 1 32 VAL 32 32  32  VAL VAL A . n 
A 1 33 LEU 33 33  33  LEU LEU A . n 
A 1 34 GLU 34 34  34  GLU GLU A . n 
A 1 35 GLU 35 35  35  GLU GLU A . n 
A 1 36 MET 36 36  36  MET MET A . n 
A 1 37 SER 37 37  37  SER SER A . n 
A 1 38 LEU 38 38  38  LEU LEU A . n 
A 1 39 PRO 39 39  39  PRO PRO A . n 
A 1 40 GLY 40 40  40  GLY GLY A . n 
A 1 41 ARG 41 41  41  ARG ARG A . n 
A 1 42 TRP 42 42  42  TRP TRP A . n 
A 1 43 LYS 43 43  43  LYS LYS A . n 
A 1 44 PRO 44 44  44  PRO PRO A . n 
A 1 45 LYS 45 45  45  LYS LYS A . n 
A 1 46 MET 46 46  46  MET MET A . n 
A 1 47 ILE 47 47  47  ILE ILE A . n 
A 1 48 GLY 48 48  48  GLY GLY A . n 
A 1 49 GLY 49 49  49  GLY GLY A . n 
A 1 50 ILE 50 50  50  ILE ILE A . n 
A 1 51 GLY 51 51  51  GLY GLY A . n 
A 1 52 GLY 52 52  52  GLY GLY A . n 
A 1 53 PHE 53 53  53  PHE PHE A . n 
A 1 54 ILE 54 54  54  ILE ILE A . n 
A 1 55 LYS 55 55  55  LYS LYS A . n 
A 1 56 VAL 56 56  56  VAL VAL A . n 
A 1 57 ARG 57 57  57  ARG ARG A . n 
A 1 58 GLN 58 58  58  GLN GLN A . n 
A 1 59 TYR 59 59  59  TYR TYR A . n 
A 1 60 ASP 60 60  60  ASP ASP A . n 
A 1 61 GLN 61 61  61  GLN GLN A . n 
A 1 62 ILE 62 62  62  ILE ILE A . n 
A 1 63 LEU 63 63  63  LEU LEU A . n 
A 1 64 ILE 64 64  64  ILE ILE A . n 
A 1 65 GLU 65 65  65  GLU GLU A . n 
A 1 66 ILE 66 66  66  ILE ILE A . n 
A 1 67 CYS 67 67  67  CYS CYS A . n 
A 1 68 GLY 68 68  68  GLY GLY A . n 
A 1 69 HIS 69 69  69  HIS HIS A . n 
A 1 70 LYS 70 70  70  LYS LYS A . n 
A 1 71 ALA 71 71  71  ALA ALA A . n 
A 1 72 ILE 72 72  72  ILE ILE A . n 
A 1 73 GLY 73 73  73  GLY GLY A . n 
A 1 74 THR 74 74  74  THR THR A . n 
A 1 75 VAL 75 75  75  VAL VAL A . n 
A 1 76 LEU 76 76  76  LEU LEU A . n 
A 1 77 VAL 77 77  77  VAL VAL A . n 
A 1 78 GLY 78 78  78  GLY GLY A . n 
A 1 79 PRO 79 79  79  PRO PRO A . n 
A 1 80 THR 80 80  80  THR THR A . n 
A 1 81 PRO 81 81  81  PRO PRO A . n 
A 1 82 VAL 82 82  82  VAL VAL A . n 
A 1 83 ASN 83 83  83  ASN ASN A . n 
A 1 84 ILE 84 84  84  ILE ILE A . n 
A 1 85 ILE 85 85  85  ILE ILE A . n 
A 1 86 GLY 86 86  86  GLY GLY A . n 
A 1 87 ARG 87 87  87  ARG ARG A . n 
A 1 88 ASN 88 88  88  ASN ASN A . n 
A 1 89 LEU 89 89  89  LEU LEU A . n 
A 1 90 LEU 90 90  90  LEU LEU A . n 
A 1 91 THR 91 91  91  THR THR A . n 
A 1 92 GLN 92 92  92  GLN GLN A . n 
A 1 93 ILE 93 93  93  ILE ILE A . n 
A 1 94 GLY 94 94  94  GLY GLY A . n 
A 1 95 CYS 95 95  95  CYS CYS A . n 
A 1 96 THR 96 96  96  THR THR A . n 
A 1 97 LEU 97 97  97  LEU LEU A . n 
A 1 98 ASN 98 98  98  ASN ASN A . n 
A 1 99 PHE 99 99  99  PHE PHE A . n 
B 1 1  PRO 1  101 101 PRO PRO B . n 
B 1 2  GLN 2  102 102 GLN GLN B . n 
B 1 3  ILE 3  103 103 ILE ILE B . n 
B 1 4  THR 4  104 104 THR THR B . n 
B 1 5  LEU 5  105 105 LEU LEU B . n 
B 1 6  TRP 6  106 106 TRP TRP B . n 
B 1 7  GLN 7  107 107 GLN GLN B . n 
B 1 8  ARG 8  108 108 ARG ARG B . n 
B 1 9  PRO 9  109 109 PRO PRO B . n 
B 1 10 LEU 10 110 110 LEU LEU B . n 
B 1 11 VAL 11 111 111 VAL VAL B . n 
B 1 12 THR 12 112 112 THR THR B . n 
B 1 13 ILE 13 113 113 ILE ILE B . n 
B 1 14 LYS 14 114 114 LYS LYS B . n 
B 1 15 ILE 15 115 115 ILE ILE B . n 
B 1 16 GLY 16 116 116 GLY GLY B . n 
B 1 17 GLY 17 117 117 GLY GLY B . n 
B 1 18 GLN 18 118 118 GLN GLN B . n 
B 1 19 LEU 19 119 119 LEU LEU B . n 
B 1 20 LYS 20 120 120 LYS LYS B . n 
B 1 21 GLU 21 121 121 GLU GLU B . n 
B 1 22 ALA 22 122 122 ALA ALA B . n 
B 1 23 LEU 23 123 123 LEU LEU B . n 
B 1 24 LEU 24 124 124 LEU LEU B . n 
B 1 25 ASP 25 125 125 ASP ASP B . n 
B 1 26 THR 26 126 126 THR THR B . n 
B 1 27 GLY 27 127 127 GLY GLY B . n 
B 1 28 ALA 28 128 128 ALA ALA B . n 
B 1 29 ASP 29 129 129 ASP ASP B . n 
B 1 30 ASP 30 130 130 ASP ASP B . n 
B 1 31 THR 31 131 131 THR THR B . n 
B 1 32 VAL 32 132 132 VAL VAL B . n 
B 1 33 LEU 33 133 133 LEU LEU B . n 
B 1 34 GLU 34 134 134 GLU GLU B . n 
B 1 35 GLU 35 135 135 GLU GLU B . n 
B 1 36 MET 36 136 136 MET MET B . n 
B 1 37 SER 37 137 137 SER SER B . n 
B 1 38 LEU 38 138 138 LEU LEU B . n 
B 1 39 PRO 39 139 139 PRO PRO B . n 
B 1 40 GLY 40 140 140 GLY GLY B . n 
B 1 41 ARG 41 141 141 ARG ARG B . n 
B 1 42 TRP 42 142 142 TRP TRP B . n 
B 1 43 LYS 43 143 143 LYS LYS B . n 
B 1 44 PRO 44 144 144 PRO PRO B . n 
B 1 45 LYS 45 145 145 LYS LYS B . n 
B 1 46 MET 46 146 146 MET MET B . n 
B 1 47 ILE 47 147 147 ILE ILE B . n 
B 1 48 GLY 48 148 148 GLY GLY B . n 
B 1 49 GLY 49 149 149 GLY GLY B . n 
B 1 50 ILE 50 150 150 ILE ILE B . n 
B 1 51 GLY 51 151 151 GLY GLY B . n 
B 1 52 GLY 52 152 152 GLY GLY B . n 
B 1 53 PHE 53 153 153 PHE GLY B . n 
B 1 54 ILE 54 154 154 ILE ILE B . n 
B 1 55 LYS 55 155 155 LYS LYS B . n 
B 1 56 VAL 56 156 156 VAL VAL B . n 
B 1 57 ARG 57 157 157 ARG ARG B . n 
B 1 58 GLN 58 158 158 GLN GLN B . n 
B 1 59 TYR 59 159 159 TYR TYR B . n 
B 1 60 ASP 60 160 160 ASP ASP B . n 
B 1 61 GLN 61 161 161 GLN GLN B . n 
B 1 62 ILE 62 162 162 ILE ILE B . n 
B 1 63 LEU 63 163 163 LEU LEU B . n 
B 1 64 ILE 64 164 164 ILE ILE B . n 
B 1 65 GLU 65 165 165 GLU GLU B . n 
B 1 66 ILE 66 166 166 ILE ILE B . n 
B 1 67 CYS 67 167 167 CYS CYS B . n 
B 1 68 GLY 68 168 168 GLY GLY B . n 
B 1 69 HIS 69 169 169 HIS HIS B . n 
B 1 70 LYS 70 170 170 LYS LYS B . n 
B 1 71 ALA 71 171 171 ALA ALA B . n 
B 1 72 ILE 72 172 172 ILE ILE B . n 
B 1 73 GLY 73 173 173 GLY GLY B . n 
B 1 74 THR 74 174 174 THR THR B . n 
B 1 75 VAL 75 175 175 VAL VAL B . n 
B 1 76 LEU 76 176 176 LEU LEU B . n 
B 1 77 VAL 77 177 177 VAL VAL B . n 
B 1 78 GLY 78 178 178 GLY GLY B . n 
B 1 79 PRO 79 179 179 PRO PRO B . n 
B 1 80 THR 80 180 180 THR THR B . n 
B 1 81 PRO 81 181 181 PRO PRO B . n 
B 1 82 VAL 82 182 182 VAL VAL B . n 
B 1 83 ASN 83 183 183 ASN ASN B . n 
B 1 84 ILE 84 184 184 ILE ILE B . n 
B 1 85 ILE 85 185 185 ILE ILE B . n 
B 1 86 GLY 86 186 186 GLY GLY B . n 
B 1 87 ARG 87 187 187 ARG ARG B . n 
B 1 88 ASN 88 188 188 ASN ASN B . n 
B 1 89 LEU 89 189 189 LEU LEU B . n 
B 1 90 LEU 90 190 190 LEU LEU B . n 
B 1 91 THR 91 191 191 THR THR B . n 
B 1 92 GLN 92 192 192 GLN GLN B . n 
B 1 93 ILE 93 193 193 ILE ILE B . n 
B 1 94 GLY 94 194 194 GLY GLY B . n 
B 1 95 CYS 95 195 195 CYS CYS B . n 
B 1 96 THR 96 196 196 THR THR B . n 
B 1 97 LEU 97 197 197 LEU LEU B . n 
B 1 98 ASN 98 198 198 ASN ASN B . n 
B 1 99 PHE 99 199 199 PHE PHE B . n 
# 
loop_
_pdbx_nonpoly_scheme.asym_id 
_pdbx_nonpoly_scheme.entity_id 
_pdbx_nonpoly_scheme.mon_id 
_pdbx_nonpoly_scheme.ndb_seq_num 
_pdbx_nonpoly_scheme.pdb_seq_num 
_pdbx_nonpoly_scheme.auth_seq_num 
_pdbx_nonpoly_scheme.pdb_mon_id 
_pdbx_nonpoly_scheme.auth_mon_id 
_pdbx_nonpoly_scheme.pdb_strand_id 
_pdbx_nonpoly_scheme.pdb_ins_code 
C 2 MS3 1  501 501 MS3 MS3 A . 
D 3 HOH 1  604 604 HOH HOH A . 
D 3 HOH 2  606 606 HOH HOH A . 
D 3 HOH 3  610 610 HOH HOH A . 
D 3 HOH 4  611 611 HOH HOH A . 
D 3 HOH 5  613 613 HOH HOH A . 
D 3 HOH 6  614 614 HOH HOH A . 
D 3 HOH 7  615 615 HOH HOH A . 
D 3 HOH 8  616 616 HOH HOH A . 
D 3 HOH 9  619 619 HOH HOH A . 
D 3 HOH 10 620 620 HOH HOH A . 
D 3 HOH 11 621 621 HOH HOH A . 
D 3 HOH 12 622 622 HOH HOH A . 
D 3 HOH 13 623 623 HOH HOH A . 
D 3 HOH 14 624 624 HOH HOH A . 
D 3 HOH 15 625 625 HOH HOH A . 
D 3 HOH 16 626 626 HOH HOH A . 
D 3 HOH 17 629 629 HOH HOH A . 
D 3 HOH 18 632 632 HOH HOH A . 
D 3 HOH 19 635 635 HOH HOH A . 
D 3 HOH 20 638 638 HOH HOH A . 
D 3 HOH 21 639 639 HOH HOH A . 
D 3 HOH 22 642 642 HOH HOH A . 
D 3 HOH 23 643 643 HOH HOH A . 
D 3 HOH 24 644 644 HOH HOH A . 
D 3 HOH 25 645 645 HOH HOH A . 
D 3 HOH 26 647 647 HOH HOH A . 
D 3 HOH 27 648 648 HOH HOH A . 
D 3 HOH 28 653 653 HOH HOH A . 
D 3 HOH 29 661 661 HOH HOH A . 
D 3 HOH 30 663 663 HOH HOH A . 
D 3 HOH 31 664 664 HOH HOH A . 
D 3 HOH 32 665 665 HOH HOH A . 
D 3 HOH 33 667 667 HOH HOH A . 
D 3 HOH 34 671 671 HOH HOH A . 
D 3 HOH 35 672 672 HOH HOH A . 
D 3 HOH 36 673 673 HOH HOH A . 
D 3 HOH 37 674 674 HOH HOH A . 
D 3 HOH 38 675 675 HOH HOH A . 
D 3 HOH 39 676 676 HOH HOH A . 
D 3 HOH 40 677 677 HOH HOH A . 
D 3 HOH 41 679 679 HOH HOH A . 
D 3 HOH 42 680 680 HOH HOH A . 
D 3 HOH 43 681 681 HOH HOH A . 
D 3 HOH 44 683 683 HOH HOH A . 
D 3 HOH 45 685 685 HOH HOH A . 
D 3 HOH 46 693 693 HOH HOH A . 
D 3 HOH 47 694 694 HOH HOH A . 
D 3 HOH 48 696 696 HOH HOH A . 
D 3 HOH 49 700 700 HOH HOH A . 
D 3 HOH 50 703 703 HOH HOH A . 
D 3 HOH 51 706 706 HOH HOH A . 
D 3 HOH 52 707 707 HOH HOH A . 
D 3 HOH 53 709 709 HOH HOH A . 
D 3 HOH 54 710 710 HOH HOH A . 
D 3 HOH 55 712 712 HOH HOH A . 
D 3 HOH 56 718 718 HOH HOH A . 
E 3 HOH 1  601 601 HOH HOH B . 
E 3 HOH 2  602 602 HOH HOH B . 
E 3 HOH 3  603 603 HOH HOH B . 
E 3 HOH 4  605 605 HOH HOH B . 
E 3 HOH 5  607 607 HOH HOH B . 
E 3 HOH 6  608 608 HOH HOH B . 
E 3 HOH 7  609 609 HOH HOH B . 
E 3 HOH 8  612 612 HOH HOH B . 
E 3 HOH 9  617 617 HOH HOH B . 
E 3 HOH 10 618 618 HOH HOH B . 
E 3 HOH 11 627 627 HOH HOH B . 
E 3 HOH 12 628 628 HOH HOH B . 
E 3 HOH 13 630 630 HOH HOH B . 
E 3 HOH 14 631 631 HOH HOH B . 
E 3 HOH 15 633 633 HOH HOH B . 
E 3 HOH 16 634 634 HOH HOH B . 
E 3 HOH 17 636 636 HOH HOH B . 
E 3 HOH 18 637 637 HOH HOH B . 
E 3 HOH 19 640 640 HOH HOH B . 
E 3 HOH 20 641 641 HOH HOH B . 
E 3 HOH 21 646 646 HOH HOH B . 
E 3 HOH 22 649 649 HOH HOH B . 
E 3 HOH 23 650 650 HOH HOH B . 
E 3 HOH 24 651 651 HOH HOH B . 
E 3 HOH 25 652 652 HOH HOH B . 
E 3 HOH 26 654 654 HOH HOH B . 
E 3 HOH 27 655 655 HOH HOH B . 
E 3 HOH 28 656 656 HOH HOH B . 
E 3 HOH 29 657 657 HOH HOH B . 
E 3 HOH 30 658 658 HOH HOH B . 
E 3 HOH 31 659 659 HOH HOH B . 
E 3 HOH 32 660 660 HOH HOH B . 
E 3 HOH 33 662 662 HOH HOH B . 
E 3 HOH 34 666 666 HOH HOH B . 
E 3 HOH 35 668 668 HOH HOH B . 
E 3 HOH 36 669 669 HOH HOH B . 
E 3 HOH 37 670 670 HOH HOH B . 
E 3 HOH 38 678 678 HOH HOH B . 
E 3 HOH 39 682 682 HOH HOH B . 
E 3 HOH 40 684 684 HOH HOH B . 
E 3 HOH 41 686 686 HOH HOH B . 
E 3 HOH 42 687 687 HOH HOH B . 
E 3 HOH 43 688 688 HOH HOH B . 
E 3 HOH 44 689 689 HOH HOH B . 
E 3 HOH 45 690 690 HOH HOH B . 
E 3 HOH 46 691 691 HOH HOH B . 
E 3 HOH 47 692 692 HOH HOH B . 
E 3 HOH 48 695 695 HOH HOH B . 
E 3 HOH 49 697 697 HOH HOH B . 
E 3 HOH 50 698 698 HOH HOH B . 
E 3 HOH 51 699 699 HOH HOH B . 
E 3 HOH 52 701 701 HOH HOH B . 
E 3 HOH 53 702 702 HOH HOH B . 
E 3 HOH 54 704 704 HOH HOH B . 
E 3 HOH 55 705 705 HOH HOH B . 
E 3 HOH 56 708 708 HOH HOH B . 
E 3 HOH 57 711 711 HOH HOH B . 
E 3 HOH 58 713 713 HOH HOH B . 
E 3 HOH 59 714 714 HOH HOH B . 
E 3 HOH 60 715 715 HOH HOH B . 
E 3 HOH 61 716 716 HOH HOH B . 
E 3 HOH 62 717 717 HOH HOH B . 
E 3 HOH 63 719 719 HOH HOH B . 
E 3 HOH 64 720 720 HOH HOH B . 
E 3 HOH 65 721 721 HOH HOH B . 
E 3 HOH 66 722 722 HOH HOH B . 
E 3 HOH 67 723 723 HOH HOH B . 
# 
loop_
_pdbx_unobs_or_zero_occ_atoms.id 
_pdbx_unobs_or_zero_occ_atoms.PDB_model_num 
_pdbx_unobs_or_zero_occ_atoms.polymer_flag 
_pdbx_unobs_or_zero_occ_atoms.occupancy_flag 
_pdbx_unobs_or_zero_occ_atoms.auth_asym_id 
_pdbx_unobs_or_zero_occ_atoms.auth_comp_id 
_pdbx_unobs_or_zero_occ_atoms.auth_seq_id 
_pdbx_unobs_or_zero_occ_atoms.PDB_ins_code 
_pdbx_unobs_or_zero_occ_atoms.auth_atom_id 
_pdbx_unobs_or_zero_occ_atoms.label_alt_id 
_pdbx_unobs_or_zero_occ_atoms.label_asym_id 
_pdbx_unobs_or_zero_occ_atoms.label_comp_id 
_pdbx_unobs_or_zero_occ_atoms.label_seq_id 
_pdbx_unobs_or_zero_occ_atoms.label_atom_id 
1 1 Y 1 B PHE 153 ? CB  ? B PHE 53 CB  
2 1 Y 1 B PHE 153 ? CG  ? B PHE 53 CG  
3 1 Y 1 B PHE 153 ? CD1 ? B PHE 53 CD1 
4 1 Y 1 B PHE 153 ? CD2 ? B PHE 53 CD2 
5 1 Y 1 B PHE 153 ? CE1 ? B PHE 53 CE1 
6 1 Y 1 B PHE 153 ? CE2 ? B PHE 53 CE2 
7 1 Y 1 B PHE 153 ? CZ  ? B PHE 53 CZ  
# 
loop_
_software.name 
_software.classification 
_software.version 
_software.citation_id 
_software.pdbx_ordinal 
DENZO     'data reduction' .   ? 1 
SCALEPACK 'data scaling'   .   ? 2 
X-PLOR    'model building' .   ? 3 
CNS       refinement       0.9 ? 4 
X-PLOR    phasing          .   ? 5 
# 
_cell.entry_id           1EC3 
_cell.length_a           58.890 
_cell.length_b           86.700 
_cell.length_c           46.700 
_cell.angle_alpha        90.00 
_cell.angle_beta         90.00 
_cell.angle_gamma        90.00 
_cell.Z_PDB              8 
_cell.pdbx_unique_axis   ? 
# 
_symmetry.entry_id                         1EC3 
_symmetry.space_group_name_H-M             'P 21 21 2' 
_symmetry.pdbx_full_space_group_name_H-M   ? 
_symmetry.cell_setting                     ? 
_symmetry.Int_Tables_number                18 
_symmetry.space_group_name_Hall            ? 
# 
_exptl.entry_id          1EC3 
_exptl.method            'X-RAY DIFFRACTION' 
_exptl.crystals_number   4 
# 
_exptl_crystal.id                    1 
_exptl_crystal.density_meas          ? 
_exptl_crystal.density_Matthews      2.76 
_exptl_crystal.density_percent_sol   55.41 
_exptl_crystal.description           ? 
_exptl_crystal.F_000                 ? 
_exptl_crystal.preparation           ? 
# 
_exptl_crystal_grow.crystal_id      1 
_exptl_crystal_grow.method          'VAPOR DIFFUSION, HANGING DROP' 
_exptl_crystal_grow.temp            277 
_exptl_crystal_grow.temp_details    ? 
_exptl_crystal_grow.pH              5.5 
_exptl_crystal_grow.pdbx_details    
'0.4 M Sodium chloride, 0.05 M MES, 0.02% (W/V) sodium azide, pH 5.5, VAPOR DIFFUSION, HANGING DROP, temperature 277K' 
_exptl_crystal_grow.pdbx_pH_range   . 
# 
_diffrn.id                     1 
_diffrn.ambient_temp           277 
_diffrn.ambient_temp_details   ? 
_diffrn.crystal_id             1 
# 
_diffrn_detector.diffrn_id              1 
_diffrn_detector.detector               'IMAGE PLATE' 
_diffrn_detector.type                   MARRESEARCH 
_diffrn_detector.pdbx_collection_date   1998-03-26 
_diffrn_detector.details                ? 
# 
_diffrn_radiation.diffrn_id                        1 
_diffrn_radiation.wavelength_id                    1 
_diffrn_radiation.pdbx_monochromatic_or_laue_m_l   M 
_diffrn_radiation.monochromator                    ? 
_diffrn_radiation.pdbx_diffrn_protocol             'SINGLE WAVELENGTH' 
_diffrn_radiation.pdbx_scattering_type             x-ray 
# 
_diffrn_radiation_wavelength.id           1 
_diffrn_radiation_wavelength.wavelength   0.958 
_diffrn_radiation_wavelength.wt           1.0 
# 
_diffrn_source.diffrn_id                   1 
_diffrn_source.source                      SYNCHROTRON 
_diffrn_source.type                        'MAX II BEAMLINE I711' 
_diffrn_source.pdbx_synchrotron_site       'MAX II' 
_diffrn_source.pdbx_synchrotron_beamline   I711 
_diffrn_source.pdbx_wavelength             0.958 
_diffrn_source.pdbx_wavelength_list        ? 
# 
_reflns.entry_id                     1EC3 
_reflns.observed_criterion_sigma_I   1.0 
_reflns.observed_criterion_sigma_F   1.0 
_reflns.d_resolution_low             24.58 
_reflns.d_resolution_high            1.80 
_reflns.number_obs                   21878 
_reflns.number_all                   22831 
_reflns.percent_possible_obs         95.9 
_reflns.pdbx_Rmerge_I_obs            0.063 
_reflns.pdbx_Rsym_value              ? 
_reflns.pdbx_netI_over_sigmaI        11.3 
_reflns.B_iso_Wilson_estimate        13.9 
_reflns.pdbx_redundancy              3.4 
_reflns.R_free_details               ? 
_reflns.limit_h_max                  ? 
_reflns.limit_h_min                  ? 
_reflns.limit_k_max                  ? 
_reflns.limit_k_min                  ? 
_reflns.limit_l_max                  ? 
_reflns.limit_l_min                  ? 
_reflns.observed_criterion_F_max     ? 
_reflns.observed_criterion_F_min     ? 
_reflns.pdbx_chi_squared             ? 
_reflns.pdbx_scaling_rejects         ? 
_reflns.pdbx_diffrn_id               1 
_reflns.pdbx_ordinal                 1 
# 
_reflns_shell.d_res_high             1.80 
_reflns_shell.d_res_low              1.90 
_reflns_shell.percent_possible_all   91.9 
_reflns_shell.Rmerge_I_obs           0.11 
_reflns_shell.pdbx_Rsym_value        ? 
_reflns_shell.meanI_over_sigI_obs    ? 
_reflns_shell.pdbx_redundancy        1.8 
_reflns_shell.percent_possible_obs   ? 
_reflns_shell.number_unique_all      3236 
_reflns_shell.number_measured_all    ? 
_reflns_shell.number_measured_obs    ? 
_reflns_shell.number_unique_obs      ? 
_reflns_shell.pdbx_chi_squared       ? 
_reflns_shell.pdbx_diffrn_id         ? 
_reflns_shell.pdbx_ordinal           1 
# 
_refine.entry_id                                 1EC3 
_refine.ls_number_reflns_obs                     21878 
_refine.ls_number_reflns_all                     22831 
_refine.pdbx_ls_sigma_I                          0.0 
_refine.pdbx_ls_sigma_F                          0.0 
_refine.pdbx_data_cutoff_high_absF               1217007.82 
_refine.pdbx_data_cutoff_low_absF                0.00 
_refine.ls_d_res_low                             24.58 
_refine.ls_d_res_high                            1.80 
_refine.ls_percent_reflns_obs                    95.9 
_refine.ls_R_factor_obs                          ? 
_refine.ls_R_factor_all                          ? 
_refine.ls_R_factor_R_work                       0.232 
_refine.ls_R_factor_R_free                       0.26 
_refine.ls_R_factor_R_free_error                 0.008 
_refine.ls_R_factor_R_free_error_details         ? 
_refine.ls_percent_reflns_R_free                 5.0 
_refine.ls_number_reflns_R_free                  1099 
_refine.ls_number_parameters                     ? 
_refine.ls_number_restraints                     ? 
_refine.occupancy_min                            ? 
_refine.occupancy_max                            ? 
_refine.B_iso_mean                               26.5 
_refine.aniso_B[1][1]                            3.51 
_refine.aniso_B[2][2]                            -2.80 
_refine.aniso_B[3][3]                            -0.71 
_refine.aniso_B[1][2]                            0.00 
_refine.aniso_B[1][3]                            0.00 
_refine.aniso_B[2][3]                            0.00 
_refine.solvent_model_details                    'FLAT MODEL' 
_refine.solvent_model_param_ksol                 0.340 
_refine.solvent_model_param_bsol                 38.81 
_refine.pdbx_ls_cross_valid_method               THROUGHOUT 
_refine.details                                  ? 
_refine.pdbx_starting_model                      ? 
_refine.pdbx_method_to_determine_struct          ? 
_refine.pdbx_isotropic_thermal_model             RESTRAINED 
_refine.pdbx_stereochemistry_target_values       'Engh & Huber' 
_refine.pdbx_stereochem_target_val_spec_case     ? 
_refine.pdbx_R_Free_selection_details            RANDOM 
_refine.pdbx_overall_ESU_R_Free                  ? 
_refine.overall_SU_B                             ? 
_refine.ls_redundancy_reflns_obs                 ? 
_refine.B_iso_min                                ? 
_refine.B_iso_max                                ? 
_refine.overall_SU_ML                            ? 
_refine.pdbx_overall_ESU_R                       ? 
_refine.pdbx_data_cutoff_high_rms_absF           ? 
_refine.correlation_coeff_Fo_to_Fc               ? 
_refine.correlation_coeff_Fo_to_Fc_free          ? 
_refine.pdbx_solvent_vdw_probe_radii             ? 
_refine.pdbx_solvent_ion_probe_radii             ? 
_refine.pdbx_solvent_shrinkage_radii             ? 
_refine.overall_SU_R_Cruickshank_DPI             ? 
_refine.overall_SU_R_free                        ? 
_refine.ls_wR_factor_R_free                      ? 
_refine.ls_wR_factor_R_work                      ? 
_refine.overall_FOM_free_R_set                   ? 
_refine.overall_FOM_work_R_set                   ? 
_refine.pdbx_refine_id                           'X-RAY DIFFRACTION' 
_refine.pdbx_diffrn_id                           1 
_refine.pdbx_TLS_residual_ADP_flag               ? 
_refine.pdbx_overall_phase_error                 ? 
_refine.pdbx_overall_SU_R_free_Cruickshank_DPI   ? 
_refine.pdbx_overall_SU_R_Blow_DPI               ? 
_refine.pdbx_overall_SU_R_free_Blow_DPI          ? 
# 
_refine_analyze.entry_id                        1EC3 
_refine_analyze.Luzzati_coordinate_error_obs    0.26 
_refine_analyze.Luzzati_sigma_a_obs             0.26 
_refine_analyze.Luzzati_d_res_low_obs           5.00 
_refine_analyze.Luzzati_coordinate_error_free   0.29 
_refine_analyze.Luzzati_sigma_a_free            0.31 
_refine_analyze.Luzzati_d_res_low_free          ? 
_refine_analyze.number_disordered_residues      ? 
_refine_analyze.occupancy_sum_hydrogen          ? 
_refine_analyze.occupancy_sum_non_hydrogen      ? 
_refine_analyze.pdbx_Luzzati_d_res_high_obs     ? 
_refine_analyze.pdbx_refine_id                  'X-RAY DIFFRACTION' 
# 
_refine_hist.pdbx_refine_id                   'X-RAY DIFFRACTION' 
_refine_hist.cycle_id                         LAST 
_refine_hist.pdbx_number_atoms_protein        1509 
_refine_hist.pdbx_number_atoms_nucleic_acid   0 
_refine_hist.pdbx_number_atoms_ligand         56 
_refine_hist.number_atoms_solvent             123 
_refine_hist.number_atoms_total               1688 
_refine_hist.d_res_high                       1.80 
_refine_hist.d_res_low                        24.58 
# 
loop_
_refine_ls_restr.type 
_refine_ls_restr.dev_ideal 
_refine_ls_restr.dev_ideal_target 
_refine_ls_restr.weight 
_refine_ls_restr.number 
_refine_ls_restr.pdbx_refine_id 
_refine_ls_restr.pdbx_restraint_function 
c_bond_d           0.014 ?    ? ? 'X-RAY DIFFRACTION' ? 
c_angle_deg        3.4   ?    ? ? 'X-RAY DIFFRACTION' ? 
c_dihedral_angle_d 25.9  ?    ? ? 'X-RAY DIFFRACTION' ? 
c_improper_angle_d 1.17  ?    ? ? 'X-RAY DIFFRACTION' ? 
c_mcbond_it        1.29  1.50 ? ? 'X-RAY DIFFRACTION' ? 
c_mcangle_it       1.96  2.00 ? ? 'X-RAY DIFFRACTION' ? 
c_scbond_it        8.26  2.00 ? ? 'X-RAY DIFFRACTION' ? 
c_scangle_it       5.63  2.50 ? ? 'X-RAY DIFFRACTION' ? 
# 
_refine_ls_shell.pdbx_total_number_of_bins_used   6 
_refine_ls_shell.d_res_high                       1.80 
_refine_ls_shell.d_res_low                        1.91 
_refine_ls_shell.number_reflns_R_work             3236 
_refine_ls_shell.R_factor_R_work                  0.341 
_refine_ls_shell.percent_reflns_obs               91.9 
_refine_ls_shell.R_factor_R_free                  0.39 
_refine_ls_shell.R_factor_R_free_error            0.029 
_refine_ls_shell.percent_reflns_R_free            5.2 
_refine_ls_shell.number_reflns_R_free             179 
_refine_ls_shell.redundancy_reflns_obs            ? 
_refine_ls_shell.number_reflns_all                ? 
_refine_ls_shell.number_reflns_obs                ? 
_refine_ls_shell.pdbx_refine_id                   'X-RAY DIFFRACTION' 
_refine_ls_shell.R_factor_all                     ? 
# 
loop_
_pdbx_xplor_file.serial_no 
_pdbx_xplor_file.param_file 
_pdbx_xplor_file.topol_file 
_pdbx_xplor_file.pdbx_refine_id 
1 PROTEIN_REP.PA PROTEIN.TOP 'X-RAY DIFFRACTION' 
2 WATER_REP.PARA MSA367.TOP  'X-RAY DIFFRACTION' 
3 MSA367.PAR     ?           'X-RAY DIFFRACTION' 
# 
_struct.entry_id                  1EC3 
_struct.title                     'HIV-1 protease in complex with the inhibitor MSA367' 
_struct.pdbx_model_details        ? 
_struct.pdbx_CASP_flag            ? 
_struct.pdbx_model_type_details   ? 
# 
_struct_keywords.entry_id        1EC3 
_struct_keywords.pdbx_keywords   'HYDROLASE/HYDROLASE INHIBITOR' 
_struct_keywords.text            'Dimer, protein-inhibitor complex, HYDROLASE-HYDROLASE INHIBITOR COMPLEX' 
# 
loop_
_struct_asym.id 
_struct_asym.pdbx_blank_PDB_chainid_flag 
_struct_asym.pdbx_modified 
_struct_asym.entity_id 
_struct_asym.details 
A N N 1 ? 
B N N 1 ? 
C N N 2 ? 
D N N 3 ? 
E N N 3 ? 
# 
_struct_ref.id                         1 
_struct_ref.db_name                    UNP 
_struct_ref.db_code                    POL_HV1B1 
_struct_ref.entity_id                  1 
_struct_ref.pdbx_db_accession          P03366 
_struct_ref.pdbx_align_begin           69 
_struct_ref.pdbx_seq_one_letter_code   
;PQITLWQRPLVTIKIGGQLKEALLDTGADDTVLEEMSLPGRWKPKMIGGIGGFIKVRQYDQILIEICGHKAIGTVLVGPT
PVNIIGRNLLTQIGCTLNF
;
_struct_ref.pdbx_db_isoform            ? 
# 
loop_
_struct_ref_seq.align_id 
_struct_ref_seq.ref_id 
_struct_ref_seq.pdbx_PDB_id_code 
_struct_ref_seq.pdbx_strand_id 
_struct_ref_seq.seq_align_beg 
_struct_ref_seq.pdbx_seq_align_beg_ins_code 
_struct_ref_seq.seq_align_end 
_struct_ref_seq.pdbx_seq_align_end_ins_code 
_struct_ref_seq.pdbx_db_accession 
_struct_ref_seq.db_align_beg 
_struct_ref_seq.pdbx_db_align_beg_ins_code 
_struct_ref_seq.db_align_end 
_struct_ref_seq.pdbx_db_align_end_ins_code 
_struct_ref_seq.pdbx_auth_seq_align_beg 
_struct_ref_seq.pdbx_auth_seq_align_end 
1 1 1EC3 A 1 ? 99 ? P03366 69 ? 167 ? 1   99  
2 1 1EC3 B 1 ? 99 ? P03366 69 ? 167 ? 101 199 
# 
_pdbx_struct_assembly.id                   1 
_pdbx_struct_assembly.details              author_and_software_defined_assembly 
_pdbx_struct_assembly.method_details       PISA 
_pdbx_struct_assembly.oligomeric_details   dimeric 
_pdbx_struct_assembly.oligomeric_count     2 
# 
loop_
_pdbx_struct_assembly_prop.biol_id 
_pdbx_struct_assembly_prop.type 
_pdbx_struct_assembly_prop.value 
_pdbx_struct_assembly_prop.details 
1 'ABSA (A^2)' 5310 ? 
1 MORE         -37  ? 
1 'SSA (A^2)'  9020 ? 
# 
_pdbx_struct_assembly_gen.assembly_id       1 
_pdbx_struct_assembly_gen.oper_expression   1 
_pdbx_struct_assembly_gen.asym_id_list      A,B,C,D,E 
# 
_pdbx_struct_oper_list.id                   1 
_pdbx_struct_oper_list.type                 'identity operation' 
_pdbx_struct_oper_list.name                 1_555 
_pdbx_struct_oper_list.symmetry_operation   x,y,z 
_pdbx_struct_oper_list.matrix[1][1]         1.0000000000 
_pdbx_struct_oper_list.matrix[1][2]         0.0000000000 
_pdbx_struct_oper_list.matrix[1][3]         0.0000000000 
_pdbx_struct_oper_list.vector[1]            0.0000000000 
_pdbx_struct_oper_list.matrix[2][1]         0.0000000000 
_pdbx_struct_oper_list.matrix[2][2]         1.0000000000 
_pdbx_struct_oper_list.matrix[2][3]         0.0000000000 
_pdbx_struct_oper_list.vector[2]            0.0000000000 
_pdbx_struct_oper_list.matrix[3][1]         0.0000000000 
_pdbx_struct_oper_list.matrix[3][2]         0.0000000000 
_pdbx_struct_oper_list.matrix[3][3]         1.0000000000 
_pdbx_struct_oper_list.vector[3]            0.0000000000 
# 
_struct_biol.id                    1 
_struct_biol.details               ? 
_struct_biol.pdbx_parent_biol_id   ? 
# 
loop_
_struct_conf.conf_type_id 
_struct_conf.id 
_struct_conf.pdbx_PDB_helix_id 
_struct_conf.beg_label_comp_id 
_struct_conf.beg_label_asym_id 
_struct_conf.beg_label_seq_id 
_struct_conf.pdbx_beg_PDB_ins_code 
_struct_conf.end_label_comp_id 
_struct_conf.end_label_asym_id 
_struct_conf.end_label_seq_id 
_struct_conf.pdbx_end_PDB_ins_code 
_struct_conf.beg_auth_comp_id 
_struct_conf.beg_auth_asym_id 
_struct_conf.beg_auth_seq_id 
_struct_conf.end_auth_comp_id 
_struct_conf.end_auth_asym_id 
_struct_conf.end_auth_seq_id 
_struct_conf.pdbx_PDB_helix_class 
_struct_conf.details 
_struct_conf.pdbx_PDB_helix_length 
HELX_P HELX_P1 1 GLY A 86 ? THR A 91 ? GLY A 86  THR A 91  1 ? 6 
HELX_P HELX_P2 2 GLN A 92 ? GLY A 94 ? GLN A 92  GLY A 94  5 ? 3 
HELX_P HELX_P3 3 GLY B 86 ? THR B 91 ? GLY B 186 THR B 191 1 ? 6 
# 
_struct_conf_type.id          HELX_P 
_struct_conf_type.criteria    ? 
_struct_conf_type.reference   ? 
# 
loop_
_struct_sheet.id 
_struct_sheet.type 
_struct_sheet.number_strands 
_struct_sheet.details 
A ? 4 ? 
B ? 8 ? 
C ? 8 ? 
# 
loop_
_struct_sheet_order.sheet_id 
_struct_sheet_order.range_id_1 
_struct_sheet_order.range_id_2 
_struct_sheet_order.offset 
_struct_sheet_order.sense 
A 1 2 ? anti-parallel 
A 2 3 ? anti-parallel 
A 3 4 ? anti-parallel 
B 1 2 ? anti-parallel 
B 2 3 ? anti-parallel 
B 3 4 ? anti-parallel 
B 4 5 ? parallel      
B 5 6 ? anti-parallel 
B 6 7 ? parallel      
B 7 8 ? anti-parallel 
C 1 2 ? anti-parallel 
C 2 3 ? anti-parallel 
C 3 4 ? anti-parallel 
C 4 5 ? parallel      
C 5 6 ? anti-parallel 
C 6 7 ? parallel      
C 7 8 ? anti-parallel 
# 
loop_
_struct_sheet_range.sheet_id 
_struct_sheet_range.id 
_struct_sheet_range.beg_label_comp_id 
_struct_sheet_range.beg_label_asym_id 
_struct_sheet_range.beg_label_seq_id 
_struct_sheet_range.pdbx_beg_PDB_ins_code 
_struct_sheet_range.end_label_comp_id 
_struct_sheet_range.end_label_asym_id 
_struct_sheet_range.end_label_seq_id 
_struct_sheet_range.pdbx_end_PDB_ins_code 
_struct_sheet_range.beg_auth_comp_id 
_struct_sheet_range.beg_auth_asym_id 
_struct_sheet_range.beg_auth_seq_id 
_struct_sheet_range.end_auth_comp_id 
_struct_sheet_range.end_auth_asym_id 
_struct_sheet_range.end_auth_seq_id 
A 1 GLN A 2  ? ILE A 3  ? GLN A 2   ILE A 3   
A 2 THR B 96 ? ASN B 98 ? THR B 196 ASN B 198 
A 3 THR A 96 ? ASN A 98 ? THR A 96  ASN A 98  
A 4 GLN B 2  ? ILE B 3  ? GLN B 102 ILE B 103 
B 1 LYS A 43 ? GLY A 49 ? LYS A 43  GLY A 49  
B 2 GLY A 52 ? ILE A 66 ? GLY A 52  ILE A 66  
B 3 LEU A 10 ? ILE A 15 ? LEU A 10  ILE A 15  
B 4 GLN A 18 ? LEU A 24 ? GLN A 18  LEU A 24  
B 5 ILE A 84 ? ILE A 85 ? ILE A 84  ILE A 85  
B 6 VAL A 32 ? LEU A 33 ? VAL A 32  LEU A 33  
B 7 HIS A 69 ? VAL A 77 ? HIS A 69  VAL A 77  
B 8 GLY A 52 ? ILE A 66 ? GLY A 52  ILE A 66  
C 1 LYS B 43 ? GLY B 49 ? LYS B 143 GLY B 149 
C 2 GLY B 52 ? ILE B 66 ? GLY B 152 ILE B 166 
C 3 LEU B 10 ? ILE B 15 ? LEU B 110 ILE B 115 
C 4 GLN B 18 ? LEU B 24 ? GLN B 118 LEU B 124 
C 5 ILE B 84 ? ILE B 85 ? ILE B 184 ILE B 185 
C 6 VAL B 32 ? LEU B 33 ? VAL B 132 LEU B 133 
C 7 HIS B 69 ? VAL B 77 ? HIS B 169 VAL B 177 
C 8 GLY B 52 ? ILE B 66 ? GLY B 152 ILE B 166 
# 
loop_
_pdbx_struct_sheet_hbond.sheet_id 
_pdbx_struct_sheet_hbond.range_id_1 
_pdbx_struct_sheet_hbond.range_id_2 
_pdbx_struct_sheet_hbond.range_1_label_atom_id 
_pdbx_struct_sheet_hbond.range_1_label_comp_id 
_pdbx_struct_sheet_hbond.range_1_label_asym_id 
_pdbx_struct_sheet_hbond.range_1_label_seq_id 
_pdbx_struct_sheet_hbond.range_1_PDB_ins_code 
_pdbx_struct_sheet_hbond.range_1_auth_atom_id 
_pdbx_struct_sheet_hbond.range_1_auth_comp_id 
_pdbx_struct_sheet_hbond.range_1_auth_asym_id 
_pdbx_struct_sheet_hbond.range_1_auth_seq_id 
_pdbx_struct_sheet_hbond.range_2_label_atom_id 
_pdbx_struct_sheet_hbond.range_2_label_comp_id 
_pdbx_struct_sheet_hbond.range_2_label_asym_id 
_pdbx_struct_sheet_hbond.range_2_label_seq_id 
_pdbx_struct_sheet_hbond.range_2_PDB_ins_code 
_pdbx_struct_sheet_hbond.range_2_auth_atom_id 
_pdbx_struct_sheet_hbond.range_2_auth_comp_id 
_pdbx_struct_sheet_hbond.range_2_auth_asym_id 
_pdbx_struct_sheet_hbond.range_2_auth_seq_id 
A 1 2 N ILE A 3  ? N ILE A 3   O LEU B 97 ? O LEU B 197 
A 2 3 O ASN B 98 ? O ASN B 198 N THR A 96 ? N THR A 96  
A 3 4 O LEU A 97 ? O LEU A 97  N ILE B 3  ? N ILE B 103 
B 1 2 N GLY A 49 ? N GLY A 49  O GLY A 52 ? O GLY A 52  
B 2 3 N GLU A 65 ? N GLU A 65  O LYS A 14 ? O LYS A 14  
B 3 4 N ILE A 15 ? N ILE A 15  O GLN A 18 ? O GLN A 18  
B 4 5 O LEU A 23 ? O LEU A 23  N ILE A 85 ? N ILE A 85  
B 5 6 N ILE A 84 ? N ILE A 84  O VAL A 32 ? O VAL A 32  
B 6 7 N LEU A 33 ? N LEU A 33  O LEU A 76 ? O LEU A 76  
B 7 8 O VAL A 77 ? O VAL A 77  N ARG A 57 ? N ARG A 57  
C 1 2 N GLY B 49 ? N GLY B 149 O GLY B 52 ? O GLY B 152 
C 2 3 N GLU B 65 ? N GLU B 165 O LYS B 14 ? O LYS B 114 
C 3 4 N ILE B 15 ? N ILE B 115 O GLN B 18 ? O GLN B 118 
C 4 5 O LEU B 23 ? O LEU B 123 N ILE B 85 ? N ILE B 185 
C 5 6 N ILE B 84 ? N ILE B 184 O VAL B 32 ? O VAL B 132 
C 6 7 N LEU B 33 ? N LEU B 133 O LEU B 76 ? O LEU B 176 
C 7 8 O VAL B 77 ? O VAL B 177 N ARG B 57 ? N ARG B 157 
# 
_struct_site.id                   AC1 
_struct_site.pdbx_evidence_code   Software 
_struct_site.pdbx_auth_asym_id    A 
_struct_site.pdbx_auth_comp_id    MS3 
_struct_site.pdbx_auth_seq_id     501 
_struct_site.pdbx_auth_ins_code   ? 
_struct_site.pdbx_num_residues    25 
_struct_site.details              'BINDING SITE FOR RESIDUE MS3 A 501' 
# 
loop_
_struct_site_gen.id 
_struct_site_gen.site_id 
_struct_site_gen.pdbx_num_res 
_struct_site_gen.label_comp_id 
_struct_site_gen.label_asym_id 
_struct_site_gen.label_seq_id 
_struct_site_gen.pdbx_auth_ins_code 
_struct_site_gen.auth_comp_id 
_struct_site_gen.auth_asym_id 
_struct_site_gen.auth_seq_id 
_struct_site_gen.label_atom_id 
_struct_site_gen.label_alt_id 
_struct_site_gen.symmetry 
_struct_site_gen.details 
1  AC1 25 ARG A 8  ? ARG A 8   . ? 1_555 ? 
2  AC1 25 ASP A 25 ? ASP A 25  . ? 1_555 ? 
3  AC1 25 GLY A 27 ? GLY A 27  . ? 1_555 ? 
4  AC1 25 ALA A 28 ? ALA A 28  . ? 1_555 ? 
5  AC1 25 ASP A 29 ? ASP A 29  . ? 1_555 ? 
6  AC1 25 GLY A 48 ? GLY A 48  . ? 1_555 ? 
7  AC1 25 GLY A 49 ? GLY A 49  . ? 1_555 ? 
8  AC1 25 ILE A 50 ? ILE A 50  . ? 1_555 ? 
9  AC1 25 PRO A 81 ? PRO A 81  . ? 1_555 ? 
10 AC1 25 VAL A 82 ? VAL A 82  . ? 1_555 ? 
11 AC1 25 ILE A 84 ? ILE A 84  . ? 1_555 ? 
12 AC1 25 HOH D .  ? HOH A 611 . ? 1_555 ? 
13 AC1 25 HOH D .  ? HOH A 622 . ? 1_555 ? 
14 AC1 25 ARG B 8  ? ARG B 108 . ? 1_555 ? 
15 AC1 25 LEU B 23 ? LEU B 123 . ? 1_555 ? 
16 AC1 25 ASP B 25 ? ASP B 125 . ? 1_555 ? 
17 AC1 25 GLY B 27 ? GLY B 127 . ? 1_555 ? 
18 AC1 25 ALA B 28 ? ALA B 128 . ? 1_555 ? 
19 AC1 25 ASP B 29 ? ASP B 129 . ? 1_555 ? 
20 AC1 25 GLY B 48 ? GLY B 148 . ? 1_555 ? 
21 AC1 25 GLY B 49 ? GLY B 149 . ? 1_555 ? 
22 AC1 25 ILE B 50 ? ILE B 150 . ? 1_555 ? 
23 AC1 25 PRO B 81 ? PRO B 181 . ? 1_555 ? 
24 AC1 25 VAL B 82 ? VAL B 182 . ? 1_555 ? 
25 AC1 25 ILE B 84 ? ILE B 184 . ? 1_555 ? 
# 
_pdbx_validate_close_contact.id               1 
_pdbx_validate_close_contact.PDB_model_num    1 
_pdbx_validate_close_contact.auth_atom_id_1   O 
_pdbx_validate_close_contact.auth_asym_id_1   B 
_pdbx_validate_close_contact.auth_comp_id_1   HOH 
_pdbx_validate_close_contact.auth_seq_id_1    713 
_pdbx_validate_close_contact.PDB_ins_code_1   ? 
_pdbx_validate_close_contact.label_alt_id_1   ? 
_pdbx_validate_close_contact.auth_atom_id_2   O 
_pdbx_validate_close_contact.auth_asym_id_2   B 
_pdbx_validate_close_contact.auth_comp_id_2   HOH 
_pdbx_validate_close_contact.auth_seq_id_2    723 
_pdbx_validate_close_contact.PDB_ins_code_2   ? 
_pdbx_validate_close_contact.label_alt_id_2   ? 
_pdbx_validate_close_contact.dist             2.02 
# 
_pdbx_validate_torsion.id              1 
_pdbx_validate_torsion.PDB_model_num   1 
_pdbx_validate_torsion.auth_comp_id    PRO 
_pdbx_validate_torsion.auth_asym_id    B 
_pdbx_validate_torsion.auth_seq_id     179 
_pdbx_validate_torsion.PDB_ins_code    ? 
_pdbx_validate_torsion.label_alt_id    ? 
_pdbx_validate_torsion.phi             -66.70 
_pdbx_validate_torsion.psi             63.38 
# 
loop_
_chem_comp_atom.comp_id 
_chem_comp_atom.atom_id 
_chem_comp_atom.type_symbol 
_chem_comp_atom.pdbx_aromatic_flag 
_chem_comp_atom.pdbx_stereo_config 
_chem_comp_atom.pdbx_ordinal 
ALA N    N N N 1   
ALA CA   C N S 2   
ALA C    C N N 3   
ALA O    O N N 4   
ALA CB   C N N 5   
ALA OXT  O N N 6   
ALA H    H N N 7   
ALA H2   H N N 8   
ALA HA   H N N 9   
ALA HB1  H N N 10  
ALA HB2  H N N 11  
ALA HB3  H N N 12  
ALA HXT  H N N 13  
ARG N    N N N 14  
ARG CA   C N S 15  
ARG C    C N N 16  
ARG O    O N N 17  
ARG CB   C N N 18  
ARG CG   C N N 19  
ARG CD   C N N 20  
ARG NE   N N N 21  
ARG CZ   C N N 22  
ARG NH1  N N N 23  
ARG NH2  N N N 24  
ARG OXT  O N N 25  
ARG H    H N N 26  
ARG H2   H N N 27  
ARG HA   H N N 28  
ARG HB2  H N N 29  
ARG HB3  H N N 30  
ARG HG2  H N N 31  
ARG HG3  H N N 32  
ARG HD2  H N N 33  
ARG HD3  H N N 34  
ARG HE   H N N 35  
ARG HH11 H N N 36  
ARG HH12 H N N 37  
ARG HH21 H N N 38  
ARG HH22 H N N 39  
ARG HXT  H N N 40  
ASN N    N N N 41  
ASN CA   C N S 42  
ASN C    C N N 43  
ASN O    O N N 44  
ASN CB   C N N 45  
ASN CG   C N N 46  
ASN OD1  O N N 47  
ASN ND2  N N N 48  
ASN OXT  O N N 49  
ASN H    H N N 50  
ASN H2   H N N 51  
ASN HA   H N N 52  
ASN HB2  H N N 53  
ASN HB3  H N N 54  
ASN HD21 H N N 55  
ASN HD22 H N N 56  
ASN HXT  H N N 57  
ASP N    N N N 58  
ASP CA   C N S 59  
ASP C    C N N 60  
ASP O    O N N 61  
ASP CB   C N N 62  
ASP CG   C N N 63  
ASP OD1  O N N 64  
ASP OD2  O N N 65  
ASP OXT  O N N 66  
ASP H    H N N 67  
ASP H2   H N N 68  
ASP HA   H N N 69  
ASP HB2  H N N 70  
ASP HB3  H N N 71  
ASP HD2  H N N 72  
ASP HXT  H N N 73  
CYS N    N N N 74  
CYS CA   C N R 75  
CYS C    C N N 76  
CYS O    O N N 77  
CYS CB   C N N 78  
CYS SG   S N N 79  
CYS OXT  O N N 80  
CYS H    H N N 81  
CYS H2   H N N 82  
CYS HA   H N N 83  
CYS HB2  H N N 84  
CYS HB3  H N N 85  
CYS HG   H N N 86  
CYS HXT  H N N 87  
GLN N    N N N 88  
GLN CA   C N S 89  
GLN C    C N N 90  
GLN O    O N N 91  
GLN CB   C N N 92  
GLN CG   C N N 93  
GLN CD   C N N 94  
GLN OE1  O N N 95  
GLN NE2  N N N 96  
GLN OXT  O N N 97  
GLN H    H N N 98  
GLN H2   H N N 99  
GLN HA   H N N 100 
GLN HB2  H N N 101 
GLN HB3  H N N 102 
GLN HG2  H N N 103 
GLN HG3  H N N 104 
GLN HE21 H N N 105 
GLN HE22 H N N 106 
GLN HXT  H N N 107 
GLU N    N N N 108 
GLU CA   C N S 109 
GLU C    C N N 110 
GLU O    O N N 111 
GLU CB   C N N 112 
GLU CG   C N N 113 
GLU CD   C N N 114 
GLU OE1  O N N 115 
GLU OE2  O N N 116 
GLU OXT  O N N 117 
GLU H    H N N 118 
GLU H2   H N N 119 
GLU HA   H N N 120 
GLU HB2  H N N 121 
GLU HB3  H N N 122 
GLU HG2  H N N 123 
GLU HG3  H N N 124 
GLU HE2  H N N 125 
GLU HXT  H N N 126 
GLY N    N N N 127 
GLY CA   C N N 128 
GLY C    C N N 129 
GLY O    O N N 130 
GLY OXT  O N N 131 
GLY H    H N N 132 
GLY H2   H N N 133 
GLY HA2  H N N 134 
GLY HA3  H N N 135 
GLY HXT  H N N 136 
HIS N    N N N 137 
HIS CA   C N S 138 
HIS C    C N N 139 
HIS O    O N N 140 
HIS CB   C N N 141 
HIS CG   C Y N 142 
HIS ND1  N Y N 143 
HIS CD2  C Y N 144 
HIS CE1  C Y N 145 
HIS NE2  N Y N 146 
HIS OXT  O N N 147 
HIS H    H N N 148 
HIS H2   H N N 149 
HIS HA   H N N 150 
HIS HB2  H N N 151 
HIS HB3  H N N 152 
HIS HD1  H N N 153 
HIS HD2  H N N 154 
HIS HE1  H N N 155 
HIS HE2  H N N 156 
HIS HXT  H N N 157 
HOH O    O N N 158 
HOH H1   H N N 159 
HOH H2   H N N 160 
ILE N    N N N 161 
ILE CA   C N S 162 
ILE C    C N N 163 
ILE O    O N N 164 
ILE CB   C N S 165 
ILE CG1  C N N 166 
ILE CG2  C N N 167 
ILE CD1  C N N 168 
ILE OXT  O N N 169 
ILE H    H N N 170 
ILE H2   H N N 171 
ILE HA   H N N 172 
ILE HB   H N N 173 
ILE HG12 H N N 174 
ILE HG13 H N N 175 
ILE HG21 H N N 176 
ILE HG22 H N N 177 
ILE HG23 H N N 178 
ILE HD11 H N N 179 
ILE HD12 H N N 180 
ILE HD13 H N N 181 
ILE HXT  H N N 182 
LEU N    N N N 183 
LEU CA   C N S 184 
LEU C    C N N 185 
LEU O    O N N 186 
LEU CB   C N N 187 
LEU CG   C N N 188 
LEU CD1  C N N 189 
LEU CD2  C N N 190 
LEU OXT  O N N 191 
LEU H    H N N 192 
LEU H2   H N N 193 
LEU HA   H N N 194 
LEU HB2  H N N 195 
LEU HB3  H N N 196 
LEU HG   H N N 197 
LEU HD11 H N N 198 
LEU HD12 H N N 199 
LEU HD13 H N N 200 
LEU HD21 H N N 201 
LEU HD22 H N N 202 
LEU HD23 H N N 203 
LEU HXT  H N N 204 
LYS N    N N N 205 
LYS CA   C N S 206 
LYS C    C N N 207 
LYS O    O N N 208 
LYS CB   C N N 209 
LYS CG   C N N 210 
LYS CD   C N N 211 
LYS CE   C N N 212 
LYS NZ   N N N 213 
LYS OXT  O N N 214 
LYS H    H N N 215 
LYS H2   H N N 216 
LYS HA   H N N 217 
LYS HB2  H N N 218 
LYS HB3  H N N 219 
LYS HG2  H N N 220 
LYS HG3  H N N 221 
LYS HD2  H N N 222 
LYS HD3  H N N 223 
LYS HE2  H N N 224 
LYS HE3  H N N 225 
LYS HZ1  H N N 226 
LYS HZ2  H N N 227 
LYS HZ3  H N N 228 
LYS HXT  H N N 229 
MET N    N N N 230 
MET CA   C N S 231 
MET C    C N N 232 
MET O    O N N 233 
MET CB   C N N 234 
MET CG   C N N 235 
MET SD   S N N 236 
MET CE   C N N 237 
MET OXT  O N N 238 
MET H    H N N 239 
MET H2   H N N 240 
MET HA   H N N 241 
MET HB2  H N N 242 
MET HB3  H N N 243 
MET HG2  H N N 244 
MET HG3  H N N 245 
MET HE1  H N N 246 
MET HE2  H N N 247 
MET HE3  H N N 248 
MET HXT  H N N 249 
MS3 C01  C Y N 250 
MS3 C02  C Y N 251 
MS3 C03  C Y N 252 
MS3 C04  C Y N 253 
MS3 C05  C Y N 254 
MS3 C06  C Y N 255 
MS3 C07  C Y N 256 
MS3 C08  C Y N 257 
MS3 C09  C Y N 258 
MS3 C10  C Y N 259 
MS3 C11  C Y N 260 
MS3 C12  C Y N 261 
MS3 C13  C N N 262 
MS3 O14  O N N 263 
MS3 C15  C N R 264 
MS3 C16  C N R 265 
MS3 C17  C N R 266 
MS3 C18  C N R 267 
MS3 C19  C N N 268 
MS3 O20  O N N 269 
MS3 N21  N N N 270 
MS3 C22  C N S 271 
MS3 C23  C N N 272 
MS3 C24  C N N 273 
MS3 C25  C N N 274 
MS3 C26  C N N 275 
MS3 O27  O N N 276 
MS3 N28  N N N 277 
MS3 C29  C N N 278 
MS3 O30  O N N 279 
MS3 C31  C N N 280 
MS3 O32  O N N 281 
MS3 O33  O N N 282 
MS3 C34  C N N 283 
MS3 O35  O N N 284 
MS3 N36  N N N 285 
MS3 C37  C N S 286 
MS3 C38  C N N 287 
MS3 C39  C N N 288 
MS3 C40  C N N 289 
MS3 C41  C N N 290 
MS3 O42  O N N 291 
MS3 N43  N N N 292 
MS3 C44  C N N 293 
MS3 C45  C Y N 294 
MS3 C46  C Y N 295 
MS3 C47  C Y N 296 
MS3 C48  C Y N 297 
MS3 C49  C Y N 298 
MS3 N50  N Y N 299 
MS3 C51  C Y N 300 
MS3 C52  C Y N 301 
MS3 C53  C Y N 302 
MS3 C54  C Y N 303 
MS3 C55  C Y N 304 
MS3 N56  N Y N 305 
MS3 H2   H N N 306 
MS3 H3   H N N 307 
MS3 H4   H N N 308 
MS3 H5   H N N 309 
MS3 H6   H N N 310 
MS3 H8   H N N 311 
MS3 H9   H N N 312 
MS3 H10  H N N 313 
MS3 H11  H N N 314 
MS3 H12  H N N 315 
MS3 H131 H N N 316 
MS3 H132 H N N 317 
MS3 H15  H N N 318 
MS3 H16  H N N 319 
MS3 H17  H N N 320 
MS3 H18  H N N 321 
MS3 H21  H N N 322 
MS3 H22  H N N 323 
MS3 H23  H N N 324 
MS3 H241 H N N 325 
MS3 H242 H N N 326 
MS3 H243 H N N 327 
MS3 H251 H N N 328 
MS3 H252 H N N 329 
MS3 H253 H N N 330 
MS3 H28  H N N 331 
MS3 H291 H N N 332 
MS3 H292 H N N 333 
MS3 H311 H N N 334 
MS3 H312 H N N 335 
MS3 H32  H N N 336 
MS3 H33  H N N 337 
MS3 H36  H N N 338 
MS3 H37  H N N 339 
MS3 H38  H N N 340 
MS3 H391 H N N 341 
MS3 H392 H N N 342 
MS3 H393 H N N 343 
MS3 H401 H N N 344 
MS3 H402 H N N 345 
MS3 H403 H N N 346 
MS3 H43  H N N 347 
MS3 H441 H N N 348 
MS3 H442 H N N 349 
MS3 H46  H N N 350 
MS3 H47  H N N 351 
MS3 H48  H N N 352 
MS3 H49  H N N 353 
MS3 H52  H N N 354 
MS3 H53  H N N 355 
MS3 H54  H N N 356 
MS3 H55  H N N 357 
PHE N    N N N 358 
PHE CA   C N S 359 
PHE C    C N N 360 
PHE O    O N N 361 
PHE CB   C N N 362 
PHE CG   C Y N 363 
PHE CD1  C Y N 364 
PHE CD2  C Y N 365 
PHE CE1  C Y N 366 
PHE CE2  C Y N 367 
PHE CZ   C Y N 368 
PHE OXT  O N N 369 
PHE H    H N N 370 
PHE H2   H N N 371 
PHE HA   H N N 372 
PHE HB2  H N N 373 
PHE HB3  H N N 374 
PHE HD1  H N N 375 
PHE HD2  H N N 376 
PHE HE1  H N N 377 
PHE HE2  H N N 378 
PHE HZ   H N N 379 
PHE HXT  H N N 380 
PRO N    N N N 381 
PRO CA   C N S 382 
PRO C    C N N 383 
PRO O    O N N 384 
PRO CB   C N N 385 
PRO CG   C N N 386 
PRO CD   C N N 387 
PRO OXT  O N N 388 
PRO H    H N N 389 
PRO HA   H N N 390 
PRO HB2  H N N 391 
PRO HB3  H N N 392 
PRO HG2  H N N 393 
PRO HG3  H N N 394 
PRO HD2  H N N 395 
PRO HD3  H N N 396 
PRO HXT  H N N 397 
SER N    N N N 398 
SER CA   C N S 399 
SER C    C N N 400 
SER O    O N N 401 
SER CB   C N N 402 
SER OG   O N N 403 
SER OXT  O N N 404 
SER H    H N N 405 
SER H2   H N N 406 
SER HA   H N N 407 
SER HB2  H N N 408 
SER HB3  H N N 409 
SER HG   H N N 410 
SER HXT  H N N 411 
THR N    N N N 412 
THR CA   C N S 413 
THR C    C N N 414 
THR O    O N N 415 
THR CB   C N R 416 
THR OG1  O N N 417 
THR CG2  C N N 418 
THR OXT  O N N 419 
THR H    H N N 420 
THR H2   H N N 421 
THR HA   H N N 422 
THR HB   H N N 423 
THR HG1  H N N 424 
THR HG21 H N N 425 
THR HG22 H N N 426 
THR HG23 H N N 427 
THR HXT  H N N 428 
TRP N    N N N 429 
TRP CA   C N S 430 
TRP C    C N N 431 
TRP O    O N N 432 
TRP CB   C N N 433 
TRP CG   C Y N 434 
TRP CD1  C Y N 435 
TRP CD2  C Y N 436 
TRP NE1  N Y N 437 
TRP CE2  C Y N 438 
TRP CE3  C Y N 439 
TRP CZ2  C Y N 440 
TRP CZ3  C Y N 441 
TRP CH2  C Y N 442 
TRP OXT  O N N 443 
TRP H    H N N 444 
TRP H2   H N N 445 
TRP HA   H N N 446 
TRP HB2  H N N 447 
TRP HB3  H N N 448 
TRP HD1  H N N 449 
TRP HE1  H N N 450 
TRP HE3  H N N 451 
TRP HZ2  H N N 452 
TRP HZ3  H N N 453 
TRP HH2  H N N 454 
TRP HXT  H N N 455 
TYR N    N N N 456 
TYR CA   C N S 457 
TYR C    C N N 458 
TYR O    O N N 459 
TYR CB   C N N 460 
TYR CG   C Y N 461 
TYR CD1  C Y N 462 
TYR CD2  C Y N 463 
TYR CE1  C Y N 464 
TYR CE2  C Y N 465 
TYR CZ   C Y N 466 
TYR OH   O N N 467 
TYR OXT  O N N 468 
TYR H    H N N 469 
TYR H2   H N N 470 
TYR HA   H N N 471 
TYR HB2  H N N 472 
TYR HB3  H N N 473 
TYR HD1  H N N 474 
TYR HD2  H N N 475 
TYR HE1  H N N 476 
TYR HE2  H N N 477 
TYR HH   H N N 478 
TYR HXT  H N N 479 
VAL N    N N N 480 
VAL CA   C N S 481 
VAL C    C N N 482 
VAL O    O N N 483 
VAL CB   C N N 484 
VAL CG1  C N N 485 
VAL CG2  C N N 486 
VAL OXT  O N N 487 
VAL H    H N N 488 
VAL H2   H N N 489 
VAL HA   H N N 490 
VAL HB   H N N 491 
VAL HG11 H N N 492 
VAL HG12 H N N 493 
VAL HG13 H N N 494 
VAL HG21 H N N 495 
VAL HG22 H N N 496 
VAL HG23 H N N 497 
VAL HXT  H N N 498 
# 
loop_
_chem_comp_bond.comp_id 
_chem_comp_bond.atom_id_1 
_chem_comp_bond.atom_id_2 
_chem_comp_bond.value_order 
_chem_comp_bond.pdbx_aromatic_flag 
_chem_comp_bond.pdbx_stereo_config 
_chem_comp_bond.pdbx_ordinal 
ALA N   CA   sing N N 1   
ALA N   H    sing N N 2   
ALA N   H2   sing N N 3   
ALA CA  C    sing N N 4   
ALA CA  CB   sing N N 5   
ALA CA  HA   sing N N 6   
ALA C   O    doub N N 7   
ALA C   OXT  sing N N 8   
ALA CB  HB1  sing N N 9   
ALA CB  HB2  sing N N 10  
ALA CB  HB3  sing N N 11  
ALA OXT HXT  sing N N 12  
ARG N   CA   sing N N 13  
ARG N   H    sing N N 14  
ARG N   H2   sing N N 15  
ARG CA  C    sing N N 16  
ARG CA  CB   sing N N 17  
ARG CA  HA   sing N N 18  
ARG C   O    doub N N 19  
ARG C   OXT  sing N N 20  
ARG CB  CG   sing N N 21  
ARG CB  HB2  sing N N 22  
ARG CB  HB3  sing N N 23  
ARG CG  CD   sing N N 24  
ARG CG  HG2  sing N N 25  
ARG CG  HG3  sing N N 26  
ARG CD  NE   sing N N 27  
ARG CD  HD2  sing N N 28  
ARG CD  HD3  sing N N 29  
ARG NE  CZ   sing N N 30  
ARG NE  HE   sing N N 31  
ARG CZ  NH1  sing N N 32  
ARG CZ  NH2  doub N N 33  
ARG NH1 HH11 sing N N 34  
ARG NH1 HH12 sing N N 35  
ARG NH2 HH21 sing N N 36  
ARG NH2 HH22 sing N N 37  
ARG OXT HXT  sing N N 38  
ASN N   CA   sing N N 39  
ASN N   H    sing N N 40  
ASN N   H2   sing N N 41  
ASN CA  C    sing N N 42  
ASN CA  CB   sing N N 43  
ASN CA  HA   sing N N 44  
ASN C   O    doub N N 45  
ASN C   OXT  sing N N 46  
ASN CB  CG   sing N N 47  
ASN CB  HB2  sing N N 48  
ASN CB  HB3  sing N N 49  
ASN CG  OD1  doub N N 50  
ASN CG  ND2  sing N N 51  
ASN ND2 HD21 sing N N 52  
ASN ND2 HD22 sing N N 53  
ASN OXT HXT  sing N N 54  
ASP N   CA   sing N N 55  
ASP N   H    sing N N 56  
ASP N   H2   sing N N 57  
ASP CA  C    sing N N 58  
ASP CA  CB   sing N N 59  
ASP CA  HA   sing N N 60  
ASP C   O    doub N N 61  
ASP C   OXT  sing N N 62  
ASP CB  CG   sing N N 63  
ASP CB  HB2  sing N N 64  
ASP CB  HB3  sing N N 65  
ASP CG  OD1  doub N N 66  
ASP CG  OD2  sing N N 67  
ASP OD2 HD2  sing N N 68  
ASP OXT HXT  sing N N 69  
CYS N   CA   sing N N 70  
CYS N   H    sing N N 71  
CYS N   H2   sing N N 72  
CYS CA  C    sing N N 73  
CYS CA  CB   sing N N 74  
CYS CA  HA   sing N N 75  
CYS C   O    doub N N 76  
CYS C   OXT  sing N N 77  
CYS CB  SG   sing N N 78  
CYS CB  HB2  sing N N 79  
CYS CB  HB3  sing N N 80  
CYS SG  HG   sing N N 81  
CYS OXT HXT  sing N N 82  
GLN N   CA   sing N N 83  
GLN N   H    sing N N 84  
GLN N   H2   sing N N 85  
GLN CA  C    sing N N 86  
GLN CA  CB   sing N N 87  
GLN CA  HA   sing N N 88  
GLN C   O    doub N N 89  
GLN C   OXT  sing N N 90  
GLN CB  CG   sing N N 91  
GLN CB  HB2  sing N N 92  
GLN CB  HB3  sing N N 93  
GLN CG  CD   sing N N 94  
GLN CG  HG2  sing N N 95  
GLN CG  HG3  sing N N 96  
GLN CD  OE1  doub N N 97  
GLN CD  NE2  sing N N 98  
GLN NE2 HE21 sing N N 99  
GLN NE2 HE22 sing N N 100 
GLN OXT HXT  sing N N 101 
GLU N   CA   sing N N 102 
GLU N   H    sing N N 103 
GLU N   H2   sing N N 104 
GLU CA  C    sing N N 105 
GLU CA  CB   sing N N 106 
GLU CA  HA   sing N N 107 
GLU C   O    doub N N 108 
GLU C   OXT  sing N N 109 
GLU CB  CG   sing N N 110 
GLU CB  HB2  sing N N 111 
GLU CB  HB3  sing N N 112 
GLU CG  CD   sing N N 113 
GLU CG  HG2  sing N N 114 
GLU CG  HG3  sing N N 115 
GLU CD  OE1  doub N N 116 
GLU CD  OE2  sing N N 117 
GLU OE2 HE2  sing N N 118 
GLU OXT HXT  sing N N 119 
GLY N   CA   sing N N 120 
GLY N   H    sing N N 121 
GLY N   H2   sing N N 122 
GLY CA  C    sing N N 123 
GLY CA  HA2  sing N N 124 
GLY CA  HA3  sing N N 125 
GLY C   O    doub N N 126 
GLY C   OXT  sing N N 127 
GLY OXT HXT  sing N N 128 
HIS N   CA   sing N N 129 
HIS N   H    sing N N 130 
HIS N   H2   sing N N 131 
HIS CA  C    sing N N 132 
HIS CA  CB   sing N N 133 
HIS CA  HA   sing N N 134 
HIS C   O    doub N N 135 
HIS C   OXT  sing N N 136 
HIS CB  CG   sing N N 137 
HIS CB  HB2  sing N N 138 
HIS CB  HB3  sing N N 139 
HIS CG  ND1  sing Y N 140 
HIS CG  CD2  doub Y N 141 
HIS ND1 CE1  doub Y N 142 
HIS ND1 HD1  sing N N 143 
HIS CD2 NE2  sing Y N 144 
HIS CD2 HD2  sing N N 145 
HIS CE1 NE2  sing Y N 146 
HIS CE1 HE1  sing N N 147 
HIS NE2 HE2  sing N N 148 
HIS OXT HXT  sing N N 149 
HOH O   H1   sing N N 150 
HOH O   H2   sing N N 151 
ILE N   CA   sing N N 152 
ILE N   H    sing N N 153 
ILE N   H2   sing N N 154 
ILE CA  C    sing N N 155 
ILE CA  CB   sing N N 156 
ILE CA  HA   sing N N 157 
ILE C   O    doub N N 158 
ILE C   OXT  sing N N 159 
ILE CB  CG1  sing N N 160 
ILE CB  CG2  sing N N 161 
ILE CB  HB   sing N N 162 
ILE CG1 CD1  sing N N 163 
ILE CG1 HG12 sing N N 164 
ILE CG1 HG13 sing N N 165 
ILE CG2 HG21 sing N N 166 
ILE CG2 HG22 sing N N 167 
ILE CG2 HG23 sing N N 168 
ILE CD1 HD11 sing N N 169 
ILE CD1 HD12 sing N N 170 
ILE CD1 HD13 sing N N 171 
ILE OXT HXT  sing N N 172 
LEU N   CA   sing N N 173 
LEU N   H    sing N N 174 
LEU N   H2   sing N N 175 
LEU CA  C    sing N N 176 
LEU CA  CB   sing N N 177 
LEU CA  HA   sing N N 178 
LEU C   O    doub N N 179 
LEU C   OXT  sing N N 180 
LEU CB  CG   sing N N 181 
LEU CB  HB2  sing N N 182 
LEU CB  HB3  sing N N 183 
LEU CG  CD1  sing N N 184 
LEU CG  CD2  sing N N 185 
LEU CG  HG   sing N N 186 
LEU CD1 HD11 sing N N 187 
LEU CD1 HD12 sing N N 188 
LEU CD1 HD13 sing N N 189 
LEU CD2 HD21 sing N N 190 
LEU CD2 HD22 sing N N 191 
LEU CD2 HD23 sing N N 192 
LEU OXT HXT  sing N N 193 
LYS N   CA   sing N N 194 
LYS N   H    sing N N 195 
LYS N   H2   sing N N 196 
LYS CA  C    sing N N 197 
LYS CA  CB   sing N N 198 
LYS CA  HA   sing N N 199 
LYS C   O    doub N N 200 
LYS C   OXT  sing N N 201 
LYS CB  CG   sing N N 202 
LYS CB  HB2  sing N N 203 
LYS CB  HB3  sing N N 204 
LYS CG  CD   sing N N 205 
LYS CG  HG2  sing N N 206 
LYS CG  HG3  sing N N 207 
LYS CD  CE   sing N N 208 
LYS CD  HD2  sing N N 209 
LYS CD  HD3  sing N N 210 
LYS CE  NZ   sing N N 211 
LYS CE  HE2  sing N N 212 
LYS CE  HE3  sing N N 213 
LYS NZ  HZ1  sing N N 214 
LYS NZ  HZ2  sing N N 215 
LYS NZ  HZ3  sing N N 216 
LYS OXT HXT  sing N N 217 
MET N   CA   sing N N 218 
MET N   H    sing N N 219 
MET N   H2   sing N N 220 
MET CA  C    sing N N 221 
MET CA  CB   sing N N 222 
MET CA  HA   sing N N 223 
MET C   O    doub N N 224 
MET C   OXT  sing N N 225 
MET CB  CG   sing N N 226 
MET CB  HB2  sing N N 227 
MET CB  HB3  sing N N 228 
MET CG  SD   sing N N 229 
MET CG  HG2  sing N N 230 
MET CG  HG3  sing N N 231 
MET SD  CE   sing N N 232 
MET CE  HE1  sing N N 233 
MET CE  HE2  sing N N 234 
MET CE  HE3  sing N N 235 
MET OXT HXT  sing N N 236 
MS3 C01 C02  doub Y N 237 
MS3 C01 C06  sing Y N 238 
MS3 C01 C31  sing N N 239 
MS3 C02 C03  sing Y N 240 
MS3 C02 H2   sing N N 241 
MS3 C03 C04  doub Y N 242 
MS3 C03 H3   sing N N 243 
MS3 C04 C05  sing Y N 244 
MS3 C04 H4   sing N N 245 
MS3 C05 C06  doub Y N 246 
MS3 C05 H5   sing N N 247 
MS3 C06 H6   sing N N 248 
MS3 C07 C08  doub Y N 249 
MS3 C07 C12  sing Y N 250 
MS3 C07 C13  sing N N 251 
MS3 C08 C09  sing Y N 252 
MS3 C08 H8   sing N N 253 
MS3 C09 C10  doub Y N 254 
MS3 C09 H9   sing N N 255 
MS3 C10 C11  sing Y N 256 
MS3 C10 H10  sing N N 257 
MS3 C11 C12  doub Y N 258 
MS3 C11 H11  sing N N 259 
MS3 C12 H12  sing N N 260 
MS3 C13 O14  sing N N 261 
MS3 C13 H131 sing N N 262 
MS3 C13 H132 sing N N 263 
MS3 O14 C15  sing N N 264 
MS3 C15 C16  sing N N 265 
MS3 C15 C34  sing N N 266 
MS3 C15 H15  sing N N 267 
MS3 C16 C17  sing N N 268 
MS3 C16 O33  sing N N 269 
MS3 C16 H16  sing N N 270 
MS3 C17 C18  sing N N 271 
MS3 C17 O32  sing N N 272 
MS3 C17 H17  sing N N 273 
MS3 C18 C19  sing N N 274 
MS3 C18 O30  sing N N 275 
MS3 C18 H18  sing N N 276 
MS3 C19 O20  doub N N 277 
MS3 C19 N21  sing N N 278 
MS3 N21 C22  sing N N 279 
MS3 N21 H21  sing N N 280 
MS3 C22 C23  sing N N 281 
MS3 C22 C26  sing N N 282 
MS3 C22 H22  sing N N 283 
MS3 C23 C24  sing N N 284 
MS3 C23 C25  sing N N 285 
MS3 C23 H23  sing N N 286 
MS3 C24 H241 sing N N 287 
MS3 C24 H242 sing N N 288 
MS3 C24 H243 sing N N 289 
MS3 C25 H251 sing N N 290 
MS3 C25 H252 sing N N 291 
MS3 C25 H253 sing N N 292 
MS3 C26 O27  doub N N 293 
MS3 C26 N28  sing N N 294 
MS3 N28 C29  sing N N 295 
MS3 N28 H28  sing N N 296 
MS3 C29 C51  sing N N 297 
MS3 C29 H291 sing N N 298 
MS3 C29 H292 sing N N 299 
MS3 O30 C31  sing N N 300 
MS3 C31 H311 sing N N 301 
MS3 C31 H312 sing N N 302 
MS3 O32 H32  sing N N 303 
MS3 O33 H33  sing N N 304 
MS3 C34 O35  doub N N 305 
MS3 C34 N36  sing N N 306 
MS3 N36 C37  sing N N 307 
MS3 N36 H36  sing N N 308 
MS3 C37 C38  sing N N 309 
MS3 C37 C41  sing N N 310 
MS3 C37 H37  sing N N 311 
MS3 C38 C39  sing N N 312 
MS3 C38 C40  sing N N 313 
MS3 C38 H38  sing N N 314 
MS3 C39 H391 sing N N 315 
MS3 C39 H392 sing N N 316 
MS3 C39 H393 sing N N 317 
MS3 C40 H401 sing N N 318 
MS3 C40 H402 sing N N 319 
MS3 C40 H403 sing N N 320 
MS3 C41 O42  doub N N 321 
MS3 C41 N43  sing N N 322 
MS3 N43 C44  sing N N 323 
MS3 N43 H43  sing N N 324 
MS3 C44 C45  sing N N 325 
MS3 C44 H441 sing N N 326 
MS3 C44 H442 sing N N 327 
MS3 C45 C46  doub Y N 328 
MS3 C45 N50  sing Y N 329 
MS3 C46 C47  sing Y N 330 
MS3 C46 H46  sing N N 331 
MS3 C47 C48  doub Y N 332 
MS3 C47 H47  sing N N 333 
MS3 C48 C49  sing Y N 334 
MS3 C48 H48  sing N N 335 
MS3 C49 N50  doub Y N 336 
MS3 C49 H49  sing N N 337 
MS3 C51 C52  doub Y N 338 
MS3 C51 N56  sing Y N 339 
MS3 C52 C53  sing Y N 340 
MS3 C52 H52  sing N N 341 
MS3 C53 C54  doub Y N 342 
MS3 C53 H53  sing N N 343 
MS3 C54 C55  sing Y N 344 
MS3 C54 H54  sing N N 345 
MS3 C55 N56  doub Y N 346 
MS3 C55 H55  sing N N 347 
PHE N   CA   sing N N 348 
PHE N   H    sing N N 349 
PHE N   H2   sing N N 350 
PHE CA  C    sing N N 351 
PHE CA  CB   sing N N 352 
PHE CA  HA   sing N N 353 
PHE C   O    doub N N 354 
PHE C   OXT  sing N N 355 
PHE CB  CG   sing N N 356 
PHE CB  HB2  sing N N 357 
PHE CB  HB3  sing N N 358 
PHE CG  CD1  doub Y N 359 
PHE CG  CD2  sing Y N 360 
PHE CD1 CE1  sing Y N 361 
PHE CD1 HD1  sing N N 362 
PHE CD2 CE2  doub Y N 363 
PHE CD2 HD2  sing N N 364 
PHE CE1 CZ   doub Y N 365 
PHE CE1 HE1  sing N N 366 
PHE CE2 CZ   sing Y N 367 
PHE CE2 HE2  sing N N 368 
PHE CZ  HZ   sing N N 369 
PHE OXT HXT  sing N N 370 
PRO N   CA   sing N N 371 
PRO N   CD   sing N N 372 
PRO N   H    sing N N 373 
PRO CA  C    sing N N 374 
PRO CA  CB   sing N N 375 
PRO CA  HA   sing N N 376 
PRO C   O    doub N N 377 
PRO C   OXT  sing N N 378 
PRO CB  CG   sing N N 379 
PRO CB  HB2  sing N N 380 
PRO CB  HB3  sing N N 381 
PRO CG  CD   sing N N 382 
PRO CG  HG2  sing N N 383 
PRO CG  HG3  sing N N 384 
PRO CD  HD2  sing N N 385 
PRO CD  HD3  sing N N 386 
PRO OXT HXT  sing N N 387 
SER N   CA   sing N N 388 
SER N   H    sing N N 389 
SER N   H2   sing N N 390 
SER CA  C    sing N N 391 
SER CA  CB   sing N N 392 
SER CA  HA   sing N N 393 
SER C   O    doub N N 394 
SER C   OXT  sing N N 395 
SER CB  OG   sing N N 396 
SER CB  HB2  sing N N 397 
SER CB  HB3  sing N N 398 
SER OG  HG   sing N N 399 
SER OXT HXT  sing N N 400 
THR N   CA   sing N N 401 
THR N   H    sing N N 402 
THR N   H2   sing N N 403 
THR CA  C    sing N N 404 
THR CA  CB   sing N N 405 
THR CA  HA   sing N N 406 
THR C   O    doub N N 407 
THR C   OXT  sing N N 408 
THR CB  OG1  sing N N 409 
THR CB  CG2  sing N N 410 
THR CB  HB   sing N N 411 
THR OG1 HG1  sing N N 412 
THR CG2 HG21 sing N N 413 
THR CG2 HG22 sing N N 414 
THR CG2 HG23 sing N N 415 
THR OXT HXT  sing N N 416 
TRP N   CA   sing N N 417 
TRP N   H    sing N N 418 
TRP N   H2   sing N N 419 
TRP CA  C    sing N N 420 
TRP CA  CB   sing N N 421 
TRP CA  HA   sing N N 422 
TRP C   O    doub N N 423 
TRP C   OXT  sing N N 424 
TRP CB  CG   sing N N 425 
TRP CB  HB2  sing N N 426 
TRP CB  HB3  sing N N 427 
TRP CG  CD1  doub Y N 428 
TRP CG  CD2  sing Y N 429 
TRP CD1 NE1  sing Y N 430 
TRP CD1 HD1  sing N N 431 
TRP CD2 CE2  doub Y N 432 
TRP CD2 CE3  sing Y N 433 
TRP NE1 CE2  sing Y N 434 
TRP NE1 HE1  sing N N 435 
TRP CE2 CZ2  sing Y N 436 
TRP CE3 CZ3  doub Y N 437 
TRP CE3 HE3  sing N N 438 
TRP CZ2 CH2  doub Y N 439 
TRP CZ2 HZ2  sing N N 440 
TRP CZ3 CH2  sing Y N 441 
TRP CZ3 HZ3  sing N N 442 
TRP CH2 HH2  sing N N 443 
TRP OXT HXT  sing N N 444 
TYR N   CA   sing N N 445 
TYR N   H    sing N N 446 
TYR N   H2   sing N N 447 
TYR CA  C    sing N N 448 
TYR CA  CB   sing N N 449 
TYR CA  HA   sing N N 450 
TYR C   O    doub N N 451 
TYR C   OXT  sing N N 452 
TYR CB  CG   sing N N 453 
TYR CB  HB2  sing N N 454 
TYR CB  HB3  sing N N 455 
TYR CG  CD1  doub Y N 456 
TYR CG  CD2  sing Y N 457 
TYR CD1 CE1  sing Y N 458 
TYR CD1 HD1  sing N N 459 
TYR CD2 CE2  doub Y N 460 
TYR CD2 HD2  sing N N 461 
TYR CE1 CZ   doub Y N 462 
TYR CE1 HE1  sing N N 463 
TYR CE2 CZ   sing Y N 464 
TYR CE2 HE2  sing N N 465 
TYR CZ  OH   sing N N 466 
TYR OH  HH   sing N N 467 
TYR OXT HXT  sing N N 468 
VAL N   CA   sing N N 469 
VAL N   H    sing N N 470 
VAL N   H2   sing N N 471 
VAL CA  C    sing N N 472 
VAL CA  CB   sing N N 473 
VAL CA  HA   sing N N 474 
VAL C   O    doub N N 475 
VAL C   OXT  sing N N 476 
VAL CB  CG1  sing N N 477 
VAL CB  CG2  sing N N 478 
VAL CB  HB   sing N N 479 
VAL CG1 HG11 sing N N 480 
VAL CG1 HG12 sing N N 481 
VAL CG1 HG13 sing N N 482 
VAL CG2 HG21 sing N N 483 
VAL CG2 HG22 sing N N 484 
VAL CG2 HG23 sing N N 485 
VAL OXT HXT  sing N N 486 
# 
_atom_sites.entry_id                    1EC3 
_atom_sites.fract_transf_matrix[1][1]   -0.00608274 
_atom_sites.fract_transf_matrix[1][2]   0.00394598 
_atom_sites.fract_transf_matrix[1][3]   -0.01535526 
_atom_sites.fract_transf_matrix[2][1]   0.01075086 
_atom_sites.fract_transf_matrix[2][2]   0.00038520 
_atom_sites.fract_transf_matrix[2][3]   -0.00415979 
_atom_sites.fract_transf_matrix[3][1]   -0.00114790 
_atom_sites.fract_transf_matrix[3][2]   -0.02081456 
_atom_sites.fract_transf_matrix[3][3]   -0.00489418 
_atom_sites.fract_transf_vector[1]      0.271179 
_atom_sites.fract_transf_vector[2]      0.305960 
_atom_sites.fract_transf_vector[3]      0.077867 
# 
loop_
_atom_type.symbol 
C 
N 
O 
S 
# 
loop_
_atom_site.group_PDB 
_atom_site.id 
_atom_site.type_symbol 
_atom_site.label_atom_id 
_atom_site.label_alt_id 
_atom_site.label_comp_id 
_atom_site.label_asym_id 
_atom_site.label_entity_id 
_atom_site.label_seq_id 
_atom_site.pdbx_PDB_ins_code 
_atom_site.Cartn_x 
_atom_site.Cartn_y 
_atom_site.Cartn_z 
_atom_site.occupancy 
_atom_site.B_iso_or_equiv 
_atom_site.pdbx_formal_charge 
_atom_site.auth_seq_id 
_atom_site.auth_comp_id 
_atom_site.auth_asym_id 
_atom_site.auth_atom_id 
_atom_site.pdbx_PDB_model_num 
ATOM   1    N N   . PRO A 1 1  ? 7.945   1.834   -17.285 1.00 37.65 ? 1   PRO A N   1 
ATOM   2    C CA  . PRO A 1 1  ? 6.801   2.653   -17.744 1.00 37.82 ? 1   PRO A CA  1 
ATOM   3    C C   . PRO A 1 1  ? 6.350   3.613   -16.651 1.00 37.23 ? 1   PRO A C   1 
ATOM   4    O O   . PRO A 1 1  ? 6.955   3.677   -15.581 1.00 36.66 ? 1   PRO A O   1 
ATOM   5    C CB  . PRO A 1 1  ? 5.681   1.685   -18.090 1.00 38.21 ? 1   PRO A CB  1 
ATOM   6    C CG  . PRO A 1 1  ? 5.986   0.535   -17.136 1.00 38.47 ? 1   PRO A CG  1 
ATOM   7    C CD  . PRO A 1 1  ? 7.526   0.427   -17.146 1.00 37.75 ? 1   PRO A CD  1 
ATOM   8    N N   . GLN A 1 2  ? 5.298   4.373   -16.939 1.00 36.48 ? 2   GLN A N   1 
ATOM   9    C CA  . GLN A 1 2  ? 4.735   5.299   -15.967 1.00 34.83 ? 2   GLN A CA  1 
ATOM   10   C C   . GLN A 1 2  ? 3.328   4.798   -15.709 1.00 33.83 ? 2   GLN A C   1 
ATOM   11   O O   . GLN A 1 2  ? 2.524   4.686   -16.635 1.00 33.50 ? 2   GLN A O   1 
ATOM   12   C CB  . GLN A 1 2  ? 4.674   6.727   -16.510 1.00 37.33 ? 2   GLN A CB  1 
ATOM   13   C CG  . GLN A 1 2  ? 4.141   7.713   -15.480 1.00 39.80 ? 2   GLN A CG  1 
ATOM   14   C CD  . GLN A 1 2  ? 4.013   9.125   -16.009 1.00 41.86 ? 2   GLN A CD  1 
ATOM   15   O OE1 . GLN A 1 2  ? 3.117   9.429   -16.800 1.00 43.19 ? 2   GLN A OE1 1 
ATOM   16   N NE2 . GLN A 1 2  ? 4.914   10.000  -15.575 1.00 41.49 ? 2   GLN A NE2 1 
ATOM   17   N N   . ILE A 1 3  ? 3.029   4.492   -14.452 1.00 30.28 ? 3   ILE A N   1 
ATOM   18   C CA  . ILE A 1 3  ? 1.719   3.974   -14.093 1.00 28.32 ? 3   ILE A CA  1 
ATOM   19   C C   . ILE A 1 3  ? 0.876   4.993   -13.337 1.00 27.28 ? 3   ILE A C   1 
ATOM   20   O O   . ILE A 1 3  ? 1.295   5.514   -12.303 1.00 23.85 ? 3   ILE A O   1 
ATOM   21   C CB  . ILE A 1 3  ? 1.861   2.695   -13.239 1.00 28.78 ? 3   ILE A CB  1 
ATOM   22   C CG1 . ILE A 1 3  ? 2.711   1.667   -13.993 1.00 31.00 ? 3   ILE A CG1 1 
ATOM   23   C CG2 . ILE A 1 3  ? 0.486   2.108   -12.939 1.00 28.82 ? 3   ILE A CG2 1 
ATOM   24   C CD1 . ILE A 1 3  ? 2.961   0.381   -13.230 1.00 32.79 ? 3   ILE A CD1 1 
ATOM   25   N N   . THR A 1 4  ? -0.309  5.286   -13.867 1.00 26.20 ? 4   THR A N   1 
ATOM   26   C CA  . THR A 1 4  ? -1.207  6.230   -13.213 1.00 25.16 ? 4   THR A CA  1 
ATOM   27   C C   . THR A 1 4  ? -1.987  5.470   -12.154 1.00 23.03 ? 4   THR A C   1 
ATOM   28   O O   . THR A 1 4  ? -2.029  4.238   -12.166 1.00 22.70 ? 4   THR A O   1 
ATOM   29   C CB  . THR A 1 4  ? -2.180  6.899   -14.214 1.00 26.37 ? 4   THR A CB  1 
ATOM   30   O OG1 . THR A 1 4  ? -2.931  5.896   -14.910 1.00 30.14 ? 4   THR A OG1 1 
ATOM   31   C CG2 . THR A 1 4  ? -1.401  7.756   -15.208 1.00 27.22 ? 4   THR A CG2 1 
ATOM   32   N N   . LEU A 1 5  ? -2.618  6.197   -11.244 1.00 20.24 ? 5   LEU A N   1 
ATOM   33   C CA  . LEU A 1 5  ? -3.330  5.546   -10.162 1.00 20.23 ? 5   LEU A CA  1 
ATOM   34   C C   . LEU A 1 5  ? -4.848  5.657   -10.191 1.00 19.08 ? 5   LEU A C   1 
ATOM   35   O O   . LEU A 1 5  ? -5.497  5.520   -9.156  1.00 19.26 ? 5   LEU A O   1 
ATOM   36   C CB  . LEU A 1 5  ? -2.774  6.051   -8.827  1.00 19.36 ? 5   LEU A CB  1 
ATOM   37   C CG  . LEU A 1 5  ? -1.267  5.763   -8.688  1.00 20.30 ? 5   LEU A CG  1 
ATOM   38   C CD1 . LEU A 1 5  ? -0.693  6.464   -7.457  1.00 19.12 ? 5   LEU A CD1 1 
ATOM   39   C CD2 . LEU A 1 5  ? -1.046  4.248   -8.609  1.00 21.10 ? 5   LEU A CD2 1 
ATOM   40   N N   . TRP A 1 6  ? -5.410  5.897   -11.374 1.00 20.05 ? 6   TRP A N   1 
ATOM   41   C CA  . TRP A 1 6  ? -6.862  5.974   -11.518 1.00 21.52 ? 6   TRP A CA  1 
ATOM   42   C C   . TRP A 1 6  ? -7.447  4.597   -11.188 1.00 20.83 ? 6   TRP A C   1 
ATOM   43   O O   . TRP A 1 6  ? -8.583  4.487   -10.734 1.00 22.66 ? 6   TRP A O   1 
ATOM   44   C CB  . TRP A 1 6  ? -7.257  6.363   -12.950 1.00 22.27 ? 6   TRP A CB  1 
ATOM   45   C CG  . TRP A 1 6  ? -6.768  7.723   -13.382 1.00 23.53 ? 6   TRP A CG  1 
ATOM   46   C CD1 . TRP A 1 6  ? -5.781  7.992   -14.292 1.00 23.60 ? 6   TRP A CD1 1 
ATOM   47   C CD2 . TRP A 1 6  ? -7.254  8.993   -12.929 1.00 23.55 ? 6   TRP A CD2 1 
ATOM   48   N NE1 . TRP A 1 6  ? -5.626  9.350   -14.433 1.00 25.37 ? 6   TRP A NE1 1 
ATOM   49   C CE2 . TRP A 1 6  ? -6.516  9.988   -13.612 1.00 25.32 ? 6   TRP A CE2 1 
ATOM   50   C CE3 . TRP A 1 6  ? -8.243  9.388   -12.019 1.00 23.82 ? 6   TRP A CE3 1 
ATOM   51   C CZ2 . TRP A 1 6  ? -6.736  11.357  -13.408 1.00 27.10 ? 6   TRP A CZ2 1 
ATOM   52   C CZ3 . TRP A 1 6  ? -8.463  10.750  -11.816 1.00 25.26 ? 6   TRP A CZ3 1 
ATOM   53   C CH2 . TRP A 1 6  ? -7.713  11.715  -12.509 1.00 26.81 ? 6   TRP A CH2 1 
ATOM   54   N N   . GLN A 1 7  ? -6.672  3.549   -11.448 1.00 22.01 ? 7   GLN A N   1 
ATOM   55   C CA  . GLN A 1 7  ? -7.090  2.180   -11.146 1.00 21.81 ? 7   GLN A CA  1 
ATOM   56   C C   . GLN A 1 7  ? -5.989  1.550   -10.303 1.00 20.57 ? 7   GLN A C   1 
ATOM   57   O O   . GLN A 1 7  ? -4.900  2.115   -10.181 1.00 19.31 ? 7   GLN A O   1 
ATOM   58   C CB  . GLN A 1 7  ? -7.263  1.343   -12.423 1.00 25.46 ? 7   GLN A CB  1 
ATOM   59   C CG  . GLN A 1 7  ? -8.305  1.858   -13.416 1.00 31.62 ? 7   GLN A CG  1 
ATOM   60   C CD  . GLN A 1 7  ? -7.694  2.659   -14.559 1.00 36.06 ? 7   GLN A CD  1 
ATOM   61   O OE1 . GLN A 1 7  ? -6.772  2.196   -15.238 1.00 39.57 ? 7   GLN A OE1 1 
ATOM   62   N NE2 . GLN A 1 7  ? -8.212  3.861   -14.784 1.00 38.23 ? 7   GLN A NE2 1 
ATOM   63   N N   . ARG A 1 8  ? -6.276  0.386   -9.722  1.00 19.42 ? 8   ARG A N   1 
ATOM   64   C CA  . ARG A 1 8  ? -5.286  -0.325  -8.921  1.00 20.18 ? 8   ARG A CA  1 
ATOM   65   C C   . ARG A 1 8  ? -4.128  -0.699  -9.835  1.00 20.40 ? 8   ARG A C   1 
ATOM   66   O O   . ARG A 1 8  ? -4.336  -1.242  -10.922 1.00 19.86 ? 8   ARG A O   1 
ATOM   67   C CB  . ARG A 1 8  ? -5.895  -1.593  -8.323  1.00 22.41 ? 8   ARG A CB  1 
ATOM   68   C CG  . ARG A 1 8  ? -6.934  -1.316  -7.256  1.00 22.06 ? 8   ARG A CG  1 
ATOM   69   C CD  . ARG A 1 8  ? -7.608  -2.592  -6.803  1.00 26.59 ? 8   ARG A CD  1 
ATOM   70   N NE  . ARG A 1 8  ? -8.658  -2.316  -5.835  1.00 29.96 ? 8   ARG A NE  1 
ATOM   71   C CZ  . ARG A 1 8  ? -9.669  -3.137  -5.577  1.00 33.78 ? 8   ARG A CZ  1 
ATOM   72   N NH1 . ARG A 1 8  ? -9.770  -4.294  -6.219  1.00 34.96 ? 8   ARG A NH1 1 
ATOM   73   N NH2 . ARG A 1 8  ? -10.584 -2.800  -4.677  1.00 33.27 ? 8   ARG A NH2 1 
ATOM   74   N N   . PRO A 1 9  ? -2.888  -0.421  -9.404  1.00 20.34 ? 9   PRO A N   1 
ATOM   75   C CA  . PRO A 1 9  ? -1.707  -0.735  -10.211 1.00 20.09 ? 9   PRO A CA  1 
ATOM   76   C C   . PRO A 1 9  ? -1.361  -2.226  -10.214 1.00 21.79 ? 9   PRO A C   1 
ATOM   77   O O   . PRO A 1 9  ? -0.389  -2.650  -9.587  1.00 21.54 ? 9   PRO A O   1 
ATOM   78   C CB  . PRO A 1 9  ? -0.623  0.113   -9.558  1.00 20.23 ? 9   PRO A CB  1 
ATOM   79   C CG  . PRO A 1 9  ? -0.969  -0.009  -8.104  1.00 19.21 ? 9   PRO A CG  1 
ATOM   80   C CD  . PRO A 1 9  ? -2.498  0.164   -8.107  1.00 18.59 ? 9   PRO A CD  1 
ATOM   81   N N   . LEU A 1 10 ? -2.156  -3.015  -10.927 1.00 22.35 ? 10  LEU A N   1 
ATOM   82   C CA  . LEU A 1 10 ? -1.924  -4.451  -11.011 1.00 24.29 ? 10  LEU A CA  1 
ATOM   83   C C   . LEU A 1 10 ? -0.961  -4.779  -12.149 1.00 24.56 ? 10  LEU A C   1 
ATOM   84   O O   . LEU A 1 10 ? -1.031  -4.191  -13.232 1.00 25.40 ? 10  LEU A O   1 
ATOM   85   C CB  . LEU A 1 10 ? -3.251  -5.185  -11.221 1.00 26.42 ? 10  LEU A CB  1 
ATOM   86   C CG  . LEU A 1 10 ? -4.265  -5.079  -10.077 1.00 29.42 ? 10  LEU A CG  1 
ATOM   87   C CD1 . LEU A 1 10 ? -5.623  -5.585  -10.533 1.00 31.55 ? 10  LEU A CD1 1 
ATOM   88   C CD2 . LEU A 1 10 ? -3.774  -5.875  -8.883  1.00 29.62 ? 10  LEU A CD2 1 
ATOM   89   N N   . VAL A 1 11 ? -0.047  -5.709  -11.892 1.00 23.71 ? 11  VAL A N   1 
ATOM   90   C CA  . VAL A 1 11 ? 0.916   -6.118  -12.901 1.00 25.31 ? 11  VAL A CA  1 
ATOM   91   C C   . VAL A 1 11 ? 1.024   -7.630  -12.919 1.00 26.14 ? 11  VAL A C   1 
ATOM   92   O O   . VAL A 1 11 ? 0.561   -8.309  -11.998 1.00 23.89 ? 11  VAL A O   1 
ATOM   93   C CB  . VAL A 1 11 ? 2.323   -5.524  -12.639 1.00 25.98 ? 11  VAL A CB  1 
ATOM   94   C CG1 . VAL A 1 11 ? 2.271   -4.008  -12.733 1.00 26.59 ? 11  VAL A CG1 1 
ATOM   95   C CG2 . VAL A 1 11 ? 2.833   -5.954  -11.276 1.00 27.44 ? 11  VAL A CG2 1 
ATOM   96   N N   . THR A 1 12 ? 1.627   -8.156  -13.977 1.00 27.34 ? 12  THR A N   1 
ATOM   97   C CA  . THR A 1 12 ? 1.809   -9.591  -14.099 1.00 29.58 ? 12  THR A CA  1 
ATOM   98   C C   . THR A 1 12 ? 3.206   -9.928  -13.608 1.00 28.83 ? 12  THR A C   1 
ATOM   99   O O   . THR A 1 12 ? 4.177   -9.303  -14.022 1.00 29.46 ? 12  THR A O   1 
ATOM   100  C CB  . THR A 1 12 ? 1.673   -10.058 -15.566 1.00 32.41 ? 12  THR A CB  1 
ATOM   101  O OG1 . THR A 1 12 ? 0.365   -9.731  -16.053 1.00 37.33 ? 12  THR A OG1 1 
ATOM   102  C CG2 . THR A 1 12 ? 1.882   -11.564 -15.667 1.00 35.61 ? 12  THR A CG2 1 
ATOM   103  N N   . ILE A 1 13 ? 3.302   -10.902 -12.713 1.00 28.11 ? 13  ILE A N   1 
ATOM   104  C CA  . ILE A 1 13 ? 4.594   -11.315 -12.191 1.00 28.70 ? 13  ILE A CA  1 
ATOM   105  C C   . ILE A 1 13 ? 4.800   -12.788 -12.514 1.00 29.56 ? 13  ILE A C   1 
ATOM   106  O O   . ILE A 1 13 ? 3.844   -13.513 -12.807 1.00 29.87 ? 13  ILE A O   1 
ATOM   107  C CB  . ILE A 1 13 ? 4.686   -11.131 -10.656 1.00 28.67 ? 13  ILE A CB  1 
ATOM   108  C CG1 . ILE A 1 13 ? 3.681   -12.052 -9.958  1.00 29.00 ? 13  ILE A CG1 1 
ATOM   109  C CG2 . ILE A 1 13 ? 4.429   -9.675  -10.292 1.00 28.61 ? 13  ILE A CG2 1 
ATOM   110  C CD1 . ILE A 1 13 ? 3.901   -12.187 -8.465  1.00 28.08 ? 13  ILE A CD1 1 
ATOM   111  N N   . LYS A 1 14 ? 6.054   -13.219 -12.472 1.00 30.89 ? 14  LYS A N   1 
ATOM   112  C CA  . LYS A 1 14 ? 6.390   -14.608 -12.738 1.00 32.00 ? 14  LYS A CA  1 
ATOM   113  C C   . LYS A 1 14 ? 7.213   -15.117 -11.565 1.00 31.45 ? 14  LYS A C   1 
ATOM   114  O O   . LYS A 1 14 ? 8.268   -14.564 -11.244 1.00 30.10 ? 14  LYS A O   1 
ATOM   115  C CB  . LYS A 1 14 ? 7.203   -14.737 -14.027 1.00 34.76 ? 14  LYS A CB  1 
ATOM   116  C CG  . LYS A 1 14 ? 7.051   -16.092 -14.710 1.00 40.18 ? 14  LYS A CG  1 
ATOM   117  C CD  . LYS A 1 14 ? 8.292   -16.465 -15.512 1.00 43.30 ? 14  LYS A CD  1 
ATOM   118  C CE  . LYS A 1 14 ? 9.332   -17.154 -14.632 1.00 46.03 ? 14  LYS A CE  1 
ATOM   119  N NZ  . LYS A 1 14 ? 9.709   -16.353 -13.430 1.00 48.50 ? 14  LYS A NZ  1 
ATOM   120  N N   . ILE A 1 15 ? 6.718   -16.164 -10.919 1.00 31.62 ? 15  ILE A N   1 
ATOM   121  C CA  . ILE A 1 15 ? 7.407   -16.750 -9.784  1.00 34.70 ? 15  ILE A CA  1 
ATOM   122  C C   . ILE A 1 15 ? 7.199   -18.256 -9.787  1.00 36.66 ? 15  ILE A C   1 
ATOM   123  O O   . ILE A 1 15 ? 6.068   -18.738 -9.865  1.00 36.77 ? 15  ILE A O   1 
ATOM   124  C CB  . ILE A 1 15 ? 6.891   -16.156 -8.449  1.00 34.17 ? 15  ILE A CB  1 
ATOM   125  C CG1 . ILE A 1 15 ? 7.608   -16.822 -7.273  1.00 33.34 ? 15  ILE A CG1 1 
ATOM   126  C CG2 . ILE A 1 15 ? 5.383   -16.341 -8.342  1.00 33.71 ? 15  ILE A CG2 1 
ATOM   127  C CD1 . ILE A 1 15 ? 7.299   -16.202 -5.930  1.00 34.87 ? 15  ILE A CD1 1 
ATOM   128  N N   . GLY A 1 16 ? 8.301   -18.994 -9.716  1.00 39.60 ? 16  GLY A N   1 
ATOM   129  C CA  . GLY A 1 16 ? 8.220   -20.443 -9.710  1.00 42.66 ? 16  GLY A CA  1 
ATOM   130  C C   . GLY A 1 16 ? 7.558   -21.004 -10.954 1.00 43.71 ? 16  GLY A C   1 
ATOM   131  O O   . GLY A 1 16 ? 6.877   -22.028 -10.893 1.00 45.08 ? 16  GLY A O   1 
ATOM   132  N N   . GLY A 1 17 ? 7.754   -20.330 -12.083 1.00 44.51 ? 17  GLY A N   1 
ATOM   133  C CA  . GLY A 1 17 ? 7.171   -20.788 -13.330 1.00 45.56 ? 17  GLY A CA  1 
ATOM   134  C C   . GLY A 1 17 ? 5.681   -20.522 -13.456 1.00 45.89 ? 17  GLY A C   1 
ATOM   135  O O   . GLY A 1 17 ? 5.029   -21.024 -14.374 1.00 47.11 ? 17  GLY A O   1 
ATOM   136  N N   . GLN A 1 18 ? 5.139   -19.734 -12.534 1.00 44.90 ? 18  GLN A N   1 
ATOM   137  C CA  . GLN A 1 18 ? 3.721   -19.401 -12.557 1.00 43.23 ? 18  GLN A CA  1 
ATOM   138  C C   . GLN A 1 18 ? 3.506   -17.916 -12.821 1.00 42.02 ? 18  GLN A C   1 
ATOM   139  O O   . GLN A 1 18 ? 4.230   -17.071 -12.297 1.00 39.67 ? 18  GLN A O   1 
ATOM   140  C CB  . GLN A 1 18 ? 3.065   -19.770 -11.225 1.00 45.50 ? 18  GLN A CB  1 
ATOM   141  C CG  . GLN A 1 18 ? 2.990   -21.259 -10.934 1.00 48.86 ? 18  GLN A CG  1 
ATOM   142  C CD  . GLN A 1 18 ? 2.298   -21.549 -9.615  1.00 50.46 ? 18  GLN A CD  1 
ATOM   143  O OE1 . GLN A 1 18 ? 1.153   -21.149 -9.400  1.00 51.52 ? 18  GLN A OE1 1 
ATOM   144  N NE2 . GLN A 1 18 ? 2.993   -22.246 -8.721  1.00 52.09 ? 18  GLN A NE2 1 
ATOM   145  N N   . LEU A 1 19 ? 2.512   -17.603 -13.645 1.00 40.35 ? 19  LEU A N   1 
ATOM   146  C CA  . LEU A 1 19 ? 2.184   -16.218 -13.947 1.00 39.22 ? 19  LEU A CA  1 
ATOM   147  C C   . LEU A 1 19 ? 1.059   -15.803 -13.014 1.00 37.34 ? 19  LEU A C   1 
ATOM   148  O O   . LEU A 1 19 ? 0.006   -16.438 -12.981 1.00 37.35 ? 19  LEU A O   1 
ATOM   149  C CB  . LEU A 1 19 ? 1.735   -16.069 -15.399 1.00 40.99 ? 19  LEU A CB  1 
ATOM   150  C CG  . LEU A 1 19 ? 2.817   -16.249 -16.465 1.00 42.34 ? 19  LEU A CG  1 
ATOM   151  C CD1 . LEU A 1 19 ? 2.204   -16.055 -17.843 1.00 43.68 ? 19  LEU A CD1 1 
ATOM   152  C CD2 . LEU A 1 19 ? 3.939   -15.248 -16.239 1.00 43.28 ? 19  LEU A CD2 1 
ATOM   153  N N   . LYS A 1 20 ? 1.288   -14.744 -12.246 1.00 35.05 ? 20  LYS A N   1 
ATOM   154  C CA  . LYS A 1 20 ? 0.283   -14.266 -11.310 1.00 32.30 ? 20  LYS A CA  1 
ATOM   155  C C   . LYS A 1 20 ? 0.094   -12.761 -11.395 1.00 30.82 ? 20  LYS A C   1 
ATOM   156  O O   . LYS A 1 20 ? 0.967   -12.036 -11.878 1.00 30.88 ? 20  LYS A O   1 
ATOM   157  C CB  . LYS A 1 20 ? 0.668   -14.656 -9.878  1.00 32.58 ? 20  LYS A CB  1 
ATOM   158  C CG  . LYS A 1 20 ? 0.594   -16.152 -9.603  1.00 35.97 ? 20  LYS A CG  1 
ATOM   159  C CD  . LYS A 1 20 ? 0.930   -16.463 -8.154  1.00 38.05 ? 20  LYS A CD  1 
ATOM   160  C CE  . LYS A 1 20 ? 0.697   -17.931 -7.826  1.00 40.23 ? 20  LYS A CE  1 
ATOM   161  N NZ  . LYS A 1 20 ? -0.741  -18.314 -7.916  1.00 41.76 ? 20  LYS A NZ  1 
ATOM   162  N N   . GLU A 1 21 ? -1.063  -12.300 -10.930 1.00 28.44 ? 21  GLU A N   1 
ATOM   163  C CA  . GLU A 1 21 ? -1.382  -10.879 -10.933 1.00 27.87 ? 21  GLU A CA  1 
ATOM   164  C C   . GLU A 1 21 ? -1.062  -10.330 -9.544  1.00 24.29 ? 21  GLU A C   1 
ATOM   165  O O   . GLU A 1 21 ? -1.446  -10.919 -8.539  1.00 24.30 ? 21  GLU A O   1 
ATOM   166  C CB  . GLU A 1 21 ? -2.868  -10.674 -11.245 1.00 31.09 ? 21  GLU A CB  1 
ATOM   167  C CG  . GLU A 1 21 ? -3.264  -9.227  -11.475 1.00 36.70 ? 21  GLU A CG  1 
ATOM   168  C CD  . GLU A 1 21 ? -4.745  -9.066  -11.781 1.00 40.01 ? 21  GLU A CD  1 
ATOM   169  O OE1 . GLU A 1 21 ? -5.577  -9.235  -10.858 1.00 41.83 ? 21  GLU A OE1 1 
ATOM   170  O OE2 . GLU A 1 21 ? -5.076  -8.775  -12.950 1.00 43.68 ? 21  GLU A OE2 1 
ATOM   171  N N   . ALA A 1 22 ? -0.352  -9.209  -9.486  1.00 22.88 ? 22  ALA A N   1 
ATOM   172  C CA  . ALA A 1 22 ? -0.002  -8.626  -8.200  1.00 20.86 ? 22  ALA A CA  1 
ATOM   173  C C   . ALA A 1 22 ? -0.157  -7.115  -8.181  1.00 20.35 ? 22  ALA A C   1 
ATOM   174  O O   . ALA A 1 22 ? -0.161  -6.458  -9.219  1.00 20.17 ? 22  ALA A O   1 
ATOM   175  C CB  . ALA A 1 22 ? 1.419   -9.005  -7.825  1.00 19.38 ? 22  ALA A CB  1 
ATOM   176  N N   . LEU A 1 23 ? -0.264  -6.582  -6.972  1.00 19.71 ? 23  LEU A N   1 
ATOM   177  C CA  . LEU A 1 23 ? -0.440  -5.158  -6.747  1.00 19.65 ? 23  LEU A CA  1 
ATOM   178  C C   . LEU A 1 23 ? 0.877   -4.478  -6.360  1.00 19.10 ? 23  LEU A C   1 
ATOM   179  O O   . LEU A 1 23 ? 1.551   -4.927  -5.437  1.00 20.01 ? 23  LEU A O   1 
ATOM   180  C CB  . LEU A 1 23 ? -1.467  -4.971  -5.624  1.00 19.20 ? 23  LEU A CB  1 
ATOM   181  C CG  . LEU A 1 23 ? -1.878  -3.563  -5.208  1.00 21.43 ? 23  LEU A CG  1 
ATOM   182  C CD1 . LEU A 1 23 ? -2.604  -2.881  -6.367  1.00 24.02 ? 23  LEU A CD1 1 
ATOM   183  C CD2 . LEU A 1 23 ? -2.779  -3.645  -3.977  1.00 23.21 ? 23  LEU A CD2 1 
ATOM   184  N N   . LEU A 1 24 ? 1.253   -3.419  -7.080  1.00 18.97 ? 24  LEU A N   1 
ATOM   185  C CA  . LEU A 1 24 ? 2.463   -2.669  -6.752  1.00 18.74 ? 24  LEU A CA  1 
ATOM   186  C C   . LEU A 1 24 ? 1.994   -1.873  -5.538  1.00 19.73 ? 24  LEU A C   1 
ATOM   187  O O   . LEU A 1 24 ? 1.181   -0.955  -5.658  1.00 19.92 ? 24  LEU A O   1 
ATOM   188  C CB  . LEU A 1 24 ? 2.860   -1.743  -7.907  1.00 18.12 ? 24  LEU A CB  1 
ATOM   189  C CG  . LEU A 1 24 ? 3.245   -2.498  -9.185  1.00 20.38 ? 24  LEU A CG  1 
ATOM   190  C CD1 . LEU A 1 24 ? 3.690   -1.515  -10.262 1.00 21.82 ? 24  LEU A CD1 1 
ATOM   191  C CD2 . LEU A 1 24 ? 4.364   -3.489  -8.879  1.00 21.53 ? 24  LEU A CD2 1 
ATOM   192  N N   . ASP A 1 25 ? 2.522   -2.234  -4.375  1.00 17.68 ? 25  ASP A N   1 
ATOM   193  C CA  . ASP A 1 25 ? 2.077   -1.657  -3.112  1.00 16.85 ? 25  ASP A CA  1 
ATOM   194  C C   . ASP A 1 25 ? 3.119   -0.880  -2.304  1.00 16.38 ? 25  ASP A C   1 
ATOM   195  O O   . ASP A 1 25 ? 3.868   -1.475  -1.533  1.00 16.39 ? 25  ASP A O   1 
ATOM   196  C CB  . ASP A 1 25 ? 1.544   -2.817  -2.283  1.00 17.92 ? 25  ASP A CB  1 
ATOM   197  C CG  . ASP A 1 25 ? 0.586   -2.385  -1.217  1.00 20.77 ? 25  ASP A CG  1 
ATOM   198  O OD1 . ASP A 1 25 ? 0.707   -1.242  -0.738  1.00 20.75 ? 25  ASP A OD1 1 
ATOM   199  O OD2 . ASP A 1 25 ? -0.279  -3.212  -0.857  1.00 23.23 ? 25  ASP A OD2 1 
ATOM   200  N N   . THR A 1 26 ? 3.152   0.442   -2.447  1.00 14.63 ? 26  THR A N   1 
ATOM   201  C CA  . THR A 1 26 ? 4.141   1.236   -1.716  1.00 14.81 ? 26  THR A CA  1 
ATOM   202  C C   . THR A 1 26 ? 3.897   1.273   -0.212  1.00 15.30 ? 26  THR A C   1 
ATOM   203  O O   . THR A 1 26 ? 4.791   1.636   0.560   1.00 15.34 ? 26  THR A O   1 
ATOM   204  C CB  . THR A 1 26 ? 4.209   2.694   -2.236  1.00 14.76 ? 26  THR A CB  1 
ATOM   205  O OG1 . THR A 1 26 ? 2.928   3.319   -2.091  1.00 14.55 ? 26  THR A OG1 1 
ATOM   206  C CG2 . THR A 1 26 ? 4.616   2.710   -3.702  1.00 13.76 ? 26  THR A CG2 1 
ATOM   207  N N   . GLY A 1 27 ? 2.697   0.886   0.200   1.00 14.78 ? 27  GLY A N   1 
ATOM   208  C CA  . GLY A 1 27 ? 2.364   0.884   1.617   1.00 15.34 ? 27  GLY A CA  1 
ATOM   209  C C   . GLY A 1 27 ? 2.712   -0.432  2.296   1.00 15.71 ? 27  GLY A C   1 
ATOM   210  O O   . GLY A 1 27 ? 2.410   -0.625  3.476   1.00 16.25 ? 27  GLY A O   1 
ATOM   211  N N   . ALA A 1 28 ? 3.337   -1.345  1.551   1.00 14.58 ? 28  ALA A N   1 
ATOM   212  C CA  . ALA A 1 28 ? 3.721   -2.644  2.106   1.00 13.70 ? 28  ALA A CA  1 
ATOM   213  C C   . ALA A 1 28 ? 5.229   -2.796  2.291   1.00 15.23 ? 28  ALA A C   1 
ATOM   214  O O   . ALA A 1 28 ? 5.989   -2.677  1.328   1.00 15.78 ? 28  ALA A O   1 
ATOM   215  C CB  . ALA A 1 28 ? 3.209   -3.767  1.205   1.00 14.61 ? 28  ALA A CB  1 
ATOM   216  N N   . ASP A 1 29 ? 5.656   -3.066  3.523   1.00 15.34 ? 29  ASP A N   1 
ATOM   217  C CA  . ASP A 1 29 ? 7.083   -3.257  3.802   1.00 17.46 ? 29  ASP A CA  1 
ATOM   218  C C   . ASP A 1 29 ? 7.565   -4.514  3.092   1.00 18.69 ? 29  ASP A C   1 
ATOM   219  O O   . ASP A 1 29 ? 8.636   -4.534  2.491   1.00 18.29 ? 29  ASP A O   1 
ATOM   220  C CB  . ASP A 1 29 ? 7.349   -3.475  5.301   1.00 18.11 ? 29  ASP A CB  1 
ATOM   221  C CG  . ASP A 1 29 ? 7.211   -2.216  6.125   1.00 18.69 ? 29  ASP A CG  1 
ATOM   222  O OD1 . ASP A 1 29 ? 7.069   -1.119  5.550   1.00 17.50 ? 29  ASP A OD1 1 
ATOM   223  O OD2 . ASP A 1 29 ? 7.264   -2.337  7.367   1.00 18.73 ? 29  ASP A OD2 1 
ATOM   224  N N   . ASP A 1 30 ? 6.755   -5.565  3.183   1.00 18.44 ? 30  ASP A N   1 
ATOM   225  C CA  . ASP A 1 30 ? 7.082   -6.862  2.609   1.00 19.75 ? 30  ASP A CA  1 
ATOM   226  C C   . ASP A 1 30 ? 6.203   -7.248  1.428   1.00 18.34 ? 30  ASP A C   1 
ATOM   227  O O   . ASP A 1 30 ? 5.187   -6.623  1.152   1.00 18.44 ? 30  ASP A O   1 
ATOM   228  C CB  . ASP A 1 30 ? 6.952   -7.959  3.678   1.00 22.47 ? 30  ASP A CB  1 
ATOM   229  C CG  . ASP A 1 30 ? 7.631   -7.597  4.986   1.00 26.72 ? 30  ASP A CG  1 
ATOM   230  O OD1 . ASP A 1 30 ? 8.829   -7.259  4.966   1.00 28.30 ? 30  ASP A OD1 1 
ATOM   231  O OD2 . ASP A 1 30 ? 6.965   -7.662  6.042   1.00 29.87 ? 30  ASP A OD2 1 
ATOM   232  N N   . THR A 1 31 ? 6.626   -8.301  0.740   1.00 18.73 ? 31  THR A N   1 
ATOM   233  C CA  . THR A 1 31 ? 5.905   -8.843  -0.401  1.00 17.79 ? 31  THR A CA  1 
ATOM   234  C C   . THR A 1 31 ? 5.147   -10.050 0.133   1.00 18.27 ? 31  THR A C   1 
ATOM   235  O O   . THR A 1 31 ? 5.732   -10.912 0.790   1.00 17.79 ? 31  THR A O   1 
ATOM   236  C CB  . THR A 1 31 ? 6.882   -9.279  -1.499  1.00 17.39 ? 31  THR A CB  1 
ATOM   237  O OG1 . THR A 1 31 ? 7.490   -8.112  -2.076  1.00 16.71 ? 31  THR A OG1 1 
ATOM   238  C CG2 . THR A 1 31 ? 6.156   -10.081 -2.577  1.00 18.48 ? 31  THR A CG2 1 
ATOM   239  N N   . VAL A 1 32 ? 3.848   -10.107 -0.139  1.00 17.75 ? 32  VAL A N   1 
ATOM   240  C CA  . VAL A 1 32 ? 3.031   -11.198 0.364   1.00 18.28 ? 32  VAL A CA  1 
ATOM   241  C C   . VAL A 1 32 ? 2.212   -11.806 -0.753  1.00 19.16 ? 32  VAL A C   1 
ATOM   242  O O   . VAL A 1 32 ? 1.465   -11.103 -1.435  1.00 19.51 ? 32  VAL A O   1 
ATOM   243  C CB  . VAL A 1 32 ? 2.072   -10.701 1.469   1.00 20.02 ? 32  VAL A CB  1 
ATOM   244  C CG1 . VAL A 1 32 ? 1.484   -11.887 2.223   1.00 22.13 ? 32  VAL A CG1 1 
ATOM   245  C CG2 . VAL A 1 32 ? 2.810   -9.763  2.414   1.00 20.98 ? 32  VAL A CG2 1 
ATOM   246  N N   . LEU A 1 33 ? 2.359   -13.113 -0.938  1.00 18.00 ? 33  LEU A N   1 
ATOM   247  C CA  . LEU A 1 33 ? 1.637   -13.825 -1.981  1.00 20.27 ? 33  LEU A CA  1 
ATOM   248  C C   . LEU A 1 33 ? 0.668   -14.838 -1.387  1.00 20.96 ? 33  LEU A C   1 
ATOM   249  O O   . LEU A 1 33 ? 0.886   -15.359 -0.292  1.00 18.21 ? 33  LEU A O   1 
ATOM   250  C CB  . LEU A 1 33 ? 2.624   -14.547 -2.903  1.00 22.41 ? 33  LEU A CB  1 
ATOM   251  C CG  . LEU A 1 33 ? 3.709   -13.680 -3.549  1.00 24.30 ? 33  LEU A CG  1 
ATOM   252  C CD1 . LEU A 1 33 ? 4.648   -14.549 -4.374  1.00 25.62 ? 33  LEU A CD1 1 
ATOM   253  C CD2 . LEU A 1 33 ? 3.065   -12.616 -4.426  1.00 24.91 ? 33  LEU A CD2 1 
ATOM   254  N N   . GLU A 1 34 ? -0.411  -15.100 -2.120  1.00 22.32 ? 34  GLU A N   1 
ATOM   255  C CA  . GLU A 1 34 ? -1.418  -16.069 -1.706  1.00 24.83 ? 34  GLU A CA  1 
ATOM   256  C C   . GLU A 1 34 ? -0.752  -17.442 -1.591  1.00 25.04 ? 34  GLU A C   1 
ATOM   257  O O   . GLU A 1 34 ? 0.290   -17.678 -2.200  1.00 24.62 ? 34  GLU A O   1 
ATOM   258  C CB  . GLU A 1 34 ? -2.544  -16.113 -2.744  1.00 27.93 ? 34  GLU A CB  1 
ATOM   259  C CG  . GLU A 1 34 ? -2.058  -16.382 -4.160  1.00 34.09 ? 34  GLU A CG  1 
ATOM   260  C CD  . GLU A 1 34 ? -3.141  -16.195 -5.214  1.00 38.36 ? 34  GLU A CD  1 
ATOM   261  O OE1 . GLU A 1 34 ? -2.820  -16.321 -6.416  1.00 40.96 ? 34  GLU A OE1 1 
ATOM   262  O OE2 . GLU A 1 34 ? -4.304  -15.920 -4.846  1.00 41.99 ? 34  GLU A OE2 1 
ATOM   263  N N   . GLU A 1 35 ? -1.354  -18.337 -0.812  1.00 25.95 ? 35  GLU A N   1 
ATOM   264  C CA  . GLU A 1 35 ? -0.823  -19.684 -0.616  1.00 27.91 ? 35  GLU A CA  1 
ATOM   265  C C   . GLU A 1 35 ? -0.325  -20.347 -1.891  1.00 28.30 ? 35  GLU A C   1 
ATOM   266  O O   . GLU A 1 35 ? -1.031  -20.400 -2.900  1.00 28.43 ? 35  GLU A O   1 
ATOM   267  C CB  . GLU A 1 35 ? -1.876  -20.589 0.021   1.00 30.68 ? 35  GLU A CB  1 
ATOM   268  C CG  . GLU A 1 35 ? -1.982  -20.471 1.524   1.00 35.39 ? 35  GLU A CG  1 
ATOM   269  C CD  . GLU A 1 35 ? -0.688  -20.821 2.222   1.00 37.52 ? 35  GLU A CD  1 
ATOM   270  O OE1 . GLU A 1 35 ? 0.014   -21.743 1.757   1.00 38.15 ? 35  GLU A OE1 1 
ATOM   271  O OE2 . GLU A 1 35 ? -0.378  -20.180 3.246   1.00 39.43 ? 35  GLU A OE2 1 
ATOM   272  N N   . MET A 1 36 ? 0.896   -20.863 -1.826  1.00 28.81 ? 36  MET A N   1 
ATOM   273  C CA  . MET A 1 36 ? 1.509   -21.541 -2.958  1.00 31.14 ? 36  MET A CA  1 
ATOM   274  C C   . MET A 1 36 ? 2.743   -22.302 -2.490  1.00 32.29 ? 36  MET A C   1 
ATOM   275  O O   . MET A 1 36 ? 3.225   -22.106 -1.371  1.00 31.07 ? 36  MET A O   1 
ATOM   276  C CB  . MET A 1 36 ? 1.897   -20.535 -4.045  1.00 31.27 ? 36  MET A CB  1 
ATOM   277  C CG  . MET A 1 36 ? 3.025   -19.595 -3.665  1.00 31.81 ? 36  MET A CG  1 
ATOM   278  S SD  . MET A 1 36 ? 3.419   -18.448 -5.008  1.00 34.45 ? 36  MET A SD  1 
ATOM   279  C CE  . MET A 1 36 ? 4.235   -19.559 -6.173  1.00 33.73 ? 36  MET A CE  1 
ATOM   280  N N   . SER A 1 37 ? 3.254   -23.168 -3.356  1.00 33.79 ? 37  SER A N   1 
ATOM   281  C CA  . SER A 1 37 ? 4.422   -23.972 -3.037  1.00 36.74 ? 37  SER A CA  1 
ATOM   282  C C   . SER A 1 37 ? 5.701   -23.318 -3.546  1.00 36.80 ? 37  SER A C   1 
ATOM   283  O O   . SER A 1 37 ? 5.787   -22.932 -4.712  1.00 37.89 ? 37  SER A O   1 
ATOM   284  C CB  . SER A 1 37 ? 4.275   -25.366 -3.654  1.00 37.77 ? 37  SER A CB  1 
ATOM   285  O OG  . SER A 1 37 ? 5.341   -26.212 -3.264  1.00 42.46 ? 37  SER A OG  1 
ATOM   286  N N   . LEU A 1 38 ? 6.683   -23.190 -2.660  1.00 37.91 ? 38  LEU A N   1 
ATOM   287  C CA  . LEU A 1 38 ? 7.978   -22.606 -3.003  1.00 38.79 ? 38  LEU A CA  1 
ATOM   288  C C   . LEU A 1 38 ? 9.079   -23.520 -2.476  1.00 40.68 ? 38  LEU A C   1 
ATOM   289  O O   . LEU A 1 38 ? 8.890   -24.228 -1.489  1.00 40.31 ? 38  LEU A O   1 
ATOM   290  C CB  . LEU A 1 38 ? 8.132   -21.210 -2.391  1.00 37.54 ? 38  LEU A CB  1 
ATOM   291  C CG  . LEU A 1 38 ? 7.289   -20.089 -3.003  1.00 36.94 ? 38  LEU A CG  1 
ATOM   292  C CD1 . LEU A 1 38 ? 7.524   -18.794 -2.248  1.00 36.89 ? 38  LEU A CD1 1 
ATOM   293  C CD2 . LEU A 1 38 ? 7.653   -19.922 -4.467  1.00 37.02 ? 38  LEU A CD2 1 
ATOM   294  N N   . PRO A 1 39 ? 10.249  -23.511 -3.130  1.00 42.71 ? 39  PRO A N   1 
ATOM   295  C CA  . PRO A 1 39 ? 11.371  -24.353 -2.710  1.00 43.35 ? 39  PRO A CA  1 
ATOM   296  C C   . PRO A 1 39 ? 12.164  -23.801 -1.529  1.00 43.42 ? 39  PRO A C   1 
ATOM   297  O O   . PRO A 1 39 ? 12.206  -22.590 -1.301  1.00 43.82 ? 39  PRO A O   1 
ATOM   298  C CB  . PRO A 1 39 ? 12.215  -24.431 -3.974  1.00 43.75 ? 39  PRO A CB  1 
ATOM   299  C CG  . PRO A 1 39 ? 12.064  -23.042 -4.528  1.00 44.29 ? 39  PRO A CG  1 
ATOM   300  C CD  . PRO A 1 39 ? 10.574  -22.784 -4.373  1.00 43.76 ? 39  PRO A CD  1 
ATOM   301  N N   . GLY A 1 40 ? 12.790  -24.705 -0.782  1.00 43.90 ? 40  GLY A N   1 
ATOM   302  C CA  . GLY A 1 40 ? 13.598  -24.298 0.351   1.00 44.07 ? 40  GLY A CA  1 
ATOM   303  C C   . GLY A 1 40 ? 12.913  -24.360 1.700   1.00 43.80 ? 40  GLY A C   1 
ATOM   304  O O   . GLY A 1 40 ? 11.755  -24.761 1.813   1.00 43.84 ? 40  GLY A O   1 
ATOM   305  N N   . ARG A 1 41 ? 13.652  -23.965 2.730   1.00 43.78 ? 41  ARG A N   1 
ATOM   306  C CA  . ARG A 1 41 ? 13.144  -23.952 4.091   1.00 43.85 ? 41  ARG A CA  1 
ATOM   307  C C   . ARG A 1 41 ? 12.525  -22.584 4.355   1.00 41.65 ? 41  ARG A C   1 
ATOM   308  O O   . ARG A 1 41 ? 12.951  -21.580 3.783   1.00 41.23 ? 41  ARG A O   1 
ATOM   309  C CB  . ARG A 1 41 ? 14.287  -24.202 5.077   1.00 47.61 ? 41  ARG A CB  1 
ATOM   310  C CG  . ARG A 1 41 ? 13.868  -24.204 6.536   1.00 52.59 ? 41  ARG A CG  1 
ATOM   311  C CD  . ARG A 1 41 ? 14.833  -23.368 7.365   1.00 56.92 ? 41  ARG A CD  1 
ATOM   312  N NE  . ARG A 1 41 ? 14.897  -21.994 6.869   1.00 61.14 ? 41  ARG A NE  1 
ATOM   313  C CZ  . ARG A 1 41 ? 15.687  -21.045 7.366   1.00 62.31 ? 41  ARG A CZ  1 
ATOM   314  N NH1 . ARG A 1 41 ? 16.495  -21.313 8.384   1.00 63.40 ? 41  ARG A NH1 1 
ATOM   315  N NH2 . ARG A 1 41 ? 15.667  -19.826 6.842   1.00 62.75 ? 41  ARG A NH2 1 
ATOM   316  N N   . TRP A 1 42 ? 11.520  -22.547 5.222   1.00 38.86 ? 42  TRP A N   1 
ATOM   317  C CA  . TRP A 1 42 ? 10.846  -21.298 5.547   1.00 36.24 ? 42  TRP A CA  1 
ATOM   318  C C   . TRP A 1 42 ? 10.757  -21.074 7.052   1.00 34.36 ? 42  TRP A C   1 
ATOM   319  O O   . TRP A 1 42 ? 10.922  -22.004 7.840   1.00 32.51 ? 42  TRP A O   1 
ATOM   320  C CB  . TRP A 1 42 ? 9.440   -21.296 4.950   1.00 36.40 ? 42  TRP A CB  1 
ATOM   321  C CG  . TRP A 1 42 ? 8.655   -22.512 5.310   1.00 37.73 ? 42  TRP A CG  1 
ATOM   322  C CD1 . TRP A 1 42 ? 8.675   -23.719 4.673   1.00 38.63 ? 42  TRP A CD1 1 
ATOM   323  C CD2 . TRP A 1 42 ? 7.767   -22.660 6.423   1.00 38.71 ? 42  TRP A CD2 1 
ATOM   324  N NE1 . TRP A 1 42 ? 7.854   -24.611 5.319   1.00 39.18 ? 42  TRP A NE1 1 
ATOM   325  C CE2 . TRP A 1 42 ? 7.283   -23.987 6.397   1.00 39.77 ? 42  TRP A CE2 1 
ATOM   326  C CE3 . TRP A 1 42 ? 7.330   -21.799 7.440   1.00 39.70 ? 42  TRP A CE3 1 
ATOM   327  C CZ2 . TRP A 1 42 ? 6.384   -24.477 7.352   1.00 39.79 ? 42  TRP A CZ2 1 
ATOM   328  C CZ3 . TRP A 1 42 ? 6.434   -22.287 8.392   1.00 39.84 ? 42  TRP A CZ3 1 
ATOM   329  C CH2 . TRP A 1 42 ? 5.973   -23.613 8.338   1.00 40.64 ? 42  TRP A CH2 1 
ATOM   330  N N   . LYS A 1 43 ? 10.494  -19.829 7.437   1.00 32.65 ? 43  LYS A N   1 
ATOM   331  C CA  . LYS A 1 43 ? 10.366  -19.445 8.841   1.00 32.18 ? 43  LYS A CA  1 
ATOM   332  C C   . LYS A 1 43 ? 8.992   -18.818 9.056   1.00 29.66 ? 43  LYS A C   1 
ATOM   333  O O   . LYS A 1 43 ? 8.512   -18.062 8.214   1.00 28.19 ? 43  LYS A O   1 
ATOM   334  C CB  . LYS A 1 43 ? 11.428  -18.405 9.209   1.00 35.05 ? 43  LYS A CB  1 
ATOM   335  C CG  . LYS A 1 43 ? 12.866  -18.859 9.062   1.00 39.81 ? 43  LYS A CG  1 
ATOM   336  C CD  . LYS A 1 43 ? 13.811  -17.657 9.031   1.00 43.25 ? 43  LYS A CD  1 
ATOM   337  C CE  . LYS A 1 43 ? 13.651  -16.751 10.253  1.00 45.72 ? 43  LYS A CE  1 
ATOM   338  N NZ  . LYS A 1 43 ? 14.069  -17.412 11.524  1.00 48.58 ? 43  LYS A NZ  1 
ATOM   339  N N   . PRO A 1 44 ? 8.339   -19.122 10.184  1.00 28.39 ? 44  PRO A N   1 
ATOM   340  C CA  . PRO A 1 44 ? 7.021   -18.529 10.425  1.00 26.76 ? 44  PRO A CA  1 
ATOM   341  C C   . PRO A 1 44 ? 7.214   -17.051 10.751  1.00 24.79 ? 44  PRO A C   1 
ATOM   342  O O   . PRO A 1 44 ? 8.252   -16.659 11.277  1.00 23.69 ? 44  PRO A O   1 
ATOM   343  C CB  . PRO A 1 44 ? 6.504   -19.305 11.635  1.00 28.52 ? 44  PRO A CB  1 
ATOM   344  C CG  . PRO A 1 44 ? 7.268   -20.601 11.582  1.00 31.00 ? 44  PRO A CG  1 
ATOM   345  C CD  . PRO A 1 44 ? 8.645   -20.141 11.199  1.00 29.66 ? 44  PRO A CD  1 
ATOM   346  N N   . LYS A 1 45 ? 6.218   -16.235 10.434  1.00 22.76 ? 45  LYS A N   1 
ATOM   347  C CA  . LYS A 1 45 ? 6.288   -14.810 10.717  1.00 22.13 ? 45  LYS A CA  1 
ATOM   348  C C   . LYS A 1 45 ? 4.877   -14.266 10.836  1.00 20.89 ? 45  LYS A C   1 
ATOM   349  O O   . LYS A 1 45 ? 3.945   -14.810 10.245  1.00 21.98 ? 45  LYS A O   1 
ATOM   350  C CB  . LYS A 1 45 ? 7.023   -14.064 9.596   1.00 24.02 ? 45  LYS A CB  1 
ATOM   351  C CG  . LYS A 1 45 ? 7.190   -12.569 9.861   1.00 25.62 ? 45  LYS A CG  1 
ATOM   352  C CD  . LYS A 1 45 ? 7.893   -11.851 8.718   1.00 28.88 ? 45  LYS A CD  1 
ATOM   353  C CE  . LYS A 1 45 ? 8.224   -10.410 9.102   1.00 30.56 ? 45  LYS A CE  1 
ATOM   354  N NZ  . LYS A 1 45 ? 8.837   -9.627  7.990   1.00 32.13 ? 45  LYS A NZ  1 
ATOM   355  N N   . MET A 1 46 ? 4.718   -13.209 11.622  1.00 20.61 ? 46  MET A N   1 
ATOM   356  C CA  . MET A 1 46 ? 3.416   -12.575 11.778  1.00 20.75 ? 46  MET A CA  1 
ATOM   357  C C   . MET A 1 46 ? 3.537   -11.192 11.162  1.00 19.40 ? 46  MET A C   1 
ATOM   358  O O   . MET A 1 46 ? 4.473   -10.457 11.469  1.00 19.84 ? 46  MET A O   1 
ATOM   359  C CB  . MET A 1 46 ? 3.047   -12.435 13.263  1.00 23.65 ? 46  MET A CB  1 
ATOM   360  C CG  . MET A 1 46 ? 2.702   -13.739 13.962  1.00 27.11 ? 46  MET A CG  1 
ATOM   361  S SD  . MET A 1 46 ? 1.077   -14.373 13.509  1.00 33.02 ? 46  MET A SD  1 
ATOM   362  C CE  . MET A 1 46 ? 0.028   -13.470 14.673  1.00 33.06 ? 46  MET A CE  1 
ATOM   363  N N   . ILE A 1 47 ? 2.614   -10.842 10.274  1.00 18.54 ? 47  ILE A N   1 
ATOM   364  C CA  . ILE A 1 47 ? 2.641   -9.523  9.662   1.00 17.88 ? 47  ILE A CA  1 
ATOM   365  C C   . ILE A 1 47 ? 1.283   -8.881  9.870   1.00 18.13 ? 47  ILE A C   1 
ATOM   366  O O   . ILE A 1 47 ? 0.257   -9.563  9.895   1.00 18.87 ? 47  ILE A O   1 
ATOM   367  C CB  . ILE A 1 47 ? 2.945   -9.574  8.143   1.00 19.04 ? 47  ILE A CB  1 
ATOM   368  C CG1 . ILE A 1 47 ? 1.960   -10.511 7.440   1.00 21.23 ? 47  ILE A CG1 1 
ATOM   369  C CG2 . ILE A 1 47 ? 4.380   -10.006 7.912   1.00 19.62 ? 47  ILE A CG2 1 
ATOM   370  C CD1 . ILE A 1 47 ? 2.103   -10.523 5.929   1.00 23.46 ? 47  ILE A CD1 1 
ATOM   371  N N   . GLY A 1 48 ? 1.271   -7.565  10.025  1.00 18.22 ? 48  GLY A N   1 
ATOM   372  C CA  . GLY A 1 48 ? 0.012   -6.894  10.254  1.00 19.01 ? 48  GLY A CA  1 
ATOM   373  C C   . GLY A 1 48 ? -0.232  -5.730  9.329   1.00 19.85 ? 48  GLY A C   1 
ATOM   374  O O   . GLY A 1 48 ? 0.674   -5.225  8.669   1.00 21.02 ? 48  GLY A O   1 
ATOM   375  N N   . GLY A 1 49 ? -1.489  -5.322  9.286   1.00 19.89 ? 49  GLY A N   1 
ATOM   376  C CA  . GLY A 1 49 ? -1.904  -4.204  8.468   1.00 22.14 ? 49  GLY A CA  1 
ATOM   377  C C   . GLY A 1 49 ? -3.309  -3.879  8.911   1.00 21.58 ? 49  GLY A C   1 
ATOM   378  O O   . GLY A 1 49 ? -3.654  -4.071  10.078  1.00 21.33 ? 49  GLY A O   1 
ATOM   379  N N   . ILE A 1 50 ? -4.123  -3.393  7.983   1.00 21.97 ? 50  ILE A N   1 
ATOM   380  C CA  . ILE A 1 50 ? -5.501  -3.071  8.292   1.00 22.85 ? 50  ILE A CA  1 
ATOM   381  C C   . ILE A 1 50 ? -6.223  -4.377  8.608   1.00 22.93 ? 50  ILE A C   1 
ATOM   382  O O   . ILE A 1 50 ? -6.193  -5.317  7.813   1.00 25.00 ? 50  ILE A O   1 
ATOM   383  C CB  . ILE A 1 50 ? -6.196  -2.387  7.093   1.00 22.83 ? 50  ILE A CB  1 
ATOM   384  C CG1 . ILE A 1 50 ? -5.604  -0.992  6.874   1.00 25.77 ? 50  ILE A CG1 1 
ATOM   385  C CG2 . ILE A 1 50 ? -7.696  -2.305  7.329   1.00 25.35 ? 50  ILE A CG2 1 
ATOM   386  C CD1 . ILE A 1 50 ? -5.862  -0.037  8.005   1.00 26.05 ? 50  ILE A CD1 1 
ATOM   387  N N   . GLY A 1 51 ? -6.865  -4.433  9.769   1.00 23.54 ? 51  GLY A N   1 
ATOM   388  C CA  . GLY A 1 51 ? -7.590  -5.632  10.140  1.00 23.63 ? 51  GLY A CA  1 
ATOM   389  C C   . GLY A 1 51 ? -6.880  -6.458  11.188  1.00 23.91 ? 51  GLY A C   1 
ATOM   390  O O   . GLY A 1 51 ? -7.506  -7.233  11.911  1.00 25.25 ? 51  GLY A O   1 
ATOM   391  N N   . GLY A 1 52 ? -5.568  -6.300  11.279  1.00 22.52 ? 52  GLY A N   1 
ATOM   392  C CA  . GLY A 1 52 ? -4.829  -7.065  12.261  1.00 22.58 ? 52  GLY A CA  1 
ATOM   393  C C   . GLY A 1 52 ? -3.698  -7.857  11.645  1.00 21.80 ? 52  GLY A C   1 
ATOM   394  O O   . GLY A 1 52 ? -3.194  -7.513  10.575  1.00 20.56 ? 52  GLY A O   1 
ATOM   395  N N   . PHE A 1 53 ? -3.312  -8.936  12.312  1.00 20.67 ? 53  PHE A N   1 
ATOM   396  C CA  . PHE A 1 53 ? -2.206  -9.759  11.841  1.00 20.94 ? 53  PHE A CA  1 
ATOM   397  C C   . PHE A 1 53 ? -2.588  -11.110 11.266  1.00 21.41 ? 53  PHE A C   1 
ATOM   398  O O   . PHE A 1 53 ? -3.622  -11.679 11.608  1.00 22.22 ? 53  PHE A O   1 
ATOM   399  C CB  . PHE A 1 53 ? -1.216  -10.010 12.982  1.00 19.31 ? 53  PHE A CB  1 
ATOM   400  C CG  . PHE A 1 53 ? -0.467  -8.795  13.418  1.00 19.64 ? 53  PHE A CG  1 
ATOM   401  C CD1 . PHE A 1 53 ? -1.101  -7.786  14.133  1.00 20.35 ? 53  PHE A CD1 1 
ATOM   402  C CD2 . PHE A 1 53 ? 0.887   -8.667  13.133  1.00 19.91 ? 53  PHE A CD2 1 
ATOM   403  C CE1 . PHE A 1 53 ? -0.395  -6.669  14.559  1.00 23.08 ? 53  PHE A CE1 1 
ATOM   404  C CE2 . PHE A 1 53 ? 1.601   -7.554  13.554  1.00 22.80 ? 53  PHE A CE2 1 
ATOM   405  C CZ  . PHE A 1 53 ? 0.957   -6.551  14.272  1.00 21.80 ? 53  PHE A CZ  1 
ATOM   406  N N   . ILE A 1 54 ? -1.724  -11.618 10.391  1.00 21.86 ? 54  ILE A N   1 
ATOM   407  C CA  . ILE A 1 54 ? -1.901  -12.937 9.804   1.00 21.90 ? 54  ILE A CA  1 
ATOM   408  C C   . ILE A 1 54 ? -0.552  -13.646 9.881   1.00 21.28 ? 54  ILE A C   1 
ATOM   409  O O   . ILE A 1 54 ? 0.505   -13.008 9.896   1.00 20.39 ? 54  ILE A O   1 
ATOM   410  C CB  . ILE A 1 54 ? -2.366  -12.889 8.324   1.00 23.65 ? 54  ILE A CB  1 
ATOM   411  C CG1 . ILE A 1 54 ? -1.392  -12.066 7.482   1.00 24.38 ? 54  ILE A CG1 1 
ATOM   412  C CG2 . ILE A 1 54 ? -3.779  -12.330 8.243   1.00 23.46 ? 54  ILE A CG2 1 
ATOM   413  C CD1 . ILE A 1 54 ? -1.604  -12.233 5.981   1.00 26.04 ? 54  ILE A CD1 1 
ATOM   414  N N   . LYS A 1 55 ? -0.597  -14.970 9.961   1.00 20.88 ? 55  LYS A N   1 
ATOM   415  C CA  . LYS A 1 55 ? 0.612   -15.784 10.032  1.00 21.75 ? 55  LYS A CA  1 
ATOM   416  C C   . LYS A 1 55 ? 0.979   -16.175 8.605   1.00 21.74 ? 55  LYS A C   1 
ATOM   417  O O   . LYS A 1 55 ? 0.121   -16.612 7.841   1.00 21.42 ? 55  LYS A O   1 
ATOM   418  C CB  . LYS A 1 55 ? 0.328   -17.037 10.863  1.00 24.38 ? 55  LYS A CB  1 
ATOM   419  C CG  . LYS A 1 55 ? 1.519   -17.951 11.099  1.00 30.04 ? 55  LYS A CG  1 
ATOM   420  C CD  . LYS A 1 55 ? 1.065   -19.202 11.852  1.00 34.92 ? 55  LYS A CD  1 
ATOM   421  C CE  . LYS A 1 55 ? 2.233   -20.085 12.264  1.00 38.52 ? 55  LYS A CE  1 
ATOM   422  N NZ  . LYS A 1 55 ? 3.107   -19.407 13.264  1.00 41.63 ? 55  LYS A NZ  1 
ATOM   423  N N   . VAL A 1 56 ? 2.246   -15.998 8.243   1.00 19.47 ? 56  VAL A N   1 
ATOM   424  C CA  . VAL A 1 56 ? 2.714   -16.341 6.903   1.00 19.90 ? 56  VAL A CA  1 
ATOM   425  C C   . VAL A 1 56 ? 4.006   -17.146 6.990   1.00 21.03 ? 56  VAL A C   1 
ATOM   426  O O   . VAL A 1 56 ? 4.601   -17.267 8.055   1.00 22.92 ? 56  VAL A O   1 
ATOM   427  C CB  . VAL A 1 56 ? 3.007   -15.072 6.046   1.00 18.93 ? 56  VAL A CB  1 
ATOM   428  C CG1 . VAL A 1 56 ? 1.741   -14.256 5.850   1.00 17.49 ? 56  VAL A CG1 1 
ATOM   429  C CG2 . VAL A 1 56 ? 4.086   -14.233 6.714   1.00 20.25 ? 56  VAL A CG2 1 
ATOM   430  N N   . ARG A 1 57 ? 4.426   -17.700 5.859   1.00 21.09 ? 57  ARG A N   1 
ATOM   431  C CA  . ARG A 1 57 ? 5.661   -18.463 5.795   1.00 22.29 ? 57  ARG A CA  1 
ATOM   432  C C   . ARG A 1 57 ? 6.662   -17.596 5.041   1.00 20.96 ? 57  ARG A C   1 
ATOM   433  O O   . ARG A 1 57 ? 6.362   -17.083 3.968   1.00 21.84 ? 57  ARG A O   1 
ATOM   434  C CB  . ARG A 1 57 ? 5.441   -19.792 5.064   1.00 24.24 ? 57  ARG A CB  1 
ATOM   435  C CG  . ARG A 1 57 ? 4.395   -20.687 5.716   1.00 28.32 ? 57  ARG A CG  1 
ATOM   436  C CD  . ARG A 1 57 ? 4.552   -22.138 5.277   1.00 31.61 ? 57  ARG A CD  1 
ATOM   437  N NE  . ARG A 1 57 ? 4.603   -22.287 3.824   1.00 34.61 ? 57  ARG A NE  1 
ATOM   438  C CZ  . ARG A 1 57 ? 3.551   -22.177 3.021   1.00 36.68 ? 57  ARG A CZ  1 
ATOM   439  N NH1 . ARG A 1 57 ? 2.356   -21.919 3.530   1.00 38.76 ? 57  ARG A NH1 1 
ATOM   440  N NH2 . ARG A 1 57 ? 3.688   -22.328 1.710   1.00 36.67 ? 57  ARG A NH2 1 
ATOM   441  N N   . GLN A 1 58 ? 7.849   -17.428 5.611   1.00 22.10 ? 58  GLN A N   1 
ATOM   442  C CA  . GLN A 1 58 ? 8.880   -16.598 5.001   1.00 23.40 ? 58  GLN A CA  1 
ATOM   443  C C   . GLN A 1 58 ? 9.928   -17.383 4.215   1.00 24.87 ? 58  GLN A C   1 
ATOM   444  O O   . GLN A 1 58 ? 10.610  -18.244 4.768   1.00 25.32 ? 58  GLN A O   1 
ATOM   445  C CB  . GLN A 1 58 ? 9.585   -15.780 6.088   1.00 23.77 ? 58  GLN A CB  1 
ATOM   446  C CG  . GLN A 1 58 ? 10.669  -14.849 5.568   1.00 26.46 ? 58  GLN A CG  1 
ATOM   447  C CD  . GLN A 1 58 ? 11.517  -14.269 6.682   1.00 29.82 ? 58  GLN A CD  1 
ATOM   448  O OE1 . GLN A 1 58 ? 11.022  -13.996 7.772   1.00 34.31 ? 58  GLN A OE1 1 
ATOM   449  N NE2 . GLN A 1 58 ? 12.799  -14.066 6.409   1.00 30.66 ? 58  GLN A NE2 1 
ATOM   450  N N   . TYR A 1 59 ? 10.051  -17.077 2.925   1.00 24.82 ? 59  TYR A N   1 
ATOM   451  C CA  . TYR A 1 59 ? 11.047  -17.716 2.065   1.00 25.81 ? 59  TYR A CA  1 
ATOM   452  C C   . TYR A 1 59 ? 12.040  -16.636 1.643   1.00 26.99 ? 59  TYR A C   1 
ATOM   453  O O   . TYR A 1 59 ? 11.635  -15.552 1.233   1.00 26.72 ? 59  TYR A O   1 
ATOM   454  C CB  . TYR A 1 59 ? 10.407  -18.308 0.805   1.00 24.77 ? 59  TYR A CB  1 
ATOM   455  C CG  . TYR A 1 59 ? 9.496   -19.486 1.051   1.00 26.58 ? 59  TYR A CG  1 
ATOM   456  C CD1 . TYR A 1 59 ? 8.186   -19.302 1.490   1.00 25.34 ? 59  TYR A CD1 1 
ATOM   457  C CD2 . TYR A 1 59 ? 9.944   -20.792 0.839   1.00 26.80 ? 59  TYR A CD2 1 
ATOM   458  C CE1 . TYR A 1 59 ? 7.340   -20.388 1.709   1.00 27.24 ? 59  TYR A CE1 1 
ATOM   459  C CE2 . TYR A 1 59 ? 9.110   -21.883 1.058   1.00 27.90 ? 59  TYR A CE2 1 
ATOM   460  C CZ  . TYR A 1 59 ? 7.809   -21.676 1.491   1.00 27.66 ? 59  TYR A CZ  1 
ATOM   461  O OH  . TYR A 1 59 ? 6.971   -22.754 1.691   1.00 30.15 ? 59  TYR A OH  1 
ATOM   462  N N   . ASP A 1 60 ? 13.334  -16.928 1.736   1.00 28.22 ? 60  ASP A N   1 
ATOM   463  C CA  . ASP A 1 60 ? 14.351  -15.954 1.342   1.00 29.85 ? 60  ASP A CA  1 
ATOM   464  C C   . ASP A 1 60 ? 14.987  -16.298 -0.009  1.00 30.19 ? 60  ASP A C   1 
ATOM   465  O O   . ASP A 1 60 ? 14.831  -17.410 -0.516  1.00 29.90 ? 60  ASP A O   1 
ATOM   466  C CB  . ASP A 1 60 ? 15.446  -15.862 2.414   1.00 32.52 ? 60  ASP A CB  1 
ATOM   467  C CG  . ASP A 1 60 ? 14.912  -15.419 3.762   1.00 35.33 ? 60  ASP A CG  1 
ATOM   468  O OD1 . ASP A 1 60 ? 14.203  -14.390 3.815   1.00 36.50 ? 60  ASP A OD1 1 
ATOM   469  O OD2 . ASP A 1 60 ? 15.206  -16.094 4.772   1.00 37.41 ? 60  ASP A OD2 1 
ATOM   470  N N   . GLN A 1 61 ? 15.689  -15.330 -0.589  1.00 30.91 ? 61  GLN A N   1 
ATOM   471  C CA  . GLN A 1 61 ? 16.372  -15.518 -1.868  1.00 32.50 ? 61  GLN A CA  1 
ATOM   472  C C   . GLN A 1 61 ? 15.467  -16.008 -2.993  1.00 31.23 ? 61  GLN A C   1 
ATOM   473  O O   . GLN A 1 61 ? 15.886  -16.822 -3.811  1.00 31.71 ? 61  GLN A O   1 
ATOM   474  C CB  . GLN A 1 61 ? 17.526  -16.515 -1.710  1.00 35.50 ? 61  GLN A CB  1 
ATOM   475  C CG  . GLN A 1 61 ? 18.542  -16.187 -0.625  1.00 42.19 ? 61  GLN A CG  1 
ATOM   476  C CD  . GLN A 1 61 ? 19.375  -14.958 -0.936  1.00 45.10 ? 61  GLN A CD  1 
ATOM   477  O OE1 . GLN A 1 61 ? 20.562  -14.903 -0.613  1.00 48.33 ? 61  GLN A OE1 1 
ATOM   478  N NE2 . GLN A 1 61 ? 18.754  -13.961 -1.555  1.00 47.17 ? 61  GLN A NE2 1 
ATOM   479  N N   . ILE A 1 62 ? 14.233  -15.523 -3.044  1.00 29.21 ? 62  ILE A N   1 
ATOM   480  C CA  . ILE A 1 62 ? 13.317  -15.952 -4.092  1.00 28.65 ? 62  ILE A CA  1 
ATOM   481  C C   . ILE A 1 62 ? 13.398  -15.023 -5.295  1.00 29.11 ? 62  ILE A C   1 
ATOM   482  O O   . ILE A 1 62 ? 13.402  -13.806 -5.147  1.00 27.94 ? 62  ILE A O   1 
ATOM   483  C CB  . ILE A 1 62 ? 11.857  -15.991 -3.586  1.00 28.67 ? 62  ILE A CB  1 
ATOM   484  C CG1 . ILE A 1 62 ? 11.733  -16.986 -2.429  1.00 28.27 ? 62  ILE A CG1 1 
ATOM   485  C CG2 . ILE A 1 62 ? 10.920  -16.398 -4.718  1.00 27.57 ? 62  ILE A CG2 1 
ATOM   486  C CD1 . ILE A 1 62 ? 12.056  -18.424 -2.817  1.00 28.25 ? 62  ILE A CD1 1 
ATOM   487  N N   . LEU A 1 63 ? 13.471  -15.605 -6.486  1.00 29.66 ? 63  LEU A N   1 
ATOM   488  C CA  . LEU A 1 63 ? 13.544  -14.819 -7.711  1.00 31.01 ? 63  LEU A CA  1 
ATOM   489  C C   . LEU A 1 63 ? 12.151  -14.545 -8.259  1.00 30.63 ? 63  LEU A C   1 
ATOM   490  O O   . LEU A 1 63 ? 11.332  -15.455 -8.395  1.00 30.74 ? 63  LEU A O   1 
ATOM   491  C CB  . LEU A 1 63 ? 14.383  -15.557 -8.766  1.00 32.86 ? 63  LEU A CB  1 
ATOM   492  C CG  . LEU A 1 63 ? 14.495  -14.990 -10.193 1.00 35.85 ? 63  LEU A CG  1 
ATOM   493  C CD1 . LEU A 1 63 ? 13.243  -15.307 -11.002 1.00 36.51 ? 63  LEU A CD1 1 
ATOM   494  C CD2 . LEU A 1 63 ? 14.737  -13.489 -10.131 1.00 36.57 ? 63  LEU A CD2 1 
ATOM   495  N N   . ILE A 1 64 ? 11.883  -13.280 -8.562  1.00 30.82 ? 64  ILE A N   1 
ATOM   496  C CA  . ILE A 1 64 ? 10.596  -12.886 -9.120  1.00 32.00 ? 64  ILE A CA  1 
ATOM   497  C C   . ILE A 1 64 ? 10.824  -11.973 -10.310 1.00 32.79 ? 64  ILE A C   1 
ATOM   498  O O   . ILE A 1 64 ? 11.733  -11.146 -10.303 1.00 33.39 ? 64  ILE A O   1 
ATOM   499  C CB  . ILE A 1 64 ? 9.716   -12.120 -8.102  1.00 33.61 ? 64  ILE A CB  1 
ATOM   500  C CG1 . ILE A 1 64 ? 9.319   -13.044 -6.951  1.00 34.92 ? 64  ILE A CG1 1 
ATOM   501  C CG2 . ILE A 1 64 ? 8.463   -11.577 -8.796  1.00 33.98 ? 64  ILE A CG2 1 
ATOM   502  C CD1 . ILE A 1 64 ? 8.244   -12.469 -6.052  1.00 36.70 ? 64  ILE A CD1 1 
ATOM   503  N N   . GLU A 1 65 ? 9.993   -12.129 -11.330 1.00 32.21 ? 65  GLU A N   1 
ATOM   504  C CA  . GLU A 1 65 ? 10.091  -11.299 -12.516 1.00 33.78 ? 65  GLU A CA  1 
ATOM   505  C C   . GLU A 1 65 ? 8.878   -10.366 -12.494 1.00 34.19 ? 65  GLU A C   1 
ATOM   506  O O   . GLU A 1 65 ? 7.738   -10.822 -12.431 1.00 32.98 ? 65  GLU A O   1 
ATOM   507  C CB  . GLU A 1 65 ? 10.080  -12.182 -13.764 1.00 35.85 ? 65  GLU A CB  1 
ATOM   508  C CG  . GLU A 1 65 ? 10.586  -11.500 -15.015 1.00 40.97 ? 65  GLU A CG  1 
ATOM   509  C CD  . GLU A 1 65 ? 10.754  -12.469 -16.168 1.00 43.29 ? 65  GLU A CD  1 
ATOM   510  O OE1 . GLU A 1 65 ? 9.739   -13.034 -16.629 1.00 45.54 ? 65  GLU A OE1 1 
ATOM   511  O OE2 . GLU A 1 65 ? 11.905  -12.671 -16.610 1.00 46.53 ? 65  GLU A OE2 1 
ATOM   512  N N   . ILE A 1 66 ? 9.132   -9.061  -12.521 1.00 34.36 ? 66  ILE A N   1 
ATOM   513  C CA  . ILE A 1 66 ? 8.060   -8.068  -12.483 1.00 36.69 ? 66  ILE A CA  1 
ATOM   514  C C   . ILE A 1 66 ? 8.080   -7.213  -13.744 1.00 37.63 ? 66  ILE A C   1 
ATOM   515  O O   . ILE A 1 66 ? 8.972   -6.387  -13.926 1.00 36.64 ? 66  ILE A O   1 
ATOM   516  C CB  . ILE A 1 66 ? 8.207   -7.150  -11.247 1.00 37.05 ? 66  ILE A CB  1 
ATOM   517  C CG1 . ILE A 1 66 ? 8.207   -7.998  -9.974  1.00 37.21 ? 66  ILE A CG1 1 
ATOM   518  C CG2 . ILE A 1 66 ? 7.077   -6.132  -11.207 1.00 37.59 ? 66  ILE A CG2 1 
ATOM   519  C CD1 . ILE A 1 66 ? 8.450   -7.215  -8.706  1.00 38.06 ? 66  ILE A CD1 1 
ATOM   520  N N   . CYS A 1 67 ? 7.089   -7.411  -14.610 1.00 40.50 ? 67  CYS A N   1 
ATOM   521  C CA  . CYS A 1 67 ? 7.011   -6.668  -15.864 1.00 43.08 ? 67  CYS A CA  1 
ATOM   522  C C   . CYS A 1 67 ? 8.306   -6.790  -16.656 1.00 43.23 ? 67  CYS A C   1 
ATOM   523  O O   . CYS A 1 67 ? 8.718   -5.845  -17.332 1.00 44.09 ? 67  CYS A O   1 
ATOM   524  C CB  . CYS A 1 67 ? 6.721   -5.187  -15.604 1.00 44.50 ? 67  CYS A CB  1 
ATOM   525  S SG  . CYS A 1 67 ? 4.999   -4.812  -15.245 1.00 50.48 ? 67  CYS A SG  1 
ATOM   526  N N   . GLY A 1 68 ? 8.953   -7.948  -16.563 1.00 43.02 ? 68  GLY A N   1 
ATOM   527  C CA  . GLY A 1 68 ? 10.192  -8.150  -17.292 1.00 42.80 ? 68  GLY A CA  1 
ATOM   528  C C   . GLY A 1 68 ? 11.459  -7.973  -16.473 1.00 42.55 ? 68  GLY A C   1 
ATOM   529  O O   . GLY A 1 68 ? 12.491  -8.558  -16.798 1.00 43.18 ? 68  GLY A O   1 
ATOM   530  N N   . HIS A 1 69 ? 11.388  -7.169  -15.413 1.00 41.30 ? 69  HIS A N   1 
ATOM   531  C CA  . HIS A 1 69 ? 12.549  -6.925  -14.562 1.00 40.11 ? 69  HIS A CA  1 
ATOM   532  C C   . HIS A 1 69 ? 12.726  -8.019  -13.512 1.00 39.11 ? 69  HIS A C   1 
ATOM   533  O O   . HIS A 1 69 ? 11.786  -8.357  -12.794 1.00 38.19 ? 69  HIS A O   1 
ATOM   534  C CB  . HIS A 1 69 ? 12.413  -5.580  -13.843 1.00 41.40 ? 69  HIS A CB  1 
ATOM   535  C CG  . HIS A 1 69 ? 12.234  -4.411  -14.760 1.00 42.79 ? 69  HIS A CG  1 
ATOM   536  N ND1 . HIS A 1 69 ? 11.116  -4.246  -15.549 1.00 43.39 ? 69  HIS A ND1 1 
ATOM   537  C CD2 . HIS A 1 69 ? 13.028  -3.341  -15.003 1.00 43.44 ? 69  HIS A CD2 1 
ATOM   538  C CE1 . HIS A 1 69 ? 11.228  -3.124  -16.238 1.00 43.79 ? 69  HIS A CE1 1 
ATOM   539  N NE2 . HIS A 1 69 ? 12.380  -2.556  -15.925 1.00 44.21 ? 69  HIS A NE2 1 
ATOM   540  N N   . LYS A 1 70 ? 13.935  -8.563  -13.414 1.00 37.89 ? 70  LYS A N   1 
ATOM   541  C CA  . LYS A 1 70 ? 14.204  -9.599  -12.429 1.00 37.13 ? 70  LYS A CA  1 
ATOM   542  C C   . LYS A 1 70 ? 14.561  -8.972  -11.089 1.00 36.24 ? 70  LYS A C   1 
ATOM   543  O O   . LYS A 1 70 ? 15.212  -7.930  -11.035 1.00 36.23 ? 70  LYS A O   1 
ATOM   544  C CB  . LYS A 1 70 ? 15.349  -10.499 -12.889 1.00 39.00 ? 70  LYS A CB  1 
ATOM   545  C CG  . LYS A 1 70 ? 15.054  -11.269 -14.159 1.00 41.78 ? 70  LYS A CG  1 
ATOM   546  C CD  . LYS A 1 70 ? 16.175  -12.239 -14.479 1.00 44.33 ? 70  LYS A CD  1 
ATOM   547  C CE  . LYS A 1 70 ? 15.918  -12.970 -15.789 1.00 46.54 ? 70  LYS A CE  1 
ATOM   548  N NZ  . LYS A 1 70 ? 17.000  -13.949 -16.094 1.00 48.78 ? 70  LYS A NZ  1 
ATOM   549  N N   . ALA A 1 71 ? 14.128  -9.611  -10.008 1.00 33.53 ? 71  ALA A N   1 
ATOM   550  C CA  . ALA A 1 71 ? 14.411  -9.124  -8.665  1.00 32.40 ? 71  ALA A CA  1 
ATOM   551  C C   . ALA A 1 71 ? 14.564  -10.309 -7.720  1.00 31.48 ? 71  ALA A C   1 
ATOM   552  O O   . ALA A 1 71 ? 13.954  -11.360 -7.924  1.00 32.71 ? 71  ALA A O   1 
ATOM   553  C CB  . ALA A 1 71 ? 13.286  -8.212  -8.186  1.00 32.14 ? 71  ALA A CB  1 
ATOM   554  N N   . ILE A 1 72 ? 15.387  -10.133 -6.694  1.00 28.49 ? 72  ILE A N   1 
ATOM   555  C CA  . ILE A 1 72 ? 15.630  -11.177 -5.708  1.00 27.19 ? 72  ILE A CA  1 
ATOM   556  C C   . ILE A 1 72 ? 15.263  -10.613 -4.348  1.00 25.73 ? 72  ILE A C   1 
ATOM   557  O O   . ILE A 1 72 ? 15.536  -9.452  -4.067  1.00 24.83 ? 72  ILE A O   1 
ATOM   558  C CB  . ILE A 1 72 ? 17.120  -11.579 -5.660  1.00 29.55 ? 72  ILE A CB  1 
ATOM   559  C CG1 . ILE A 1 72 ? 17.587  -12.062 -7.037  1.00 32.04 ? 72  ILE A CG1 1 
ATOM   560  C CG2 . ILE A 1 72 ? 17.324  -12.658 -4.602  1.00 30.94 ? 72  ILE A CG2 1 
ATOM   561  C CD1 . ILE A 1 72 ? 16.915  -13.330 -7.508  1.00 34.73 ? 72  ILE A CD1 1 
ATOM   562  N N   . GLY A 1 73 ? 14.647  -11.429 -3.504  1.00 24.47 ? 73  GLY A N   1 
ATOM   563  C CA  . GLY A 1 73 ? 14.282  -10.949 -2.187  1.00 22.40 ? 73  GLY A CA  1 
ATOM   564  C C   . GLY A 1 73 ? 13.460  -11.930 -1.382  1.00 22.68 ? 73  GLY A C   1 
ATOM   565  O O   . GLY A 1 73 ? 13.229  -13.062 -1.799  1.00 22.65 ? 73  GLY A O   1 
ATOM   566  N N   . THR A 1 74 ? 13.019  -11.485 -0.215  1.00 21.74 ? 74  THR A N   1 
ATOM   567  C CA  . THR A 1 74 ? 12.212  -12.319 0.650   1.00 22.09 ? 74  THR A CA  1 
ATOM   568  C C   . THR A 1 74 ? 10.757  -12.241 0.215   1.00 21.09 ? 74  THR A C   1 
ATOM   569  O O   . THR A 1 74 ? 10.255  -11.173 -0.131  1.00 21.59 ? 74  THR A O   1 
ATOM   570  C CB  . THR A 1 74 ? 12.346  -11.868 2.109   1.00 23.83 ? 74  THR A CB  1 
ATOM   571  O OG1 . THR A 1 74 ? 13.695  -12.089 2.541   1.00 26.61 ? 74  THR A OG1 1 
ATOM   572  C CG2 . THR A 1 74 ? 11.381  -12.632 3.006   1.00 23.47 ? 74  THR A CG2 1 
ATOM   573  N N   . VAL A 1 75 ? 10.093  -13.388 0.210   1.00 20.31 ? 75  VAL A N   1 
ATOM   574  C CA  . VAL A 1 75 ? 8.693   -13.454 -0.163  1.00 20.15 ? 75  VAL A CA  1 
ATOM   575  C C   . VAL A 1 75 ? 7.933   -14.166 0.939   1.00 20.87 ? 75  VAL A C   1 
ATOM   576  O O   . VAL A 1 75 ? 8.358   -15.220 1.421   1.00 21.09 ? 75  VAL A O   1 
ATOM   577  C CB  . VAL A 1 75 ? 8.493   -14.218 -1.482  1.00 21.84 ? 75  VAL A CB  1 
ATOM   578  C CG1 . VAL A 1 75 ? 7.014   -14.372 -1.778  1.00 23.77 ? 75  VAL A CG1 1 
ATOM   579  C CG2 . VAL A 1 75 ? 9.169   -13.475 -2.606  1.00 20.88 ? 75  VAL A CG2 1 
ATOM   580  N N   . LEU A 1 76 ? 6.819   -13.573 1.349   1.00 19.16 ? 76  LEU A N   1 
ATOM   581  C CA  . LEU A 1 76 ? 5.986   -14.156 2.389   1.00 19.57 ? 76  LEU A CA  1 
ATOM   582  C C   . LEU A 1 76 ? 4.792   -14.807 1.707   1.00 19.29 ? 76  LEU A C   1 
ATOM   583  O O   . LEU A 1 76 ? 4.238   -14.260 0.753   1.00 20.88 ? 76  LEU A O   1 
ATOM   584  C CB  . LEU A 1 76 ? 5.510   -13.072 3.362   1.00 18.60 ? 76  LEU A CB  1 
ATOM   585  C CG  . LEU A 1 76 ? 6.623   -12.213 3.971   1.00 17.70 ? 76  LEU A CG  1 
ATOM   586  C CD1 . LEU A 1 76 ? 6.019   -11.230 4.956   1.00 19.09 ? 76  LEU A CD1 1 
ATOM   587  C CD2 . LEU A 1 76 ? 7.655   -13.112 4.655   1.00 18.73 ? 76  LEU A CD2 1 
ATOM   588  N N   . VAL A 1 77 ? 4.401   -15.980 2.192   1.00 18.54 ? 77  VAL A N   1 
ATOM   589  C CA  . VAL A 1 77 ? 3.274   -16.698 1.616   1.00 18.84 ? 77  VAL A CA  1 
ATOM   590  C C   . VAL A 1 77 ? 2.251   -16.947 2.712   1.00 19.42 ? 77  VAL A C   1 
ATOM   591  O O   . VAL A 1 77 ? 2.598   -17.437 3.788   1.00 18.48 ? 77  VAL A O   1 
ATOM   592  C CB  . VAL A 1 77 ? 3.723   -18.054 1.027   1.00 21.43 ? 77  VAL A CB  1 
ATOM   593  C CG1 . VAL A 1 77 ? 2.537   -18.778 0.417   1.00 22.70 ? 77  VAL A CG1 1 
ATOM   594  C CG2 . VAL A 1 77 ? 4.806   -17.825 -0.007  1.00 22.84 ? 77  VAL A CG2 1 
ATOM   595  N N   . GLY A 1 78 ? 0.996   -16.604 2.440   1.00 19.33 ? 78  GLY A N   1 
ATOM   596  C CA  . GLY A 1 78 ? -0.036  -16.796 3.442   1.00 21.19 ? 78  GLY A CA  1 
ATOM   597  C C   . GLY A 1 78 ? -1.429  -16.428 2.972   1.00 21.38 ? 78  GLY A C   1 
ATOM   598  O O   . GLY A 1 78 ? -1.644  -16.184 1.780   1.00 22.90 ? 78  GLY A O   1 
ATOM   599  N N   . PRO A 1 79 ? -2.402  -16.369 3.894   1.00 22.78 ? 79  PRO A N   1 
ATOM   600  C CA  . PRO A 1 79 ? -3.796  -16.035 3.587   1.00 24.27 ? 79  PRO A CA  1 
ATOM   601  C C   . PRO A 1 79 ? -4.119  -14.587 3.230   1.00 25.91 ? 79  PRO A C   1 
ATOM   602  O O   . PRO A 1 79 ? -5.008  -13.981 3.825   1.00 26.17 ? 79  PRO A O   1 
ATOM   603  C CB  . PRO A 1 79 ? -4.544  -16.503 4.835   1.00 24.83 ? 79  PRO A CB  1 
ATOM   604  C CG  . PRO A 1 79 ? -3.544  -16.268 5.926   1.00 25.36 ? 79  PRO A CG  1 
ATOM   605  C CD  . PRO A 1 79 ? -2.253  -16.765 5.307   1.00 23.06 ? 79  PRO A CD  1 
ATOM   606  N N   . THR A 1 80 ? -3.402  -14.029 2.261   1.00 26.49 ? 80  THR A N   1 
ATOM   607  C CA  . THR A 1 80 ? -3.672  -12.663 1.830   1.00 26.69 ? 80  THR A CA  1 
ATOM   608  C C   . THR A 1 80 ? -4.686  -12.747 0.686   1.00 27.58 ? 80  THR A C   1 
ATOM   609  O O   . THR A 1 80 ? -4.577  -13.607 -0.185  1.00 26.92 ? 80  THR A O   1 
ATOM   610  C CB  . THR A 1 80 ? -2.397  -11.956 1.316   1.00 25.11 ? 80  THR A CB  1 
ATOM   611  O OG1 . THR A 1 80 ? -2.722  -10.611 0.929   1.00 24.32 ? 80  THR A OG1 1 
ATOM   612  C CG2 . THR A 1 80 ? -1.816  -12.701 0.116   1.00 23.65 ? 80  THR A CG2 1 
ATOM   613  N N   . PRO A 1 81 ? -5.690  -11.859 0.674   1.00 29.79 ? 81  PRO A N   1 
ATOM   614  C CA  . PRO A 1 81 ? -6.679  -11.916 -0.406  1.00 30.00 ? 81  PRO A CA  1 
ATOM   615  C C   . PRO A 1 81 ? -6.187  -11.390 -1.754  1.00 29.71 ? 81  PRO A C   1 
ATOM   616  O O   . PRO A 1 81 ? -6.844  -11.578 -2.775  1.00 29.95 ? 81  PRO A O   1 
ATOM   617  C CB  . PRO A 1 81 ? -7.842  -11.103 0.152   1.00 31.27 ? 81  PRO A CB  1 
ATOM   618  C CG  . PRO A 1 81 ? -7.164  -10.097 0.981   1.00 31.09 ? 81  PRO A CG  1 
ATOM   619  C CD  . PRO A 1 81 ? -6.077  -10.869 1.692   1.00 31.34 ? 81  PRO A CD  1 
ATOM   620  N N   . VAL A 1 82 ? -5.031  -10.735 -1.761  1.00 27.97 ? 82  VAL A N   1 
ATOM   621  C CA  . VAL A 1 82 ? -4.478  -10.207 -3.000  1.00 25.96 ? 82  VAL A CA  1 
ATOM   622  C C   . VAL A 1 82 ? -2.956  -10.294 -2.964  1.00 25.07 ? 82  VAL A C   1 
ATOM   623  O O   . VAL A 1 82 ? -2.349  -10.143 -1.902  1.00 23.63 ? 82  VAL A O   1 
ATOM   624  C CB  . VAL A 1 82 ? -4.910  -8.733  -3.219  1.00 29.37 ? 82  VAL A CB  1 
ATOM   625  C CG1 . VAL A 1 82 ? -4.382  -7.872  -2.112  1.00 30.11 ? 82  VAL A CG1 1 
ATOM   626  C CG2 . VAL A 1 82 ? -4.402  -8.223  -4.557  1.00 30.65 ? 82  VAL A CG2 1 
ATOM   627  N N   . ASN A 1 83 ? -2.341  -10.559 -4.114  1.00 22.27 ? 83  ASN A N   1 
ATOM   628  C CA  . ASN A 1 83 ? -0.887  -10.654 -4.176  1.00 21.34 ? 83  ASN A CA  1 
ATOM   629  C C   . ASN A 1 83 ? -0.298  -9.257  -4.075  1.00 20.16 ? 83  ASN A C   1 
ATOM   630  O O   . ASN A 1 83 ? -0.714  -8.344  -4.781  1.00 20.50 ? 83  ASN A O   1 
ATOM   631  C CB  . ASN A 1 83 ? -0.445  -11.345 -5.464  1.00 22.44 ? 83  ASN A CB  1 
ATOM   632  C CG  . ASN A 1 83 ? -0.828  -12.811 -5.486  1.00 25.82 ? 83  ASN A CG  1 
ATOM   633  O OD1 . ASN A 1 83 ? -0.693  -13.506 -4.479  1.00 25.74 ? 83  ASN A OD1 1 
ATOM   634  N ND2 . ASN A 1 83 ? -1.299  -13.289 -6.632  1.00 25.43 ? 83  ASN A ND2 1 
ATOM   635  N N   . ILE A 1 84 ? 0.673   -9.103  -3.186  1.00 18.46 ? 84  ILE A N   1 
ATOM   636  C CA  . ILE A 1 84 ? 1.279   -7.806  -2.943  1.00 17.98 ? 84  ILE A CA  1 
ATOM   637  C C   . ILE A 1 84 ? 2.780   -7.756  -3.185  1.00 15.97 ? 84  ILE A C   1 
ATOM   638  O O   . ILE A 1 84 ? 3.521   -8.559  -2.637  1.00 17.15 ? 84  ILE A O   1 
ATOM   639  C CB  . ILE A 1 84 ? 1.031   -7.379  -1.477  1.00 18.37 ? 84  ILE A CB  1 
ATOM   640  C CG1 . ILE A 1 84 ? -0.466  -7.276  -1.211  1.00 18.52 ? 84  ILE A CG1 1 
ATOM   641  C CG2 . ILE A 1 84 ? 1.733   -6.054  -1.180  1.00 17.77 ? 84  ILE A CG2 1 
ATOM   642  C CD1 . ILE A 1 84 ? -0.794  -7.165  0.267   1.00 22.57 ? 84  ILE A CD1 1 
ATOM   643  N N   . ILE A 1 85 ? 3.217   -6.804  -4.007  1.00 15.97 ? 85  ILE A N   1 
ATOM   644  C CA  . ILE A 1 85 ? 4.641   -6.612  -4.270  1.00 15.93 ? 85  ILE A CA  1 
ATOM   645  C C   . ILE A 1 85 ? 4.987   -5.419  -3.394  1.00 15.37 ? 85  ILE A C   1 
ATOM   646  O O   . ILE A 1 85 ? 4.532   -4.307  -3.652  1.00 15.75 ? 85  ILE A O   1 
ATOM   647  C CB  . ILE A 1 85 ? 4.914   -6.261  -5.748  1.00 16.71 ? 85  ILE A CB  1 
ATOM   648  C CG1 . ILE A 1 85 ? 4.418   -7.400  -6.647  1.00 18.41 ? 85  ILE A CG1 1 
ATOM   649  C CG2 . ILE A 1 85 ? 6.403   -6.008  -5.958  1.00 17.41 ? 85  ILE A CG2 1 
ATOM   650  C CD1 . ILE A 1 85 ? 5.029   -8.753  -6.328  1.00 21.94 ? 85  ILE A CD1 1 
ATOM   651  N N   . GLY A 1 86 ? 5.773   -5.665  -2.350  1.00 15.42 ? 86  GLY A N   1 
ATOM   652  C CA  . GLY A 1 86 ? 6.133   -4.615  -1.415  1.00 16.99 ? 86  GLY A CA  1 
ATOM   653  C C   . GLY A 1 86 ? 7.428   -3.890  -1.719  1.00 16.71 ? 86  GLY A C   1 
ATOM   654  O O   . GLY A 1 86 ? 8.077   -4.146  -2.726  1.00 17.48 ? 86  GLY A O   1 
ATOM   655  N N   . ARG A 1 87 ? 7.805   -2.982  -0.829  1.00 17.96 ? 87  ARG A N   1 
ATOM   656  C CA  . ARG A 1 87 ? 9.015   -2.192  -1.014  1.00 16.71 ? 87  ARG A CA  1 
ATOM   657  C C   . ARG A 1 87 ? 10.310  -2.975  -1.163  1.00 17.88 ? 87  ARG A C   1 
ATOM   658  O O   . ARG A 1 87 ? 11.226  -2.520  -1.860  1.00 18.70 ? 87  ARG A O   1 
ATOM   659  C CB  . ARG A 1 87 ? 9.161   -1.180  0.123   1.00 15.89 ? 87  ARG A CB  1 
ATOM   660  C CG  . ARG A 1 87 ? 8.066   -0.127  0.110   1.00 16.12 ? 87  ARG A CG  1 
ATOM   661  C CD  . ARG A 1 87 ? 8.343   1.009   1.081   1.00 15.30 ? 87  ARG A CD  1 
ATOM   662  N NE  . ARG A 1 87 ? 8.380   0.553   2.464   1.00 16.68 ? 87  ARG A NE  1 
ATOM   663  C CZ  . ARG A 1 87 ? 9.496   0.290   3.133   1.00 17.66 ? 87  ARG A CZ  1 
ATOM   664  N NH1 . ARG A 1 87 ? 10.680  0.444   2.547   1.00 17.06 ? 87  ARG A NH1 1 
ATOM   665  N NH2 . ARG A 1 87 ? 9.426   -0.130  4.389   1.00 18.90 ? 87  ARG A NH2 1 
ATOM   666  N N   . ASN A 1 88 ? 10.405  -4.143  -0.531  1.00 17.09 ? 88  ASN A N   1 
ATOM   667  C CA  . ASN A 1 88 ? 11.642  -4.913  -0.623  1.00 18.18 ? 88  ASN A CA  1 
ATOM   668  C C   . ASN A 1 88 ? 11.965  -5.283  -2.067  1.00 19.07 ? 88  ASN A C   1 
ATOM   669  O O   . ASN A 1 88 ? 13.134  -5.386  -2.432  1.00 19.21 ? 88  ASN A O   1 
ATOM   670  C CB  . ASN A 1 88 ? 11.593  -6.161  0.277   1.00 18.79 ? 88  ASN A CB  1 
ATOM   671  C CG  . ASN A 1 88 ? 10.630  -7.216  -0.227  1.00 20.97 ? 88  ASN A CG  1 
ATOM   672  O OD1 . ASN A 1 88 ? 9.459   -6.938  -0.468  1.00 19.78 ? 88  ASN A OD1 1 
ATOM   673  N ND2 . ASN A 1 88 ? 11.124  -8.449  -0.378  1.00 20.50 ? 88  ASN A ND2 1 
ATOM   674  N N   . LEU A 1 89 ? 10.938  -5.459  -2.894  1.00 17.55 ? 89  LEU A N   1 
ATOM   675  C CA  . LEU A 1 89 ? 11.167  -5.783  -4.298  1.00 17.71 ? 89  LEU A CA  1 
ATOM   676  C C   . LEU A 1 89 ? 10.983  -4.574  -5.221  1.00 17.79 ? 89  LEU A C   1 
ATOM   677  O O   . LEU A 1 89 ? 11.616  -4.498  -6.280  1.00 18.17 ? 89  LEU A O   1 
ATOM   678  C CB  . LEU A 1 89 ? 10.254  -6.929  -4.749  1.00 18.78 ? 89  LEU A CB  1 
ATOM   679  C CG  . LEU A 1 89 ? 10.467  -8.273  -4.051  1.00 21.39 ? 89  LEU A CG  1 
ATOM   680  C CD1 . LEU A 1 89 ? 9.551   -9.318  -4.672  1.00 22.99 ? 89  LEU A CD1 1 
ATOM   681  C CD2 . LEU A 1 89 ? 11.929  -8.703  -4.187  1.00 21.38 ? 89  LEU A CD2 1 
ATOM   682  N N   . LEU A 1 90 ? 10.128  -3.627  -4.833  1.00 17.60 ? 90  LEU A N   1 
ATOM   683  C CA  . LEU A 1 90 ? 9.913   -2.437  -5.663  1.00 17.15 ? 90  LEU A CA  1 
ATOM   684  C C   . LEU A 1 90 ? 11.214  -1.655  -5.855  1.00 17.63 ? 90  LEU A C   1 
ATOM   685  O O   . LEU A 1 90 ? 11.458  -1.082  -6.916  1.00 18.95 ? 90  LEU A O   1 
ATOM   686  C CB  . LEU A 1 90 ? 8.854   -1.523  -5.034  1.00 17.95 ? 90  LEU A CB  1 
ATOM   687  C CG  . LEU A 1 90 ? 7.422   -2.070  -4.971  1.00 17.57 ? 90  LEU A CG  1 
ATOM   688  C CD1 . LEU A 1 90 ? 6.521   -1.083  -4.219  1.00 19.24 ? 90  LEU A CD1 1 
ATOM   689  C CD2 . LEU A 1 90 ? 6.905   -2.292  -6.382  1.00 20.70 ? 90  LEU A CD2 1 
ATOM   690  N N   . THR A 1 91 ? 12.048  -1.639  -4.822  1.00 17.75 ? 91  THR A N   1 
ATOM   691  C CA  . THR A 1 91 ? 13.328  -0.943  -4.889  1.00 18.56 ? 91  THR A CA  1 
ATOM   692  C C   . THR A 1 91 ? 14.255  -1.586  -5.917  1.00 18.56 ? 91  THR A C   1 
ATOM   693  O O   . THR A 1 91 ? 14.967  -0.887  -6.641  1.00 19.46 ? 91  THR A O   1 
ATOM   694  C CB  . THR A 1 91 ? 14.063  -0.968  -3.531  1.00 19.36 ? 91  THR A CB  1 
ATOM   695  O OG1 . THR A 1 91 ? 14.257  -2.330  -3.124  1.00 21.05 ? 91  THR A OG1 1 
ATOM   696  C CG2 . THR A 1 91 ? 13.261  -0.225  -2.469  1.00 18.94 ? 91  THR A CG2 1 
ATOM   697  N N   . GLN A 1 92 ? 14.243  -2.916  -5.977  1.00 18.24 ? 92  GLN A N   1 
ATOM   698  C CA  . GLN A 1 92 ? 15.121  -3.633  -6.902  1.00 19.37 ? 92  GLN A CA  1 
ATOM   699  C C   . GLN A 1 92 ? 14.833  -3.367  -8.376  1.00 21.23 ? 92  GLN A C   1 
ATOM   700  O O   . GLN A 1 92 ? 15.723  -3.507  -9.209  1.00 21.23 ? 92  GLN A O   1 
ATOM   701  C CB  . GLN A 1 92 ? 15.076  -5.142  -6.622  1.00 18.77 ? 92  GLN A CB  1 
ATOM   702  C CG  . GLN A 1 92 ? 15.440  -5.510  -5.198  1.00 18.04 ? 92  GLN A CG  1 
ATOM   703  C CD  . GLN A 1 92 ? 16.863  -5.120  -4.823  1.00 20.78 ? 92  GLN A CD  1 
ATOM   704  O OE1 . GLN A 1 92 ? 17.822  -5.777  -5.218  1.00 21.46 ? 92  GLN A OE1 1 
ATOM   705  N NE2 . GLN A 1 92 ? 16.999  -4.042  -4.061  1.00 17.63 ? 92  GLN A NE2 1 
ATOM   706  N N   . ILE A 1 93 ? 13.603  -2.983  -8.709  1.00 21.36 ? 93  ILE A N   1 
ATOM   707  C CA  . ILE A 1 93 ? 13.279  -2.706  -10.103 1.00 22.31 ? 93  ILE A CA  1 
ATOM   708  C C   . ILE A 1 93 ? 13.339  -1.209  -10.415 1.00 22.91 ? 93  ILE A C   1 
ATOM   709  O O   . ILE A 1 93 ? 12.995  -0.784  -11.514 1.00 23.43 ? 93  ILE A O   1 
ATOM   710  C CB  . ILE A 1 93 ? 11.891  -3.276  -10.497 1.00 22.83 ? 93  ILE A CB  1 
ATOM   711  C CG1 . ILE A 1 93 ? 10.769  -2.507  -9.796  1.00 23.90 ? 93  ILE A CG1 1 
ATOM   712  C CG2 . ILE A 1 93 ? 11.824  -4.757  -10.119 1.00 24.15 ? 93  ILE A CG2 1 
ATOM   713  C CD1 . ILE A 1 93 ? 9.366   -2.960  -10.203 1.00 26.74 ? 93  ILE A CD1 1 
ATOM   714  N N   . GLY A 1 94 ? 13.786  -0.421  -9.437  1.00 22.29 ? 94  GLY A N   1 
ATOM   715  C CA  . GLY A 1 94 ? 13.928  1.013   -9.624  1.00 23.25 ? 94  GLY A CA  1 
ATOM   716  C C   . GLY A 1 94 ? 12.634  1.802   -9.610  1.00 24.69 ? 94  GLY A C   1 
ATOM   717  O O   . GLY A 1 94 ? 12.535  2.864   -10.227 1.00 25.28 ? 94  GLY A O   1 
ATOM   718  N N   . CYS A 1 95 ? 11.648  1.291   -8.883  1.00 22.46 ? 95  CYS A N   1 
ATOM   719  C CA  . CYS A 1 95 ? 10.348  1.934   -8.797  1.00 24.00 ? 95  CYS A CA  1 
ATOM   720  C C   . CYS A 1 95 ? 10.354  3.148   -7.866  1.00 23.38 ? 95  CYS A C   1 
ATOM   721  O O   . CYS A 1 95 ? 10.892  3.094   -6.760  1.00 23.99 ? 95  CYS A O   1 
ATOM   722  C CB  . CYS A 1 95 ? 9.317   0.908   -8.319  1.00 25.62 ? 95  CYS A CB  1 
ATOM   723  S SG  . CYS A 1 95 ? 7.612   1.458   -8.428  1.00 31.52 ? 95  CYS A SG  1 
ATOM   724  N N   . THR A 1 96 ? 9.763   4.247   -8.319  1.00 22.21 ? 96  THR A N   1 
ATOM   725  C CA  . THR A 1 96 ? 9.691   5.457   -7.508  1.00 22.04 ? 96  THR A CA  1 
ATOM   726  C C   . THR A 1 96 ? 8.307   6.095   -7.599  1.00 22.09 ? 96  THR A C   1 
ATOM   727  O O   . THR A 1 96 ? 7.554   5.825   -8.533  1.00 21.88 ? 96  THR A O   1 
ATOM   728  C CB  . THR A 1 96 ? 10.712  6.521   -7.971  1.00 23.83 ? 96  THR A CB  1 
ATOM   729  O OG1 . THR A 1 96 ? 10.409  6.910   -9.314  1.00 24.21 ? 96  THR A OG1 1 
ATOM   730  C CG2 . THR A 1 96 ? 12.132  5.980   -7.912  1.00 23.40 ? 96  THR A CG2 1 
ATOM   731  N N   . LEU A 1 97 ? 7.991   6.937   -6.614  1.00 20.97 ? 97  LEU A N   1 
ATOM   732  C CA  . LEU A 1 97 ? 6.732   7.677   -6.554  1.00 22.66 ? 97  LEU A CA  1 
ATOM   733  C C   . LEU A 1 97 ? 7.087   9.081   -7.042  1.00 22.77 ? 97  LEU A C   1 
ATOM   734  O O   . LEU A 1 97 ? 8.066   9.665   -6.572  1.00 22.21 ? 97  LEU A O   1 
ATOM   735  C CB  . LEU A 1 97 ? 6.240   7.754   -5.104  1.00 24.16 ? 97  LEU A CB  1 
ATOM   736  C CG  . LEU A 1 97 ? 4.958   7.060   -4.633  1.00 27.92 ? 97  LEU A CG  1 
ATOM   737  C CD1 . LEU A 1 97 ? 4.453   6.069   -5.654  1.00 28.55 ? 97  LEU A CD1 1 
ATOM   738  C CD2 . LEU A 1 97 ? 5.238   6.387   -3.298  1.00 27.29 ? 97  LEU A CD2 1 
ATOM   739  N N   . ASN A 1 98 ? 6.307   9.620   -7.974  1.00 23.57 ? 98  ASN A N   1 
ATOM   740  C CA  . ASN A 1 98 ? 6.579   10.951  -8.511  1.00 25.34 ? 98  ASN A CA  1 
ATOM   741  C C   . ASN A 1 98 ? 5.347   11.847  -8.594  1.00 25.86 ? 98  ASN A C   1 
ATOM   742  O O   . ASN A 1 98 ? 4.252   11.389  -8.918  1.00 25.24 ? 98  ASN A O   1 
ATOM   743  C CB  . ASN A 1 98 ? 7.189   10.847  -9.911  1.00 27.00 ? 98  ASN A CB  1 
ATOM   744  C CG  . ASN A 1 98 ? 8.460   10.022  -9.938  1.00 28.07 ? 98  ASN A CG  1 
ATOM   745  O OD1 . ASN A 1 98 ? 8.419   8.790   -9.997  1.00 30.60 ? 98  ASN A OD1 1 
ATOM   746  N ND2 . ASN A 1 98 ? 9.598   10.697  -9.885  1.00 28.56 ? 98  ASN A ND2 1 
ATOM   747  N N   . PHE A 1 99 ? 5.550   13.131  -8.308  1.00 27.69 ? 99  PHE A N   1 
ATOM   748  C CA  . PHE A 1 99 ? 4.491   14.131  -8.372  1.00 29.29 ? 99  PHE A CA  1 
ATOM   749  C C   . PHE A 1 99 ? 5.058   15.532  -8.155  1.00 30.59 ? 99  PHE A C   1 
ATOM   750  O O   . PHE A 1 99 ? 6.291   15.650  -7.999  1.00 26.57 ? 99  PHE A O   1 
ATOM   751  C CB  . PHE A 1 99 ? 3.397   13.852  -7.334  1.00 29.00 ? 99  PHE A CB  1 
ATOM   752  C CG  . PHE A 1 99 ? 3.848   13.997  -5.908  1.00 30.33 ? 99  PHE A CG  1 
ATOM   753  C CD1 . PHE A 1 99 ? 4.513   12.959  -5.264  1.00 30.65 ? 99  PHE A CD1 1 
ATOM   754  C CD2 . PHE A 1 99 ? 3.587   15.167  -5.200  1.00 30.56 ? 99  PHE A CD2 1 
ATOM   755  C CE1 . PHE A 1 99 ? 4.906   13.081  -3.935  1.00 31.88 ? 99  PHE A CE1 1 
ATOM   756  C CE2 . PHE A 1 99 ? 3.977   15.299  -3.873  1.00 31.75 ? 99  PHE A CE2 1 
ATOM   757  C CZ  . PHE A 1 99 ? 4.639   14.252  -3.237  1.00 32.47 ? 99  PHE A CZ  1 
ATOM   758  O OXT . PHE A 1 99 ? 4.263   16.495  -8.143  1.00 26.57 ? 99  PHE A OXT 1 
ATOM   759  N N   . PRO B 1 1  ? 7.990   15.905  -6.181  1.00 38.27 ? 101 PRO B N   1 
ATOM   760  C CA  . PRO B 1 1  ? 9.361   15.365  -6.047  1.00 37.14 ? 101 PRO B CA  1 
ATOM   761  C C   . PRO B 1 1  ? 9.399   13.892  -6.439  1.00 35.78 ? 101 PRO B C   1 
ATOM   762  O O   . PRO B 1 1  ? 8.409   13.344  -6.917  1.00 34.86 ? 101 PRO B O   1 
ATOM   763  C CB  . PRO B 1 1  ? 9.749   15.534  -4.592  1.00 37.81 ? 101 PRO B CB  1 
ATOM   764  C CG  . PRO B 1 1  ? 8.384   15.405  -3.916  1.00 38.22 ? 101 PRO B CG  1 
ATOM   765  C CD  . PRO B 1 1  ? 7.426   16.173  -4.845  1.00 38.78 ? 101 PRO B CD  1 
ATOM   766  N N   . GLN B 1 2  ? 10.552  13.263  -6.241  1.00 34.91 ? 102 GLN B N   1 
ATOM   767  C CA  . GLN B 1 2  ? 10.710  11.849  -6.545  1.00 33.55 ? 102 GLN B CA  1 
ATOM   768  C C   . GLN B 1 2  ? 11.048  11.140  -5.248  1.00 32.59 ? 102 GLN B C   1 
ATOM   769  O O   . GLN B 1 2  ? 12.020  11.481  -4.572  1.00 32.56 ? 102 GLN B O   1 
ATOM   770  C CB  . GLN B 1 2  ? 11.822  11.628  -7.565  1.00 35.73 ? 102 GLN B CB  1 
ATOM   771  C CG  . GLN B 1 2  ? 12.177  10.165  -7.742  1.00 38.25 ? 102 GLN B CG  1 
ATOM   772  C CD  . GLN B 1 2  ? 13.143  9.936   -8.876  1.00 41.06 ? 102 GLN B CD  1 
ATOM   773  O OE1 . GLN B 1 2  ? 12.777  10.031  -10.048 1.00 42.73 ? 102 GLN B OE1 1 
ATOM   774  N NE2 . GLN B 1 2  ? 14.390  9.642   -8.537  1.00 42.57 ? 102 GLN B NE2 1 
ATOM   775  N N   . ILE B 1 3  ? 10.237  10.151  -4.901  1.00 28.92 ? 103 ILE B N   1 
ATOM   776  C CA  . ILE B 1 3  ? 10.431  9.418   -3.664  1.00 26.92 ? 103 ILE B CA  1 
ATOM   777  C C   . ILE B 1 3  ? 10.822  7.969   -3.916  1.00 25.18 ? 103 ILE B C   1 
ATOM   778  O O   . ILE B 1 3  ? 10.104  7.233   -4.591  1.00 22.73 ? 103 ILE B O   1 
ATOM   779  C CB  . ILE B 1 3  ? 9.142   9.474   -2.812  1.00 26.74 ? 103 ILE B CB  1 
ATOM   780  C CG1 . ILE B 1 3  ? 8.797   10.937  -2.513  1.00 28.24 ? 103 ILE B CG1 1 
ATOM   781  C CG2 . ILE B 1 3  ? 9.321   8.689   -1.530  1.00 26.69 ? 103 ILE B CG2 1 
ATOM   782  C CD1 . ILE B 1 3  ? 7.454   11.135  -1.848  1.00 28.38 ? 103 ILE B CD1 1 
ATOM   783  N N   . THR B 1 4  ? 11.974  7.569   -3.388  1.00 23.49 ? 104 THR B N   1 
ATOM   784  C CA  . THR B 1 4  ? 12.424  6.193   -3.543  1.00 22.34 ? 104 THR B CA  1 
ATOM   785  C C   . THR B 1 4  ? 11.751  5.386   -2.442  1.00 21.14 ? 104 THR B C   1 
ATOM   786  O O   . THR B 1 4  ? 11.145  5.958   -1.536  1.00 22.61 ? 104 THR B O   1 
ATOM   787  C CB  . THR B 1 4  ? 13.953  6.077   -3.427  1.00 24.05 ? 104 THR B CB  1 
ATOM   788  O OG1 . THR B 1 4  ? 14.379  6.599   -2.167  1.00 23.91 ? 104 THR B OG1 1 
ATOM   789  C CG2 . THR B 1 4  ? 14.627  6.846   -4.565  1.00 25.19 ? 104 THR B CG2 1 
ATOM   790  N N   . LEU B 1 5  ? 11.874  4.065   -2.497  1.00 19.61 ? 105 LEU B N   1 
ATOM   791  C CA  . LEU B 1 5  ? 11.199  3.218   -1.530  1.00 19.11 ? 105 LEU B CA  1 
ATOM   792  C C   . LEU B 1 5  ? 12.062  2.396   -0.574  1.00 19.17 ? 105 LEU B C   1 
ATOM   793  O O   . LEU B 1 5  ? 11.592  1.415   -0.001  1.00 19.88 ? 105 LEU B O   1 
ATOM   794  C CB  . LEU B 1 5  ? 10.237  2.301   -2.288  1.00 18.78 ? 105 LEU B CB  1 
ATOM   795  C CG  . LEU B 1 5  ? 9.218   3.069   -3.138  1.00 19.90 ? 105 LEU B CG  1 
ATOM   796  C CD1 . LEU B 1 5  ? 8.527   2.119   -4.098  1.00 20.66 ? 105 LEU B CD1 1 
ATOM   797  C CD2 . LEU B 1 5  ? 8.205   3.761   -2.233  1.00 21.11 ? 105 LEU B CD2 1 
ATOM   798  N N   . TRP B 1 6  ? 13.315  2.799   -0.389  1.00 18.98 ? 106 TRP B N   1 
ATOM   799  C CA  . TRP B 1 6  ? 14.201  2.086   0.522   1.00 19.81 ? 106 TRP B CA  1 
ATOM   800  C C   . TRP B 1 6  ? 13.679  2.260   1.946   1.00 20.23 ? 106 TRP B C   1 
ATOM   801  O O   . TRP B 1 6  ? 13.964  1.458   2.827   1.00 21.40 ? 106 TRP B O   1 
ATOM   802  C CB  . TRP B 1 6  ? 15.629  2.619   0.391   1.00 19.59 ? 106 TRP B CB  1 
ATOM   803  C CG  . TRP B 1 6  ? 16.119  2.542   -1.022  1.00 18.89 ? 106 TRP B CG  1 
ATOM   804  C CD1 . TRP B 1 6  ? 16.106  3.542   -1.953  1.00 18.47 ? 106 TRP B CD1 1 
ATOM   805  C CD2 . TRP B 1 6  ? 16.621  1.378   -1.691  1.00 19.34 ? 106 TRP B CD2 1 
ATOM   806  N NE1 . TRP B 1 6  ? 16.564  3.072   -3.162  1.00 19.35 ? 106 TRP B NE1 1 
ATOM   807  C CE2 . TRP B 1 6  ? 16.887  1.747   -3.029  1.00 19.19 ? 106 TRP B CE2 1 
ATOM   808  C CE3 . TRP B 1 6  ? 16.872  0.059   -1.290  1.00 18.69 ? 106 TRP B CE3 1 
ATOM   809  C CZ2 . TRP B 1 6  ? 17.389  0.843   -3.972  1.00 19.53 ? 106 TRP B CZ2 1 
ATOM   810  C CZ3 . TRP B 1 6  ? 17.374  -0.840  -2.227  1.00 17.77 ? 106 TRP B CZ3 1 
ATOM   811  C CH2 . TRP B 1 6  ? 17.626  -0.443  -3.553  1.00 19.43 ? 106 TRP B CH2 1 
ATOM   812  N N   . GLN B 1 7  ? 12.904  3.319   2.149   1.00 20.26 ? 107 GLN B N   1 
ATOM   813  C CA  . GLN B 1 7  ? 12.280  3.607   3.437   1.00 20.07 ? 107 GLN B CA  1 
ATOM   814  C C   . GLN B 1 7  ? 10.797  3.835   3.152   1.00 18.21 ? 107 GLN B C   1 
ATOM   815  O O   . GLN B 1 7  ? 10.413  4.031   2.002   1.00 18.93 ? 107 GLN B O   1 
ATOM   816  C CB  . GLN B 1 7  ? 12.878  4.872   4.062   1.00 25.76 ? 107 GLN B CB  1 
ATOM   817  C CG  . GLN B 1 7  ? 14.308  4.705   4.550   1.00 33.23 ? 107 GLN B CG  1 
ATOM   818  C CD  . GLN B 1 7  ? 14.825  5.930   5.292   1.00 38.92 ? 107 GLN B CD  1 
ATOM   819  O OE1 . GLN B 1 7  ? 15.921  5.907   5.858   1.00 44.84 ? 107 GLN B OE1 1 
ATOM   820  N NE2 . GLN B 1 7  ? 14.042  7.007   5.287   1.00 41.02 ? 107 GLN B NE2 1 
ATOM   821  N N   . ARG B 1 8  ? 9.962   3.801   4.183   1.00 16.28 ? 108 ARG B N   1 
ATOM   822  C CA  . ARG B 1 8  ? 8.536   4.026   3.974   1.00 16.37 ? 108 ARG B CA  1 
ATOM   823  C C   . ARG B 1 8  ? 8.340   5.417   3.387   1.00 17.32 ? 108 ARG B C   1 
ATOM   824  O O   . ARG B 1 8  ? 8.976   6.378   3.827   1.00 18.22 ? 108 ARG B O   1 
ATOM   825  C CB  . ARG B 1 8  ? 7.778   3.920   5.294   1.00 16.40 ? 108 ARG B CB  1 
ATOM   826  C CG  . ARG B 1 8  ? 7.821   2.551   5.883   1.00 18.64 ? 108 ARG B CG  1 
ATOM   827  C CD  . ARG B 1 8  ? 7.011   2.490   7.147   1.00 20.74 ? 108 ARG B CD  1 
ATOM   828  N NE  . ARG B 1 8  ? 6.932   1.124   7.639   1.00 23.31 ? 108 ARG B NE  1 
ATOM   829  C CZ  . ARG B 1 8  ? 6.368   0.791   8.792   1.00 28.20 ? 108 ARG B CZ  1 
ATOM   830  N NH1 . ARG B 1 8  ? 5.836   1.736   9.557   1.00 29.33 ? 108 ARG B NH1 1 
ATOM   831  N NH2 . ARG B 1 8  ? 6.347   -0.477  9.182   1.00 27.85 ? 108 ARG B NH2 1 
ATOM   832  N N   . PRO B 1 9  ? 7.470   5.540   2.372   1.00 17.53 ? 109 PRO B N   1 
ATOM   833  C CA  . PRO B 1 9  ? 7.232   6.848   1.757   1.00 18.55 ? 109 PRO B CA  1 
ATOM   834  C C   . PRO B 1 9  ? 6.337   7.710   2.644   1.00 19.65 ? 109 PRO B C   1 
ATOM   835  O O   . PRO B 1 9  ? 5.163   7.922   2.343   1.00 19.13 ? 109 PRO B O   1 
ATOM   836  C CB  . PRO B 1 9  ? 6.573   6.486   0.425   1.00 18.82 ? 109 PRO B CB  1 
ATOM   837  C CG  . PRO B 1 9  ? 5.778   5.268   0.777   1.00 16.28 ? 109 PRO B CG  1 
ATOM   838  C CD  . PRO B 1 9  ? 6.749   4.477   1.646   1.00 17.00 ? 109 PRO B CD  1 
ATOM   839  N N   . LEU B 1 10 ? 6.908   8.187   3.745   1.00 18.81 ? 110 LEU B N   1 
ATOM   840  C CA  . LEU B 1 10 ? 6.183   9.022   4.688   1.00 19.99 ? 110 LEU B CA  1 
ATOM   841  C C   . LEU B 1 10 ? 6.298   10.489  4.306   1.00 21.22 ? 110 LEU B C   1 
ATOM   842  O O   . LEU B 1 10 ? 7.373   10.965  3.949   1.00 22.15 ? 110 LEU B O   1 
ATOM   843  C CB  . LEU B 1 10 ? 6.740   8.824   6.101   1.00 23.63 ? 110 LEU B CB  1 
ATOM   844  C CG  . LEU B 1 10 ? 6.567   7.454   6.756   1.00 25.24 ? 110 LEU B CG  1 
ATOM   845  C CD1 . LEU B 1 10 ? 7.280   7.435   8.099   1.00 28.64 ? 110 LEU B CD1 1 
ATOM   846  C CD2 . LEU B 1 10 ? 5.086   7.155   6.944   1.00 26.76 ? 110 LEU B CD2 1 
ATOM   847  N N   . VAL B 1 11 ? 5.181   11.199  4.365   1.00 20.30 ? 111 VAL B N   1 
ATOM   848  C CA  . VAL B 1 11 ? 5.180   12.620  4.059   1.00 20.86 ? 111 VAL B CA  1 
ATOM   849  C C   . VAL B 1 11 ? 4.419   13.316  5.169   1.00 20.90 ? 111 VAL B C   1 
ATOM   850  O O   . VAL B 1 11 ? 3.778   12.672  6.006   1.00 19.54 ? 111 VAL B O   1 
ATOM   851  C CB  . VAL B 1 11 ? 4.493   12.931  2.699   1.00 22.32 ? 111 VAL B CB  1 
ATOM   852  C CG1 . VAL B 1 11 ? 5.285   12.317  1.564   1.00 24.18 ? 111 VAL B CG1 1 
ATOM   853  C CG2 . VAL B 1 11 ? 3.059   12.404  2.697   1.00 24.15 ? 111 VAL B CG2 1 
ATOM   854  N N   . THR B 1 12 ? 4.518   14.635  5.198   1.00 20.37 ? 112 THR B N   1 
ATOM   855  C CA  . THR B 1 12 ? 3.805   15.408  6.192   1.00 21.84 ? 112 THR B CA  1 
ATOM   856  C C   . THR B 1 12 ? 2.548   15.920  5.505   1.00 21.61 ? 112 THR B C   1 
ATOM   857  O O   . THR B 1 12 ? 2.603   16.373  4.365   1.00 23.16 ? 112 THR B O   1 
ATOM   858  C CB  . THR B 1 12 ? 4.647   16.610  6.678   1.00 23.91 ? 112 THR B CB  1 
ATOM   859  O OG1 . THR B 1 12 ? 5.798   16.128  7.379   1.00 26.07 ? 112 THR B OG1 1 
ATOM   860  C CG2 . THR B 1 12 ? 3.832   17.492  7.599   1.00 25.29 ? 112 THR B CG2 1 
ATOM   861  N N   . ILE B 1 13 ? 1.415   15.802  6.185   1.00 20.11 ? 113 ILE B N   1 
ATOM   862  C CA  . ILE B 1 13 ? 0.157   16.285  5.643   1.00 19.86 ? 113 ILE B CA  1 
ATOM   863  C C   . ILE B 1 13 ? -0.411  17.282  6.640   1.00 20.66 ? 113 ILE B C   1 
ATOM   864  O O   . ILE B 1 13 ? -0.056  17.267  7.816   1.00 20.67 ? 113 ILE B O   1 
ATOM   865  C CB  . ILE B 1 13 ? -0.880  15.140  5.431   1.00 19.59 ? 113 ILE B CB  1 
ATOM   866  C CG1 . ILE B 1 13 ? -1.244  14.492  6.766   1.00 21.06 ? 113 ILE B CG1 1 
ATOM   867  C CG2 . ILE B 1 13 ? -0.329  14.123  4.450   1.00 18.80 ? 113 ILE B CG2 1 
ATOM   868  C CD1 . ILE B 1 13 ? -2.428  13.503  6.672   1.00 22.01 ? 113 ILE B CD1 1 
ATOM   869  N N   . LYS B 1 14 ? -1.272  18.168  6.164   1.00 19.05 ? 114 LYS B N   1 
ATOM   870  C CA  . LYS B 1 14 ? -1.891  19.138  7.049   1.00 21.26 ? 114 LYS B CA  1 
ATOM   871  C C   . LYS B 1 14 ? -3.398  18.970  6.928   1.00 20.34 ? 114 LYS B C   1 
ATOM   872  O O   . LYS B 1 14 ? -3.949  19.032  5.836   1.00 19.44 ? 114 LYS B O   1 
ATOM   873  C CB  . LYS B 1 14 ? -1.488  20.560  6.654   1.00 21.17 ? 114 LYS B CB  1 
ATOM   874  C CG  . LYS B 1 14 ? -1.930  21.626  7.642   1.00 25.28 ? 114 LYS B CG  1 
ATOM   875  C CD  . LYS B 1 14 ? -1.468  23.000  7.189   1.00 26.04 ? 114 LYS B CD  1 
ATOM   876  C CE  . LYS B 1 14 ? -1.873  24.070  8.182   1.00 30.21 ? 114 LYS B CE  1 
ATOM   877  N NZ  . LYS B 1 14 ? -1.432  25.422  7.725   1.00 31.13 ? 114 LYS B NZ  1 
ATOM   878  N N   . ILE B 1 15 ? -4.060  18.732  8.052   1.00 20.81 ? 115 ILE B N   1 
ATOM   879  C CA  . ILE B 1 15 ? -5.505  18.571  8.049   1.00 24.02 ? 115 ILE B CA  1 
ATOM   880  C C   . ILE B 1 15 ? -6.042  19.131  9.356   1.00 25.71 ? 115 ILE B C   1 
ATOM   881  O O   . ILE B 1 15 ? -5.492  18.872  10.423  1.00 26.48 ? 115 ILE B O   1 
ATOM   882  C CB  . ILE B 1 15 ? -5.908  17.080  7.892   1.00 24.98 ? 115 ILE B CB  1 
ATOM   883  C CG1 . ILE B 1 15 ? -7.431  16.955  7.829   1.00 27.57 ? 115 ILE B CG1 1 
ATOM   884  C CG2 . ILE B 1 15 ? -5.331  16.252  9.028   1.00 26.38 ? 115 ILE B CG2 1 
ATOM   885  C CD1 . ILE B 1 15 ? -7.914  15.572  7.423   1.00 27.56 ? 115 ILE B CD1 1 
ATOM   886  N N   . GLY B 1 16 ? -7.110  19.915  9.269   1.00 28.17 ? 116 GLY B N   1 
ATOM   887  C CA  . GLY B 1 16 ? -7.669  20.506  10.468  1.00 29.88 ? 116 GLY B CA  1 
ATOM   888  C C   . GLY B 1 16 ? -6.654  21.411  11.142  1.00 30.59 ? 116 GLY B C   1 
ATOM   889  O O   . GLY B 1 16 ? -6.642  21.536  12.366  1.00 32.67 ? 116 GLY B O   1 
ATOM   890  N N   . GLY B 1 17 ? -5.798  22.038  10.341  1.00 30.49 ? 117 GLY B N   1 
ATOM   891  C CA  . GLY B 1 17 ? -4.784  22.933  10.872  1.00 31.69 ? 117 GLY B CA  1 
ATOM   892  C C   . GLY B 1 17 ? -3.683  22.247  11.663  1.00 32.53 ? 117 GLY B C   1 
ATOM   893  O O   . GLY B 1 17 ? -2.898  22.911  12.342  1.00 33.06 ? 117 GLY B O   1 
ATOM   894  N N   . GLN B 1 18 ? -3.616  20.922  11.570  1.00 31.55 ? 118 GLN B N   1 
ATOM   895  C CA  . GLN B 1 18 ? -2.610  20.149  12.295  1.00 31.03 ? 118 GLN B CA  1 
ATOM   896  C C   . GLN B 1 18 ? -1.695  19.395  11.339  1.00 28.56 ? 118 GLN B C   1 
ATOM   897  O O   . GLN B 1 18 ? -2.126  18.971  10.265  1.00 26.69 ? 118 GLN B O   1 
ATOM   898  C CB  . GLN B 1 18 ? -3.289  19.129  13.209  1.00 34.83 ? 118 GLN B CB  1 
ATOM   899  C CG  . GLN B 1 18 ? -4.552  19.626  13.883  1.00 41.55 ? 118 GLN B CG  1 
ATOM   900  C CD  . GLN B 1 18 ? -5.302  18.512  14.590  1.00 45.04 ? 118 GLN B CD  1 
ATOM   901  O OE1 . GLN B 1 18 ? -4.822  17.951  15.577  1.00 48.63 ? 118 GLN B OE1 1 
ATOM   902  N NE2 . GLN B 1 18 ? -6.485  18.180  14.081  1.00 47.37 ? 118 GLN B NE2 1 
ATOM   903  N N   . LEU B 1 19 ? -0.438  19.219  11.737  1.00 26.55 ? 119 LEU B N   1 
ATOM   904  C CA  . LEU B 1 19 ? 0.514   18.483  10.920  1.00 24.94 ? 119 LEU B CA  1 
ATOM   905  C C   . LEU B 1 19 ? 0.576   17.045  11.415  1.00 24.97 ? 119 LEU B C   1 
ATOM   906  O O   . LEU B 1 19 ? 0.680   16.793  12.614  1.00 24.30 ? 119 LEU B O   1 
ATOM   907  C CB  . LEU B 1 19 ? 1.910   19.102  11.006  1.00 24.97 ? 119 LEU B CB  1 
ATOM   908  C CG  . LEU B 1 19 ? 2.106   20.518  10.466  1.00 26.13 ? 119 LEU B CG  1 
ATOM   909  C CD1 . LEU B 1 19 ? 3.539   20.946  10.719  1.00 26.55 ? 119 LEU B CD1 1 
ATOM   910  C CD2 . LEU B 1 19 ? 1.783   20.565  8.980   1.00 26.00 ? 119 LEU B CD2 1 
ATOM   911  N N   . LYS B 1 20 ? 0.501   16.107  10.477  1.00 23.07 ? 120 LYS B N   1 
ATOM   912  C CA  . LYS B 1 20 ? 0.556   14.688  10.788  1.00 23.17 ? 120 LYS B CA  1 
ATOM   913  C C   . LYS B 1 20 ? 1.440   14.009  9.752   1.00 21.90 ? 120 LYS B C   1 
ATOM   914  O O   . LYS B 1 20 ? 1.697   14.569  8.682   1.00 22.54 ? 120 LYS B O   1 
ATOM   915  C CB  . LYS B 1 20 ? -0.849  14.075  10.726  1.00 23.09 ? 120 LYS B CB  1 
ATOM   916  C CG  . LYS B 1 20 ? -1.831  14.610  11.755  1.00 28.13 ? 120 LYS B CG  1 
ATOM   917  C CD  . LYS B 1 20 ? -3.226  14.047  11.508  1.00 31.90 ? 120 LYS B CD  1 
ATOM   918  C CE  . LYS B 1 20 ? -4.142  14.258  12.702  1.00 35.02 ? 120 LYS B CE  1 
ATOM   919  N NZ  . LYS B 1 20 ? -3.702  13.452  13.879  1.00 38.87 ? 120 LYS B NZ  1 
ATOM   920  N N   . GLU B 1 21 ? 1.923   12.816  10.077  1.00 21.16 ? 121 GLU B N   1 
ATOM   921  C CA  . GLU B 1 21 ? 2.732   12.050  9.138   1.00 21.67 ? 121 GLU B CA  1 
ATOM   922  C C   . GLU B 1 21 ? 1.802   11.014  8.521   1.00 19.75 ? 121 GLU B C   1 
ATOM   923  O O   . GLU B 1 21 ? 0.960   10.437  9.212   1.00 20.79 ? 121 GLU B O   1 
ATOM   924  C CB  . GLU B 1 21 ? 3.889   11.325  9.836   1.00 25.86 ? 121 GLU B CB  1 
ATOM   925  C CG  . GLU B 1 21 ? 5.096   12.198  10.152  1.00 35.02 ? 121 GLU B CG  1 
ATOM   926  C CD  . GLU B 1 21 ? 6.365   11.381  10.375  1.00 38.41 ? 121 GLU B CD  1 
ATOM   927  O OE1 . GLU B 1 21 ? 7.402   11.983  10.726  1.00 43.13 ? 121 GLU B OE1 1 
ATOM   928  O OE2 . GLU B 1 21 ? 6.329   10.141  10.194  1.00 41.58 ? 121 GLU B OE2 1 
ATOM   929  N N   . ALA B 1 22 ? 1.946   10.780  7.223   1.00 17.70 ? 122 ALA B N   1 
ATOM   930  C CA  . ALA B 1 22 ? 1.100   9.801   6.548   1.00 17.67 ? 122 ALA B CA  1 
ATOM   931  C C   . ALA B 1 22 ? 1.903   9.067   5.488   1.00 16.74 ? 122 ALA B C   1 
ATOM   932  O O   . ALA B 1 22 ? 2.877   9.601   4.959   1.00 19.05 ? 122 ALA B O   1 
ATOM   933  C CB  . ALA B 1 22 ? -0.110  10.489  5.917   1.00 18.50 ? 122 ALA B CB  1 
ATOM   934  N N   . LEU B 1 23 ? 1.476   7.847   5.182   1.00 15.69 ? 123 LEU B N   1 
ATOM   935  C CA  . LEU B 1 23 ? 2.148   7.002   4.209   1.00 16.11 ? 123 LEU B CA  1 
ATOM   936  C C   . LEU B 1 23 ? 1.486   7.081   2.827   1.00 17.41 ? 123 LEU B C   1 
ATOM   937  O O   . LEU B 1 23 ? 0.274   6.927   2.717   1.00 17.38 ? 123 LEU B O   1 
ATOM   938  C CB  . LEU B 1 23 ? 2.106   5.553   4.712   1.00 19.93 ? 123 LEU B CB  1 
ATOM   939  C CG  . LEU B 1 23 ? 2.820   4.456   3.922   1.00 23.57 ? 123 LEU B CG  1 
ATOM   940  C CD1 . LEU B 1 23 ? 4.320   4.608   4.090   1.00 25.65 ? 123 LEU B CD1 1 
ATOM   941  C CD2 . LEU B 1 23 ? 2.377   3.091   4.434   1.00 25.99 ? 123 LEU B CD2 1 
ATOM   942  N N   . LEU B 1 24 ? 2.276   7.330   1.781   1.00 16.62 ? 124 LEU B N   1 
ATOM   943  C CA  . LEU B 1 24 ? 1.731   7.370   0.426   1.00 16.84 ? 124 LEU B CA  1 
ATOM   944  C C   . LEU B 1 24 ? 1.583   5.898   0.040   1.00 16.67 ? 124 LEU B C   1 
ATOM   945  O O   . LEU B 1 24 ? 2.577   5.196   -0.129  1.00 18.26 ? 124 LEU B O   1 
ATOM   946  C CB  . LEU B 1 24 ? 2.692   8.081   -0.525  1.00 17.00 ? 124 LEU B CB  1 
ATOM   947  C CG  . LEU B 1 24 ? 3.018   9.533   -0.167  1.00 19.16 ? 124 LEU B CG  1 
ATOM   948  C CD1 . LEU B 1 24 ? 3.816   10.149  -1.306  1.00 21.86 ? 124 LEU B CD1 1 
ATOM   949  C CD2 . LEU B 1 24 ? 1.747   10.328  0.058   1.00 21.00 ? 124 LEU B CD2 1 
ATOM   950  N N   . ASP B 1 25 ? 0.344   5.447   -0.124  1.00 15.20 ? 125 ASP B N   1 
ATOM   951  C CA  . ASP B 1 25 ? 0.099   4.040   -0.393  1.00 14.74 ? 125 ASP B CA  1 
ATOM   952  C C   . ASP B 1 25 ? -0.658  3.716   -1.677  1.00 16.20 ? 125 ASP B C   1 
ATOM   953  O O   . ASP B 1 25 ? -1.875  3.847   -1.728  1.00 15.56 ? 125 ASP B O   1 
ATOM   954  C CB  . ASP B 1 25 ? -0.654  3.463   0.813   1.00 17.11 ? 125 ASP B CB  1 
ATOM   955  C CG  . ASP B 1 25 ? -0.798  1.963   0.750   1.00 15.94 ? 125 ASP B CG  1 
ATOM   956  O OD1 . ASP B 1 25 ? -0.300  1.347   -0.212  1.00 19.25 ? 125 ASP B OD1 1 
ATOM   957  O OD2 . ASP B 1 25 ? -1.411  1.408   1.680   1.00 18.90 ? 125 ASP B OD2 1 
ATOM   958  N N   . THR B 1 26 ? 0.065   3.270   -2.702  1.00 14.61 ? 126 THR B N   1 
ATOM   959  C CA  . THR B 1 26 ? -0.561  2.920   -3.972  1.00 14.34 ? 126 THR B CA  1 
ATOM   960  C C   . THR B 1 26 ? -1.421  1.662   -3.851  1.00 15.37 ? 126 THR B C   1 
ATOM   961  O O   . THR B 1 26 ? -2.208  1.355   -4.745  1.00 17.18 ? 126 THR B O   1 
ATOM   962  C CB  . THR B 1 26 ? 0.496   2.685   -5.067  1.00 14.15 ? 126 THR B CB  1 
ATOM   963  O OG1 . THR B 1 26 ? 1.369   1.620   -4.672  1.00 15.31 ? 126 THR B OG1 1 
ATOM   964  C CG2 . THR B 1 26 ? 1.319   3.954   -5.284  1.00 13.69 ? 126 THR B CG2 1 
ATOM   965  N N   . GLY B 1 27 ? -1.271  0.941   -2.745  1.00 14.86 ? 127 GLY B N   1 
ATOM   966  C CA  . GLY B 1 27 ? -2.050  -0.269  -2.548  1.00 15.01 ? 127 GLY B CA  1 
ATOM   967  C C   . GLY B 1 27 ? -3.386  -0.028  -1.850  1.00 15.01 ? 127 GLY B C   1 
ATOM   968  O O   . GLY B 1 27 ? -4.151  -0.964  -1.621  1.00 17.02 ? 127 GLY B O   1 
ATOM   969  N N   . ALA B 1 28 ? -3.666  1.226   -1.514  1.00 15.22 ? 128 ALA B N   1 
ATOM   970  C CA  . ALA B 1 28 ? -4.912  1.582   -0.843  1.00 14.22 ? 128 ALA B CA  1 
ATOM   971  C C   . ALA B 1 28 ? -5.869  2.335   -1.768  1.00 14.89 ? 128 ALA B C   1 
ATOM   972  O O   . ALA B 1 28 ? -5.502  3.355   -2.357  1.00 14.90 ? 128 ALA B O   1 
ATOM   973  C CB  . ALA B 1 28 ? -4.609  2.433   0.398   1.00 15.98 ? 128 ALA B CB  1 
ATOM   974  N N   . ASP B 1 29 ? -7.095  1.832   -1.901  1.00 15.09 ? 129 ASP B N   1 
ATOM   975  C CA  . ASP B 1 29 ? -8.078  2.508   -2.742  1.00 18.05 ? 129 ASP B CA  1 
ATOM   976  C C   . ASP B 1 29 ? -8.486  3.811   -2.069  1.00 17.49 ? 129 ASP B C   1 
ATOM   977  O O   . ASP B 1 29 ? -8.714  4.828   -2.733  1.00 17.85 ? 129 ASP B O   1 
ATOM   978  C CB  . ASP B 1 29 ? -9.352  1.680   -2.905  1.00 18.33 ? 129 ASP B CB  1 
ATOM   979  C CG  . ASP B 1 29 ? -9.119  0.353   -3.584  1.00 20.44 ? 129 ASP B CG  1 
ATOM   980  O OD1 . ASP B 1 29 ? -8.093  0.182   -4.264  1.00 20.01 ? 129 ASP B OD1 1 
ATOM   981  O OD2 . ASP B 1 29 ? -10.000 -0.520  -3.443  1.00 23.22 ? 129 ASP B OD2 1 
ATOM   982  N N   . ASP B 1 30 ? -8.582  3.758   -0.743  1.00 17.11 ? 130 ASP B N   1 
ATOM   983  C CA  . ASP B 1 30 ? -9.017  4.897   0.044   1.00 17.37 ? 130 ASP B CA  1 
ATOM   984  C C   . ASP B 1 30 ? -7.974  5.452   0.992   1.00 17.30 ? 130 ASP B C   1 
ATOM   985  O O   . ASP B 1 30 ? -6.939  4.836   1.245   1.00 17.70 ? 130 ASP B O   1 
ATOM   986  C CB  . ASP B 1 30 ? -10.243 4.513   0.868   1.00 21.34 ? 130 ASP B CB  1 
ATOM   987  C CG  . ASP B 1 30 ? -11.328 3.868   0.033   1.00 24.38 ? 130 ASP B CG  1 
ATOM   988  O OD1 . ASP B 1 30 ? -11.724 4.473   -0.984  1.00 25.21 ? 130 ASP B OD1 1 
ATOM   989  O OD2 . ASP B 1 30 ? -11.783 2.761   0.395   1.00 27.54 ? 130 ASP B OD2 1 
ATOM   990  N N   . THR B 1 31 ? -8.288  6.624   1.528   1.00 16.45 ? 131 THR B N   1 
ATOM   991  C CA  . THR B 1 31 ? -7.429  7.312   2.477   1.00 15.13 ? 131 THR B CA  1 
ATOM   992  C C   . THR B 1 31 ? -8.006  7.052   3.863   1.00 17.03 ? 131 THR B C   1 
ATOM   993  O O   . THR B 1 31 ? -9.180  7.326   4.113   1.00 18.27 ? 131 THR B O   1 
ATOM   994  C CB  . THR B 1 31 ? -7.411  8.812   2.166   1.00 15.38 ? 131 THR B CB  1 
ATOM   995  O OG1 . THR B 1 31 ? -6.729  9.009   0.923   1.00 15.47 ? 131 THR B OG1 1 
ATOM   996  C CG2 . THR B 1 31 ? -6.718  9.599   3.272   1.00 16.05 ? 131 THR B CG2 1 
ATOM   997  N N   . VAL B 1 32 ? -7.172  6.513   4.745   1.00 17.15 ? 132 VAL B N   1 
ATOM   998  C CA  . VAL B 1 32 ? -7.579  6.171   6.105   1.00 18.04 ? 132 VAL B CA  1 
ATOM   999  C C   . VAL B 1 32 ? -6.684  6.833   7.153   1.00 16.91 ? 132 VAL B C   1 
ATOM   1000 O O   . VAL B 1 32 ? -5.473  6.609   7.181   1.00 17.29 ? 132 VAL B O   1 
ATOM   1001 C CB  . VAL B 1 32 ? -7.517  4.644   6.331   1.00 18.35 ? 132 VAL B CB  1 
ATOM   1002 C CG1 . VAL B 1 32 ? -8.261  4.280   7.611   1.00 21.10 ? 132 VAL B CG1 1 
ATOM   1003 C CG2 . VAL B 1 32 ? -8.097  3.911   5.135   1.00 21.12 ? 132 VAL B CG2 1 
ATOM   1004 N N   . LEU B 1 33 ? -7.293  7.620   8.028   1.00 17.16 ? 133 LEU B N   1 
ATOM   1005 C CA  . LEU B 1 33 ? -6.559  8.325   9.074   1.00 17.90 ? 133 LEU B CA  1 
ATOM   1006 C C   . LEU B 1 33 ? -6.912  7.802   10.457  1.00 19.23 ? 133 LEU B C   1 
ATOM   1007 O O   . LEU B 1 33 ? -8.013  7.297   10.674  1.00 18.89 ? 133 LEU B O   1 
ATOM   1008 C CB  . LEU B 1 33 ? -6.871  9.824   9.018   1.00 20.27 ? 133 LEU B CB  1 
ATOM   1009 C CG  . LEU B 1 33 ? -6.550  10.552  7.711   1.00 21.08 ? 133 LEU B CG  1 
ATOM   1010 C CD1 . LEU B 1 33 ? -6.864  12.027  7.859   1.00 23.43 ? 133 LEU B CD1 1 
ATOM   1011 C CD2 . LEU B 1 33 ? -5.090  10.356  7.362   1.00 21.28 ? 133 LEU B CD2 1 
ATOM   1012 N N   . GLU B 1 34 ? -5.968  7.933   11.385  1.00 19.74 ? 134 GLU B N   1 
ATOM   1013 C CA  . GLU B 1 34 ? -6.153  7.508   12.766  1.00 23.52 ? 134 GLU B CA  1 
ATOM   1014 C C   . GLU B 1 34 ? -7.241  8.356   13.419  1.00 24.18 ? 134 GLU B C   1 
ATOM   1015 O O   . GLU B 1 34 ? -7.554  9.453   12.947  1.00 23.41 ? 134 GLU B O   1 
ATOM   1016 C CB  . GLU B 1 34 ? -4.842  7.677   13.541  1.00 24.79 ? 134 GLU B CB  1 
ATOM   1017 C CG  . GLU B 1 34 ? -3.702  6.790   13.049  1.00 30.13 ? 134 GLU B CG  1 
ATOM   1018 C CD  . GLU B 1 34 ? -2.356  7.189   13.643  1.00 33.91 ? 134 GLU B CD  1 
ATOM   1019 O OE1 . GLU B 1 34 ? -2.326  7.595   14.822  1.00 35.55 ? 134 GLU B OE1 1 
ATOM   1020 O OE2 . GLU B 1 34 ? -1.330  7.089   12.938  1.00 36.07 ? 134 GLU B OE2 1 
ATOM   1021 N N   . GLU B 1 35 ? -7.802  7.844   14.512  1.00 26.28 ? 135 GLU B N   1 
ATOM   1022 C CA  . GLU B 1 35 ? -8.864  8.525   15.244  1.00 28.71 ? 135 GLU B CA  1 
ATOM   1023 C C   . GLU B 1 35 ? -8.586  10.014  15.439  1.00 30.26 ? 135 GLU B C   1 
ATOM   1024 O O   . GLU B 1 35 ? -7.529  10.406  15.940  1.00 29.94 ? 135 GLU B O   1 
ATOM   1025 C CB  . GLU B 1 35 ? -9.070  7.850   16.604  1.00 31.99 ? 135 GLU B CB  1 
ATOM   1026 C CG  . GLU B 1 35 ? -10.307 8.316   17.357  1.00 34.69 ? 135 GLU B CG  1 
ATOM   1027 C CD  . GLU B 1 35 ? -11.576 8.178   16.533  1.00 36.67 ? 135 GLU B CD  1 
ATOM   1028 O OE1 . GLU B 1 35 ? -11.863 7.054   16.061  1.00 37.78 ? 135 GLU B OE1 1 
ATOM   1029 O OE2 . GLU B 1 35 ? -12.282 9.194   16.361  1.00 39.65 ? 135 GLU B OE2 1 
ATOM   1030 N N   . MET B 1 36 ? -9.543  10.837  15.027  1.00 29.63 ? 136 MET B N   1 
ATOM   1031 C CA  . MET B 1 36 ? -9.424  12.282  15.150  1.00 31.22 ? 136 MET B CA  1 
ATOM   1032 C C   . MET B 1 36 ? -10.792 12.907  14.929  1.00 32.38 ? 136 MET B C   1 
ATOM   1033 O O   . MET B 1 36 ? -11.728 12.233  14.505  1.00 31.81 ? 136 MET B O   1 
ATOM   1034 C CB  . MET B 1 36 ? -8.443  12.830  14.109  1.00 32.65 ? 136 MET B CB  1 
ATOM   1035 C CG  . MET B 1 36 ? -8.939  12.724  12.674  1.00 32.40 ? 136 MET B CG  1 
ATOM   1036 S SD  . MET B 1 36 ? -7.812  13.478  11.490  1.00 35.52 ? 136 MET B SD  1 
ATOM   1037 C CE  . MET B 1 36 ? -7.972  15.212  11.927  1.00 35.95 ? 136 MET B CE  1 
ATOM   1038 N N   . SER B 1 37 ? -10.901 14.199  15.209  1.00 33.54 ? 137 SER B N   1 
ATOM   1039 C CA  . SER B 1 37 ? -12.159 14.907  15.033  1.00 35.21 ? 137 SER B CA  1 
ATOM   1040 C C   . SER B 1 37 ? -12.213 15.621  13.697  1.00 34.22 ? 137 SER B C   1 
ATOM   1041 O O   . SER B 1 37 ? -11.278 16.322  13.315  1.00 34.92 ? 137 SER B O   1 
ATOM   1042 C CB  . SER B 1 37 ? -12.360 15.919  16.161  1.00 36.25 ? 137 SER B CB  1 
ATOM   1043 O OG  . SER B 1 37 ? -12.477 15.256  17.408  1.00 40.52 ? 137 SER B OG  1 
ATOM   1044 N N   . LEU B 1 38 ? -13.314 15.429  12.984  1.00 33.75 ? 138 LEU B N   1 
ATOM   1045 C CA  . LEU B 1 38 ? -13.519 16.065  11.694  1.00 33.48 ? 138 LEU B CA  1 
ATOM   1046 C C   . LEU B 1 38 ? -14.918 16.667  11.694  1.00 33.80 ? 138 LEU B C   1 
ATOM   1047 O O   . LEU B 1 38 ? -15.803 16.187  12.396  1.00 33.50 ? 138 LEU B O   1 
ATOM   1048 C CB  . LEU B 1 38 ? -13.384 15.042  10.562  1.00 32.36 ? 138 LEU B CB  1 
ATOM   1049 C CG  . LEU B 1 38 ? -11.971 14.526  10.274  1.00 32.34 ? 138 LEU B CG  1 
ATOM   1050 C CD1 . LEU B 1 38 ? -12.015 13.474  9.178   1.00 31.57 ? 138 LEU B CD1 1 
ATOM   1051 C CD2 . LEU B 1 38 ? -11.086 15.692  9.857   1.00 32.81 ? 138 LEU B CD2 1 
ATOM   1052 N N   . PRO B 1 39 ? -15.131 17.735  10.914  1.00 34.24 ? 139 PRO B N   1 
ATOM   1053 C CA  . PRO B 1 39 ? -16.449 18.374  10.856  1.00 34.15 ? 139 PRO B CA  1 
ATOM   1054 C C   . PRO B 1 39 ? -17.479 17.629  10.003  1.00 33.49 ? 139 PRO B C   1 
ATOM   1055 O O   . PRO B 1 39 ? -17.136 16.760  9.203   1.00 33.58 ? 139 PRO B O   1 
ATOM   1056 C CB  . PRO B 1 39 ? -16.128 19.751  10.285  1.00 34.57 ? 139 PRO B CB  1 
ATOM   1057 C CG  . PRO B 1 39 ? -15.002 19.449  9.337   1.00 35.31 ? 139 PRO B CG  1 
ATOM   1058 C CD  . PRO B 1 39 ? -14.133 18.521  10.163  1.00 34.75 ? 139 PRO B CD  1 
ATOM   1059 N N   . GLY B 1 40 ? -18.746 17.980  10.193  1.00 32.66 ? 140 GLY B N   1 
ATOM   1060 C CA  . GLY B 1 40 ? -19.813 17.379  9.414   1.00 30.44 ? 140 GLY B CA  1 
ATOM   1061 C C   . GLY B 1 40 ? -20.319 16.033  9.886   1.00 28.85 ? 140 GLY B C   1 
ATOM   1062 O O   . GLY B 1 40 ? -19.946 15.540  10.951  1.00 28.90 ? 140 GLY B O   1 
ATOM   1063 N N   . ARG B 1 41 ? -21.200 15.448  9.085   1.00 27.09 ? 141 ARG B N   1 
ATOM   1064 C CA  . ARG B 1 41 ? -21.768 14.144  9.390   1.00 25.97 ? 141 ARG B CA  1 
ATOM   1065 C C   . ARG B 1 41 ? -20.912 13.095  8.699   1.00 26.05 ? 141 ARG B C   1 
ATOM   1066 O O   . ARG B 1 41 ? -20.237 13.388  7.711   1.00 26.80 ? 141 ARG B O   1 
ATOM   1067 C CB  . ARG B 1 41 ? -23.197 14.038  8.852   1.00 26.17 ? 141 ARG B CB  1 
ATOM   1068 C CG  . ARG B 1 41 ? -24.233 14.863  9.591   1.00 26.04 ? 141 ARG B CG  1 
ATOM   1069 C CD  . ARG B 1 41 ? -25.579 14.767  8.892   1.00 26.90 ? 141 ARG B CD  1 
ATOM   1070 N NE  . ARG B 1 41 ? -26.120 13.408  8.860   1.00 25.13 ? 141 ARG B NE  1 
ATOM   1071 C CZ  . ARG B 1 41 ? -26.682 12.791  9.901   1.00 24.02 ? 141 ARG B CZ  1 
ATOM   1072 N NH1 . ARG B 1 41 ? -26.784 13.406  11.071  1.00 22.73 ? 141 ARG B NH1 1 
ATOM   1073 N NH2 . ARG B 1 41 ? -27.157 11.559  9.767   1.00 23.04 ? 141 ARG B NH2 1 
ATOM   1074 N N   . TRP B 1 42 ? -20.937 11.878  9.226   1.00 24.82 ? 142 TRP B N   1 
ATOM   1075 C CA  . TRP B 1 42 ? -20.188 10.789  8.629   1.00 22.79 ? 142 TRP B CA  1 
ATOM   1076 C C   . TRP B 1 42 ? -21.132 9.652   8.290   1.00 23.59 ? 142 TRP B C   1 
ATOM   1077 O O   . TRP B 1 42 ? -22.237 9.569   8.827   1.00 22.29 ? 142 TRP B O   1 
ATOM   1078 C CB  . TRP B 1 42 ? -19.104 10.277  9.578   1.00 21.56 ? 142 TRP B CB  1 
ATOM   1079 C CG  . TRP B 1 42 ? -19.605 9.839   10.922  1.00 20.60 ? 142 TRP B CG  1 
ATOM   1080 C CD1 . TRP B 1 42 ? -19.857 10.635  12.005  1.00 19.57 ? 142 TRP B CD1 1 
ATOM   1081 C CD2 . TRP B 1 42 ? -19.868 8.496   11.342  1.00 20.45 ? 142 TRP B CD2 1 
ATOM   1082 N NE1 . TRP B 1 42 ? -20.250 9.869   13.074  1.00 21.37 ? 142 TRP B NE1 1 
ATOM   1083 C CE2 . TRP B 1 42 ? -20.267 8.551   12.695  1.00 20.70 ? 142 TRP B CE2 1 
ATOM   1084 C CE3 . TRP B 1 42 ? -19.804 7.248   10.705  1.00 19.82 ? 142 TRP B CE3 1 
ATOM   1085 C CZ2 . TRP B 1 42 ? -20.597 7.407   13.427  1.00 20.60 ? 142 TRP B CZ2 1 
ATOM   1086 C CZ3 . TRP B 1 42 ? -20.133 6.108   11.434  1.00 20.78 ? 142 TRP B CZ3 1 
ATOM   1087 C CH2 . TRP B 1 42 ? -20.524 6.198   12.784  1.00 20.23 ? 142 TRP B CH2 1 
ATOM   1088 N N   . LYS B 1 43 ? -20.692 8.795   7.376   1.00 22.54 ? 143 LYS B N   1 
ATOM   1089 C CA  . LYS B 1 43 ? -21.463 7.637   6.956   1.00 24.68 ? 143 LYS B CA  1 
ATOM   1090 C C   . LYS B 1 43 ? -20.612 6.433   7.296   1.00 22.84 ? 143 LYS B C   1 
ATOM   1091 O O   . LYS B 1 43 ? -19.398 6.549   7.440   1.00 23.19 ? 143 LYS B O   1 
ATOM   1092 C CB  . LYS B 1 43 ? -21.741 7.684   5.453   1.00 27.31 ? 143 LYS B CB  1 
ATOM   1093 C CG  . LYS B 1 43 ? -22.729 8.765   5.056   1.00 32.81 ? 143 LYS B CG  1 
ATOM   1094 C CD  . LYS B 1 43 ? -22.992 8.761   3.559   1.00 37.45 ? 143 LYS B CD  1 
ATOM   1095 C CE  . LYS B 1 43 ? -21.766 9.199   2.780   1.00 38.74 ? 143 LYS B CE  1 
ATOM   1096 N NZ  . LYS B 1 43 ? -22.025 9.230   1.312   1.00 42.77 ? 143 LYS B NZ  1 
ATOM   1097 N N   . PRO B 1 44 ? -21.231 5.258   7.428   1.00 22.98 ? 144 PRO B N   1 
ATOM   1098 C CA  . PRO B 1 44 ? -20.451 4.069   7.761   1.00 22.15 ? 144 PRO B CA  1 
ATOM   1099 C C   . PRO B 1 44 ? -19.842 3.402   6.533   1.00 23.01 ? 144 PRO B C   1 
ATOM   1100 O O   . PRO B 1 44 ? -20.384 3.489   5.430   1.00 20.94 ? 144 PRO B O   1 
ATOM   1101 C CB  . PRO B 1 44 ? -21.482 3.179   8.435   1.00 23.60 ? 144 PRO B CB  1 
ATOM   1102 C CG  . PRO B 1 44 ? -22.693 3.424   7.574   1.00 23.04 ? 144 PRO B CG  1 
ATOM   1103 C CD  . PRO B 1 44 ? -22.668 4.939   7.330   1.00 22.77 ? 144 PRO B CD  1 
ATOM   1104 N N   . LYS B 1 45 ? -18.704 2.750   6.732   1.00 22.99 ? 145 LYS B N   1 
ATOM   1105 C CA  . LYS B 1 45 ? -18.051 2.027   5.655   1.00 23.77 ? 145 LYS B CA  1 
ATOM   1106 C C   . LYS B 1 45 ? -17.171 0.936   6.235   1.00 24.35 ? 145 LYS B C   1 
ATOM   1107 O O   . LYS B 1 45 ? -16.576 1.094   7.300   1.00 24.47 ? 145 LYS B O   1 
ATOM   1108 C CB  . LYS B 1 45 ? -17.203 2.952   4.775   1.00 24.30 ? 145 LYS B CB  1 
ATOM   1109 C CG  . LYS B 1 45 ? -16.701 2.238   3.527   1.00 25.11 ? 145 LYS B CG  1 
ATOM   1110 C CD  . LYS B 1 45 ? -15.912 3.135   2.593   1.00 27.79 ? 145 LYS B CD  1 
ATOM   1111 C CE  . LYS B 1 45 ? -15.621 2.397   1.290   1.00 29.44 ? 145 LYS B CE  1 
ATOM   1112 N NZ  . LYS B 1 45 ? -14.636 3.113   0.430   1.00 31.43 ? 145 LYS B NZ  1 
ATOM   1113 N N   . MET B 1 46 ? -17.120 -0.182  5.525   1.00 25.09 ? 146 MET B N   1 
ATOM   1114 C CA  . MET B 1 46 ? -16.315 -1.322  5.924   1.00 26.62 ? 146 MET B CA  1 
ATOM   1115 C C   . MET B 1 46 ? -15.200 -1.442  4.903   1.00 24.72 ? 146 MET B C   1 
ATOM   1116 O O   . MET B 1 46 ? -15.466 -1.470  3.703   1.00 24.95 ? 146 MET B O   1 
ATOM   1117 C CB  . MET B 1 46 ? -17.159 -2.598  5.895   1.00 33.04 ? 146 MET B CB  1 
ATOM   1118 C CG  . MET B 1 46 ? -18.184 -2.701  7.004   1.00 38.00 ? 146 MET B CG  1 
ATOM   1119 S SD  . MET B 1 46 ? -17.455 -3.296  8.536   1.00 47.30 ? 146 MET B SD  1 
ATOM   1120 C CE  . MET B 1 46 ? -17.676 -5.054  8.333   1.00 44.43 ? 146 MET B CE  1 
ATOM   1121 N N   . ILE B 1 47 ? -13.956 -1.486  5.367   1.00 23.46 ? 147 ILE B N   1 
ATOM   1122 C CA  . ILE B 1 47 ? -12.832 -1.626  4.456   1.00 21.73 ? 147 ILE B CA  1 
ATOM   1123 C C   . ILE B 1 47 ? -12.039 -2.862  4.830   1.00 22.26 ? 147 ILE B C   1 
ATOM   1124 O O   . ILE B 1 47 ? -11.975 -3.238  6.001   1.00 22.29 ? 147 ILE B O   1 
ATOM   1125 C CB  . ILE B 1 47 ? -11.905 -0.387  4.479   1.00 22.61 ? 147 ILE B CB  1 
ATOM   1126 C CG1 . ILE B 1 47 ? -11.398 -0.124  5.902   1.00 22.35 ? 147 ILE B CG1 1 
ATOM   1127 C CG2 . ILE B 1 47 ? -12.655 0.814   3.928   1.00 23.26 ? 147 ILE B CG2 1 
ATOM   1128 C CD1 . ILE B 1 47 ? -10.401 1.018   6.000   1.00 23.35 ? 147 ILE B CD1 1 
ATOM   1129 N N   . GLY B 1 48 ? -11.446 -3.500  3.827   1.00 21.25 ? 148 GLY B N   1 
ATOM   1130 C CA  . GLY B 1 48 ? -10.674 -4.697  4.081   1.00 21.61 ? 148 GLY B CA  1 
ATOM   1131 C C   . GLY B 1 48 ? -9.195  -4.479  3.867   1.00 20.58 ? 148 GLY B C   1 
ATOM   1132 O O   . GLY B 1 48 ? -8.787  -3.764  2.954   1.00 21.12 ? 148 GLY B O   1 
ATOM   1133 N N   . GLY B 1 49 ? -8.394  -5.084  4.733   1.00 20.09 ? 149 GLY B N   1 
ATOM   1134 C CA  . GLY B 1 49 ? -6.955  -4.973  4.631   1.00 20.43 ? 149 GLY B CA  1 
ATOM   1135 C C   . GLY B 1 49 ? -6.380  -6.370  4.716   1.00 21.38 ? 149 GLY B C   1 
ATOM   1136 O O   . GLY B 1 49 ? -7.113  -7.351  4.572   1.00 21.74 ? 149 GLY B O   1 
ATOM   1137 N N   . ILE B 1 50 ? -5.081  -6.467  4.964   1.00 21.77 ? 150 ILE B N   1 
ATOM   1138 C CA  . ILE B 1 50 ? -4.412  -7.758  5.054   1.00 25.09 ? 150 ILE B CA  1 
ATOM   1139 C C   . ILE B 1 50 ? -4.943  -8.627  6.197   1.00 25.01 ? 150 ILE B C   1 
ATOM   1140 O O   . ILE B 1 50 ? -5.055  -9.844  6.053   1.00 26.85 ? 150 ILE B O   1 
ATOM   1141 C CB  . ILE B 1 50 ? -2.874  -7.573  5.223   1.00 26.79 ? 150 ILE B CB  1 
ATOM   1142 C CG1 . ILE B 1 50 ? -2.154  -8.890  4.947   1.00 30.40 ? 150 ILE B CG1 1 
ATOM   1143 C CG2 . ILE B 1 50 ? -2.547  -7.099  6.620   1.00 27.60 ? 150 ILE B CG2 1 
ATOM   1144 C CD1 . ILE B 1 50 ? -2.317  -9.367  3.529   1.00 33.27 ? 150 ILE B CD1 1 
ATOM   1145 N N   . GLY B 1 51 ? -5.282  -7.996  7.319   1.00 25.17 ? 151 GLY B N   1 
ATOM   1146 C CA  . GLY B 1 51 ? -5.770  -8.735  8.472   1.00 25.22 ? 151 GLY B CA  1 
ATOM   1147 C C   . GLY B 1 51 ? -7.266  -8.961  8.555   1.00 27.05 ? 151 GLY B C   1 
ATOM   1148 O O   . GLY B 1 51 ? -7.738  -9.642  9.465   1.00 27.70 ? 151 GLY B O   1 
ATOM   1149 N N   . GLY B 1 52 ? -8.016  -8.405  7.612   1.00 25.99 ? 152 GLY B N   1 
ATOM   1150 C CA  . GLY B 1 52 ? -9.459  -8.565  7.627   1.00 27.19 ? 152 GLY B CA  1 
ATOM   1151 C C   . GLY B 1 52 ? -10.151 -7.229  7.432   1.00 28.04 ? 152 GLY B C   1 
ATOM   1152 O O   . GLY B 1 52 ? -9.583  -6.318  6.840   1.00 26.59 ? 152 GLY B O   1 
ATOM   1153 N N   . PHE B 1 53 ? -11.373 -7.099  7.933   1.00 29.20 ? 153 PHE B N   1 
ATOM   1154 C CA  . PHE B 1 53 ? -12.090 -5.848  7.776   1.00 29.56 ? 153 PHE B CA  1 
ATOM   1155 C C   . PHE B 1 53 ? -12.240 -5.060  9.062   1.00 28.95 ? 153 PHE B C   1 
ATOM   1156 O O   . PHE B 1 53 ? -12.178 -5.620  10.159  1.00 29.47 ? 153 PHE B O   1 
ATOM   1157 N N   . ILE B 1 54 ? -12.420 -3.750  8.931   1.00 26.33 ? 154 ILE B N   1 
ATOM   1158 C CA  . ILE B 1 54 ? -12.617 -2.886  10.087  1.00 25.98 ? 154 ILE B CA  1 
ATOM   1159 C C   . ILE B 1 54 ? -13.703 -1.875  9.748   1.00 25.48 ? 154 ILE B C   1 
ATOM   1160 O O   . ILE B 1 54 ? -13.976 -1.610  8.574   1.00 24.89 ? 154 ILE B O   1 
ATOM   1161 C CB  . ILE B 1 54 ? -11.335 -2.116  10.489  1.00 27.52 ? 154 ILE B CB  1 
ATOM   1162 C CG1 . ILE B 1 54 ? -10.874 -1.218  9.342   1.00 27.95 ? 154 ILE B CG1 1 
ATOM   1163 C CG2 . ILE B 1 54 ? -10.238 -3.097  10.888  1.00 28.82 ? 154 ILE B CG2 1 
ATOM   1164 C CD1 . ILE B 1 54 ? -9.748  -0.288  9.731   1.00 29.10 ? 154 ILE B CD1 1 
ATOM   1165 N N   . LYS B 1 55 ? -14.327 -1.319  10.776  1.00 25.33 ? 155 LYS B N   1 
ATOM   1166 C CA  . LYS B 1 55 ? -15.379 -0.343  10.572  1.00 25.83 ? 155 LYS B CA  1 
ATOM   1167 C C   . LYS B 1 55 ? -14.776 1.051   10.666  1.00 24.78 ? 155 LYS B C   1 
ATOM   1168 O O   . LYS B 1 55 ? -14.015 1.349   11.589  1.00 25.38 ? 155 LYS B O   1 
ATOM   1169 C CB  . LYS B 1 55 ? -16.470 -0.522  11.629  1.00 28.60 ? 155 LYS B CB  1 
ATOM   1170 C CG  . LYS B 1 55 ? -17.766 0.179   11.284  1.00 34.48 ? 155 LYS B CG  1 
ATOM   1171 C CD  . LYS B 1 55 ? -18.336 -0.375  9.981   1.00 36.88 ? 155 LYS B CD  1 
ATOM   1172 C CE  . LYS B 1 55 ? -19.534 0.423   9.495   1.00 38.43 ? 155 LYS B CE  1 
ATOM   1173 N NZ  . LYS B 1 55 ? -20.069 -0.135  8.223   1.00 38.01 ? 155 LYS B NZ  1 
ATOM   1174 N N   . VAL B 1 56 ? -15.100 1.907   9.705   1.00 21.81 ? 156 VAL B N   1 
ATOM   1175 C CA  . VAL B 1 56 ? -14.567 3.258   9.725   1.00 20.82 ? 156 VAL B CA  1 
ATOM   1176 C C   . VAL B 1 56 ? -15.666 4.283   9.501   1.00 20.63 ? 156 VAL B C   1 
ATOM   1177 O O   . VAL B 1 56 ? -16.782 3.945   9.106   1.00 21.55 ? 156 VAL B O   1 
ATOM   1178 C CB  . VAL B 1 56 ? -13.469 3.447   8.649   1.00 20.92 ? 156 VAL B CB  1 
ATOM   1179 C CG1 . VAL B 1 56 ? -12.354 2.431   8.870   1.00 21.41 ? 156 VAL B CG1 1 
ATOM   1180 C CG2 . VAL B 1 56 ? -14.059 3.282   7.253   1.00 22.42 ? 156 VAL B CG2 1 
ATOM   1181 N N   . ARG B 1 57 ? -15.333 5.535   9.777   1.00 19.46 ? 157 ARG B N   1 
ATOM   1182 C CA  . ARG B 1 57 ? -16.257 6.641   9.608   1.00 20.60 ? 157 ARG B CA  1 
ATOM   1183 C C   . ARG B 1 57 ? -15.840 7.375   8.340   1.00 20.69 ? 157 ARG B C   1 
ATOM   1184 O O   . ARG B 1 57 ? -14.677 7.721   8.180   1.00 20.37 ? 157 ARG B O   1 
ATOM   1185 C CB  . ARG B 1 57 ? -16.177 7.584   10.812  1.00 21.41 ? 157 ARG B CB  1 
ATOM   1186 C CG  . ARG B 1 57 ? -16.325 6.891   12.160  1.00 24.27 ? 157 ARG B CG  1 
ATOM   1187 C CD  . ARG B 1 57 ? -16.823 7.860   13.232  1.00 25.39 ? 157 ARG B CD  1 
ATOM   1188 N NE  . ARG B 1 57 ? -15.970 9.034   13.380  1.00 28.31 ? 157 ARG B NE  1 
ATOM   1189 C CZ  . ARG B 1 57 ? -14.810 9.045   14.031  1.00 29.32 ? 157 ARG B CZ  1 
ATOM   1190 N NH1 . ARG B 1 57 ? -14.356 7.941   14.604  1.00 31.84 ? 157 ARG B NH1 1 
ATOM   1191 N NH2 . ARG B 1 57 ? -14.104 10.164  14.111  1.00 31.19 ? 157 ARG B NH2 1 
ATOM   1192 N N   . GLN B 1 58 ? -16.789 7.609   7.442   1.00 20.17 ? 158 GLN B N   1 
ATOM   1193 C CA  . GLN B 1 58 ? -16.486 8.293   6.193   1.00 19.76 ? 158 GLN B CA  1 
ATOM   1194 C C   . GLN B 1 58 ? -16.923 9.749   6.191   1.00 20.91 ? 158 GLN B C   1 
ATOM   1195 O O   . GLN B 1 58 ? -18.105 10.052  6.376   1.00 20.75 ? 158 GLN B O   1 
ATOM   1196 C CB  . GLN B 1 58 ? -17.162 7.581   5.021   1.00 20.82 ? 158 GLN B CB  1 
ATOM   1197 C CG  . GLN B 1 58 ? -16.861 8.210   3.666   1.00 22.75 ? 158 GLN B CG  1 
ATOM   1198 C CD  . GLN B 1 58 ? -17.613 7.537   2.535   1.00 24.61 ? 158 GLN B CD  1 
ATOM   1199 O OE1 . GLN B 1 58 ? -17.617 6.312   2.420   1.00 28.64 ? 158 GLN B OE1 1 
ATOM   1200 N NE2 . GLN B 1 58 ? -18.250 8.338   1.688   1.00 26.16 ? 158 GLN B NE2 1 
ATOM   1201 N N   . TYR B 1 59 ? -15.964 10.646  5.984   1.00 20.11 ? 159 TYR B N   1 
ATOM   1202 C CA  . TYR B 1 59 ? -16.249 12.077  5.912   1.00 20.82 ? 159 TYR B CA  1 
ATOM   1203 C C   . TYR B 1 59 ? -15.966 12.522  4.487   1.00 22.23 ? 159 TYR B C   1 
ATOM   1204 O O   . TYR B 1 59 ? -14.936 12.162  3.909   1.00 21.70 ? 159 TYR B O   1 
ATOM   1205 C CB  . TYR B 1 59 ? -15.359 12.866  6.873   1.00 20.57 ? 159 TYR B CB  1 
ATOM   1206 C CG  . TYR B 1 59 ? -15.610 12.566  8.328   1.00 21.62 ? 159 TYR B CG  1 
ATOM   1207 C CD1 . TYR B 1 59 ? -15.049 11.444  8.936   1.00 20.36 ? 159 TYR B CD1 1 
ATOM   1208 C CD2 . TYR B 1 59 ? -16.409 13.408  9.104   1.00 20.93 ? 159 TYR B CD2 1 
ATOM   1209 C CE1 . TYR B 1 59 ? -15.270 11.169  10.273  1.00 21.49 ? 159 TYR B CE1 1 
ATOM   1210 C CE2 . TYR B 1 59 ? -16.639 13.141  10.443  1.00 21.61 ? 159 TYR B CE2 1 
ATOM   1211 C CZ  . TYR B 1 59 ? -16.063 12.021  11.021  1.00 21.77 ? 159 TYR B CZ  1 
ATOM   1212 O OH  . TYR B 1 59 ? -16.277 11.754  12.349  1.00 23.86 ? 159 TYR B OH  1 
ATOM   1213 N N   . ASP B 1 60 ? -16.870 13.306  3.914   1.00 22.19 ? 160 ASP B N   1 
ATOM   1214 C CA  . ASP B 1 60 ? -16.680 13.754  2.546   1.00 23.59 ? 160 ASP B CA  1 
ATOM   1215 C C   . ASP B 1 60 ? -16.231 15.203  2.397   1.00 23.08 ? 160 ASP B C   1 
ATOM   1216 O O   . ASP B 1 60 ? -16.415 16.028  3.292   1.00 22.96 ? 160 ASP B O   1 
ATOM   1217 C CB  . ASP B 1 60 ? -17.961 13.529  1.740   1.00 27.29 ? 160 ASP B CB  1 
ATOM   1218 C CG  . ASP B 1 60 ? -18.287 12.057  1.568   1.00 30.25 ? 160 ASP B CG  1 
ATOM   1219 O OD1 . ASP B 1 60 ? -17.374 11.286  1.213   1.00 31.99 ? 160 ASP B OD1 1 
ATOM   1220 O OD2 . ASP B 1 60 ? -19.453 11.672  1.777   1.00 33.65 ? 160 ASP B OD2 1 
ATOM   1221 N N   . GLN B 1 61 ? -15.622 15.483  1.250   1.00 21.57 ? 161 GLN B N   1 
ATOM   1222 C CA  . GLN B 1 61 ? -15.135 16.812  0.905   1.00 24.23 ? 161 GLN B CA  1 
ATOM   1223 C C   . GLN B 1 61 ? -14.281 17.444  1.998   1.00 24.29 ? 161 GLN B C   1 
ATOM   1224 O O   . GLN B 1 61 ? -14.511 18.584  2.413   1.00 25.67 ? 161 GLN B O   1 
ATOM   1225 C CB  . GLN B 1 61 ? -16.318 17.721  0.564   1.00 27.95 ? 161 GLN B CB  1 
ATOM   1226 C CG  . GLN B 1 61 ? -16.107 18.543  -0.699  1.00 32.05 ? 161 GLN B CG  1 
ATOM   1227 C CD  . GLN B 1 61 ? -17.357 19.283  -1.125  1.00 35.63 ? 161 GLN B CD  1 
ATOM   1228 O OE1 . GLN B 1 61 ? -18.451 18.715  -1.137  1.00 37.66 ? 161 GLN B OE1 1 
ATOM   1229 N NE2 . GLN B 1 61 ? -17.205 20.552  -1.487  1.00 35.96 ? 161 GLN B NE2 1 
ATOM   1230 N N   . ILE B 1 62 ? -13.283 16.691  2.449   1.00 22.49 ? 162 ILE B N   1 
ATOM   1231 C CA  . ILE B 1 62 ? -12.365 17.154  3.488   1.00 22.52 ? 162 ILE B CA  1 
ATOM   1232 C C   . ILE B 1 62 ? -11.113 17.745  2.841   1.00 22.40 ? 162 ILE B C   1 
ATOM   1233 O O   . ILE B 1 62 ? -10.551 17.156  1.919   1.00 21.74 ? 162 ILE B O   1 
ATOM   1234 C CB  . ILE B 1 62 ? -11.929 15.982  4.403   1.00 21.13 ? 162 ILE B CB  1 
ATOM   1235 C CG1 . ILE B 1 62 ? -13.147 15.388  5.117   1.00 22.39 ? 162 ILE B CG1 1 
ATOM   1236 C CG2 . ILE B 1 62 ? -10.868 16.452  5.388   1.00 22.49 ? 162 ILE B CG2 1 
ATOM   1237 C CD1 . ILE B 1 62 ? -13.956 16.380  5.915   1.00 21.95 ? 162 ILE B CD1 1 
ATOM   1238 N N   . LEU B 1 63 ? -10.679 18.906  3.321   1.00 23.11 ? 163 LEU B N   1 
ATOM   1239 C CA  . LEU B 1 63 ? -9.482  19.543  2.788   1.00 24.56 ? 163 LEU B CA  1 
ATOM   1240 C C   . LEU B 1 63 ? -8.232  18.959  3.454   1.00 24.47 ? 163 LEU B C   1 
ATOM   1241 O O   . LEU B 1 63 ? -8.129  18.921  4.676   1.00 24.00 ? 163 LEU B O   1 
ATOM   1242 C CB  . LEU B 1 63 ? -9.526  21.059  3.024   1.00 26.89 ? 163 LEU B CB  1 
ATOM   1243 C CG  . LEU B 1 63 ? -8.238  21.853  2.758   1.00 30.41 ? 163 LEU B CG  1 
ATOM   1244 C CD1 . LEU B 1 63 ? -7.741  21.602  1.338   1.00 31.49 ? 163 LEU B CD1 1 
ATOM   1245 C CD2 . LEU B 1 63 ? -8.498  23.340  2.974   1.00 32.90 ? 163 LEU B CD2 1 
ATOM   1246 N N   . ILE B 1 64 ? -7.293  18.494  2.640   1.00 23.96 ? 164 ILE B N   1 
ATOM   1247 C CA  . ILE B 1 64 ? -6.051  17.934  3.155   1.00 25.71 ? 164 ILE B CA  1 
ATOM   1248 C C   . ILE B 1 64 ? -4.889  18.362  2.269   1.00 25.54 ? 164 ILE B C   1 
ATOM   1249 O O   . ILE B 1 64 ? -4.958  18.280  1.043   1.00 25.72 ? 164 ILE B O   1 
ATOM   1250 C CB  . ILE B 1 64 ? -6.099  16.390  3.227   1.00 27.30 ? 164 ILE B CB  1 
ATOM   1251 C CG1 . ILE B 1 64 ? -4.746  15.855  3.703   1.00 27.61 ? 164 ILE B CG1 1 
ATOM   1252 C CG2 . ILE B 1 64 ? -6.449  15.809  1.865   1.00 29.91 ? 164 ILE B CG2 1 
ATOM   1253 C CD1 . ILE B 1 64 ? -4.739  14.364  3.954   1.00 32.61 ? 164 ILE B CD1 1 
ATOM   1254 N N   . GLU B 1 65 ? -3.823  18.829  2.902   1.00 24.67 ? 165 GLU B N   1 
ATOM   1255 C CA  . GLU B 1 65 ? -2.645  19.289  2.184   1.00 25.40 ? 165 GLU B CA  1 
ATOM   1256 C C   . GLU B 1 65 ? -1.567  18.218  2.282   1.00 25.24 ? 165 GLU B C   1 
ATOM   1257 O O   . GLU B 1 65 ? -1.119  17.869  3.373   1.00 24.93 ? 165 GLU B O   1 
ATOM   1258 C CB  . GLU B 1 65 ? -2.150  20.591  2.805   1.00 29.22 ? 165 GLU B CB  1 
ATOM   1259 C CG  . GLU B 1 65 ? -1.330  21.455  1.885   1.00 34.14 ? 165 GLU B CG  1 
ATOM   1260 C CD  . GLU B 1 65 ? -0.822  22.687  2.593   1.00 38.00 ? 165 GLU B CD  1 
ATOM   1261 O OE1 . GLU B 1 65 ? 0.205   22.584  3.301   1.00 42.19 ? 165 GLU B OE1 1 
ATOM   1262 O OE2 . GLU B 1 65 ? -1.464  23.750  2.458   1.00 39.52 ? 165 GLU B OE2 1 
ATOM   1263 N N   . ILE B 1 66 ? -1.157  17.697  1.133   1.00 25.41 ? 166 ILE B N   1 
ATOM   1264 C CA  . ILE B 1 66 ? -0.149  16.647  1.082   1.00 27.26 ? 166 ILE B CA  1 
ATOM   1265 C C   . ILE B 1 66 ? 1.113   17.234  0.456   1.00 30.01 ? 166 ILE B C   1 
ATOM   1266 O O   . ILE B 1 66 ? 1.102   17.638  -0.706  1.00 30.01 ? 166 ILE B O   1 
ATOM   1267 C CB  . ILE B 1 66 ? -0.655  15.470  0.224   1.00 26.18 ? 166 ILE B CB  1 
ATOM   1268 C CG1 . ILE B 1 66 ? -2.026  15.020  0.737   1.00 26.36 ? 166 ILE B CG1 1 
ATOM   1269 C CG2 . ILE B 1 66 ? 0.337   14.315  0.270   1.00 26.73 ? 166 ILE B CG2 1 
ATOM   1270 C CD1 . ILE B 1 66 ? -2.780  14.122  -0.229  1.00 27.99 ? 166 ILE B CD1 1 
ATOM   1271 N N   . CYS B 1 67 ? 2.190   17.288  1.233   1.00 33.04 ? 167 CYS B N   1 
ATOM   1272 C CA  . CYS B 1 67 ? 3.452   17.848  0.753   1.00 36.89 ? 167 CYS B CA  1 
ATOM   1273 C C   . CYS B 1 67 ? 3.265   19.174  0.033   1.00 36.83 ? 167 CYS B C   1 
ATOM   1274 O O   . CYS B 1 67 ? 3.928   19.436  -0.968  1.00 38.61 ? 167 CYS B O   1 
ATOM   1275 C CB  . CYS B 1 67 ? 4.159   16.875  -0.189  1.00 38.81 ? 167 CYS B CB  1 
ATOM   1276 S SG  . CYS B 1 67 ? 5.121   15.610  0.639   1.00 47.16 ? 167 CYS B SG  1 
ATOM   1277 N N   . GLY B 1 68 ? 2.355   20.003  0.529   1.00 37.09 ? 168 GLY B N   1 
ATOM   1278 C CA  . GLY B 1 68 ? 2.133   21.297  -0.094  1.00 36.27 ? 168 GLY B CA  1 
ATOM   1279 C C   . GLY B 1 68 ? 1.086   21.324  -1.189  1.00 35.73 ? 168 GLY B C   1 
ATOM   1280 O O   . GLY B 1 68 ? 0.734   22.395  -1.678  1.00 36.47 ? 168 GLY B O   1 
ATOM   1281 N N   . HIS B 1 69 ? 0.597   20.157  -1.592  1.00 34.35 ? 169 HIS B N   1 
ATOM   1282 C CA  . HIS B 1 69 ? -0.433  20.085  -2.629  1.00 33.32 ? 169 HIS B CA  1 
ATOM   1283 C C   . HIS B 1 69 ? -1.790  19.943  -1.953  1.00 32.12 ? 169 HIS B C   1 
ATOM   1284 O O   . HIS B 1 69 ? -2.004  19.008  -1.186  1.00 30.10 ? 169 HIS B O   1 
ATOM   1285 C CB  . HIS B 1 69 ? -0.214  18.873  -3.540  1.00 34.23 ? 169 HIS B CB  1 
ATOM   1286 C CG  . HIS B 1 69 ? 1.012   18.965  -4.391  1.00 36.50 ? 169 HIS B CG  1 
ATOM   1287 N ND1 . HIS B 1 69 ? 2.280   19.076  -3.863  1.00 37.84 ? 169 HIS B ND1 1 
ATOM   1288 C CD2 . HIS B 1 69 ? 1.163   18.957  -5.736  1.00 36.74 ? 169 HIS B CD2 1 
ATOM   1289 C CE1 . HIS B 1 69 ? 3.160   19.135  -4.846  1.00 36.50 ? 169 HIS B CE1 1 
ATOM   1290 N NE2 . HIS B 1 69 ? 2.509   19.064  -5.993  1.00 37.59 ? 169 HIS B NE2 1 
ATOM   1291 N N   . LYS B 1 70 ? -2.705  20.861  -2.239  1.00 30.28 ? 170 LYS B N   1 
ATOM   1292 C CA  . LYS B 1 70 ? -4.030  20.797  -1.642  1.00 30.84 ? 170 LYS B CA  1 
ATOM   1293 C C   . LYS B 1 70 ? -4.942  19.823  -2.375  1.00 29.43 ? 170 LYS B C   1 
ATOM   1294 O O   . LYS B 1 70 ? -4.989  19.794  -3.606  1.00 29.36 ? 170 LYS B O   1 
ATOM   1295 C CB  . LYS B 1 70 ? -4.685  22.183  -1.615  1.00 33.80 ? 170 LYS B CB  1 
ATOM   1296 C CG  . LYS B 1 70 ? -4.071  23.138  -0.609  1.00 37.21 ? 170 LYS B CG  1 
ATOM   1297 C CD  . LYS B 1 70 ? -4.924  24.382  -0.453  1.00 40.50 ? 170 LYS B CD  1 
ATOM   1298 C CE  . LYS B 1 70 ? -4.375  25.304  0.622   1.00 42.42 ? 170 LYS B CE  1 
ATOM   1299 N NZ  . LYS B 1 70 ? -5.300  26.446  0.872   1.00 44.37 ? 170 LYS B NZ  1 
ATOM   1300 N N   . ALA B 1 71 ? -5.652  19.016  -1.598  1.00 25.43 ? 171 ALA B N   1 
ATOM   1301 C CA  . ALA B 1 71 ? -6.589  18.038  -2.131  1.00 24.83 ? 171 ALA B CA  1 
ATOM   1302 C C   . ALA B 1 71 ? -7.870  18.154  -1.318  1.00 23.68 ? 171 ALA B C   1 
ATOM   1303 O O   . ALA B 1 71 ? -7.837  18.548  -0.152  1.00 24.33 ? 171 ALA B O   1 
ATOM   1304 C CB  . ALA B 1 71 ? -6.016  16.629  -2.006  1.00 24.22 ? 171 ALA B CB  1 
ATOM   1305 N N   . ILE B 1 72 ? -8.996  17.832  -1.942  1.00 21.49 ? 172 ILE B N   1 
ATOM   1306 C CA  . ILE B 1 72 ? -10.281 17.878  -1.264  1.00 20.66 ? 172 ILE B CA  1 
ATOM   1307 C C   . ILE B 1 72 ? -11.025 16.616  -1.657  1.00 19.99 ? 172 ILE B C   1 
ATOM   1308 O O   . ILE B 1 72 ? -11.419 16.451  -2.813  1.00 19.32 ? 172 ILE B O   1 
ATOM   1309 C CB  . ILE B 1 72 ? -11.128 19.097  -1.685  1.00 19.63 ? 172 ILE B CB  1 
ATOM   1310 C CG1 . ILE B 1 72 ? -10.355 20.396  -1.432  1.00 20.22 ? 172 ILE B CG1 1 
ATOM   1311 C CG2 . ILE B 1 72 ? -12.421 19.118  -0.881  1.00 20.35 ? 172 ILE B CG2 1 
ATOM   1312 C CD1 . ILE B 1 72 ? -11.147 21.638  -1.771  1.00 20.69 ? 172 ILE B CD1 1 
ATOM   1313 N N   . GLY B 1 73 ? -11.198 15.715  -0.697  1.00 19.08 ? 173 GLY B N   1 
ATOM   1314 C CA  . GLY B 1 73 ? -11.880 14.474  -0.997  1.00 19.50 ? 173 GLY B CA  1 
ATOM   1315 C C   . GLY B 1 73 ? -12.341 13.708  0.222   1.00 18.76 ? 173 GLY B C   1 
ATOM   1316 O O   . GLY B 1 73 ? -12.383 14.234  1.334   1.00 20.00 ? 173 GLY B O   1 
ATOM   1317 N N   . THR B 1 74 ? -12.681 12.449  -0.004  1.00 18.53 ? 174 THR B N   1 
ATOM   1318 C CA  . THR B 1 74 ? -13.173 11.569  1.042   1.00 19.24 ? 174 THR B CA  1 
ATOM   1319 C C   . THR B 1 74 ? -12.060 11.025  1.929   1.00 19.44 ? 174 THR B C   1 
ATOM   1320 O O   . THR B 1 74 ? -11.006 10.613  1.453   1.00 18.60 ? 174 THR B O   1 
ATOM   1321 C CB  . THR B 1 74 ? -13.947 10.395  0.411   1.00 19.91 ? 174 THR B CB  1 
ATOM   1322 O OG1 . THR B 1 74 ? -15.054 10.917  -0.339  1.00 22.63 ? 174 THR B OG1 1 
ATOM   1323 C CG2 . THR B 1 74 ? -14.472 9.441   1.483   1.00 20.02 ? 174 THR B CG2 1 
ATOM   1324 N N   . VAL B 1 75 ? -12.308 11.032  3.231   1.00 18.34 ? 175 VAL B N   1 
ATOM   1325 C CA  . VAL B 1 75 ? -11.343 10.531  4.192   1.00 19.93 ? 175 VAL B CA  1 
ATOM   1326 C C   . VAL B 1 75 ? -12.068 9.606   5.155   1.00 20.31 ? 175 VAL B C   1 
ATOM   1327 O O   . VAL B 1 75 ? -13.170 9.920   5.609   1.00 20.33 ? 175 VAL B O   1 
ATOM   1328 C CB  . VAL B 1 75 ? -10.708 11.687  4.982   1.00 22.16 ? 175 VAL B CB  1 
ATOM   1329 C CG1 . VAL B 1 75 ? -9.820  11.145  6.081   1.00 25.52 ? 175 VAL B CG1 1 
ATOM   1330 C CG2 . VAL B 1 75 ? -9.908  12.574  4.034   1.00 21.50 ? 175 VAL B CG2 1 
ATOM   1331 N N   . LEU B 1 76 ? -11.454 8.463   5.446   1.00 18.76 ? 176 LEU B N   1 
ATOM   1332 C CA  . LEU B 1 76 ? -12.026 7.491   6.367   1.00 17.76 ? 176 LEU B CA  1 
ATOM   1333 C C   . LEU B 1 76 ? -11.268 7.609   7.674   1.00 18.97 ? 176 LEU B C   1 
ATOM   1334 O O   . LEU B 1 76 ? -10.062 7.841   7.672   1.00 18.62 ? 176 LEU B O   1 
ATOM   1335 C CB  . LEU B 1 76 ? -11.863 6.076   5.820   1.00 16.56 ? 176 LEU B CB  1 
ATOM   1336 C CG  . LEU B 1 76 ? -12.374 5.858   4.397   1.00 18.63 ? 176 LEU B CG  1 
ATOM   1337 C CD1 . LEU B 1 76 ? -12.156 4.409   3.995   1.00 17.91 ? 176 LEU B CD1 1 
ATOM   1338 C CD2 . LEU B 1 76 ? -13.846 6.232   4.314   1.00 17.41 ? 176 LEU B CD2 1 
ATOM   1339 N N   . VAL B 1 77 ? -11.974 7.470   8.788   1.00 19.07 ? 177 VAL B N   1 
ATOM   1340 C CA  . VAL B 1 77 ? -11.332 7.557   10.094  1.00 18.74 ? 177 VAL B CA  1 
ATOM   1341 C C   . VAL B 1 77 ? -11.606 6.279   10.867  1.00 19.71 ? 177 VAL B C   1 
ATOM   1342 O O   . VAL B 1 77 ? -12.753 5.836   10.963  1.00 19.12 ? 177 VAL B O   1 
ATOM   1343 C CB  . VAL B 1 77 ? -11.860 8.755   10.912  1.00 20.17 ? 177 VAL B CB  1 
ATOM   1344 C CG1 . VAL B 1 77 ? -11.216 8.766   12.295  1.00 21.13 ? 177 VAL B CG1 1 
ATOM   1345 C CG2 . VAL B 1 77 ? -11.556 10.052  10.180  1.00 20.77 ? 177 VAL B CG2 1 
ATOM   1346 N N   . GLY B 1 78 ? -10.550 5.688   11.413  1.00 20.71 ? 178 GLY B N   1 
ATOM   1347 C CA  . GLY B 1 78 ? -10.717 4.464   12.166  1.00 23.19 ? 178 GLY B CA  1 
ATOM   1348 C C   . GLY B 1 78 ? -9.429  3.888   12.723  1.00 24.62 ? 178 GLY B C   1 
ATOM   1349 O O   . GLY B 1 78 ? -8.362  4.501   12.616  1.00 23.26 ? 178 GLY B O   1 
ATOM   1350 N N   . PRO B 1 79 ? -9.508  2.686   13.314  1.00 25.88 ? 179 PRO B N   1 
ATOM   1351 C CA  . PRO B 1 79 ? -8.384  1.964   13.918  1.00 26.78 ? 179 PRO B CA  1 
ATOM   1352 C C   . PRO B 1 79 ? -7.315  1.488   12.946  1.00 26.31 ? 179 PRO B C   1 
ATOM   1353 O O   . PRO B 1 79 ? -7.090  0.293   12.792  1.00 28.86 ? 179 PRO B O   1 
ATOM   1354 C CB  . PRO B 1 79 ? -9.072  0.803   14.634  1.00 27.58 ? 179 PRO B CB  1 
ATOM   1355 C CG  . PRO B 1 79 ? -10.226 0.516   13.730  1.00 26.57 ? 179 PRO B CG  1 
ATOM   1356 C CD  . PRO B 1 79 ? -10.749 1.902   13.433  1.00 27.31 ? 179 PRO B CD  1 
ATOM   1357 N N   . THR B 1 80 ? -6.653  2.428   12.291  1.00 26.88 ? 180 THR B N   1 
ATOM   1358 C CA  . THR B 1 80 ? -5.596  2.078   11.362  1.00 26.87 ? 180 THR B CA  1 
ATOM   1359 C C   . THR B 1 80 ? -4.267  2.251   12.084  1.00 26.15 ? 180 THR B C   1 
ATOM   1360 O O   . THR B 1 80 ? -4.114  3.145   12.913  1.00 27.35 ? 180 THR B O   1 
ATOM   1361 C CB  . THR B 1 80 ? -5.627  2.977   10.114  1.00 25.61 ? 180 THR B CB  1 
ATOM   1362 O OG1 . THR B 1 80 ? -4.523  2.642   9.266   1.00 25.75 ? 180 THR B OG1 1 
ATOM   1363 C CG2 . THR B 1 80 ? -5.546  4.449   10.509  1.00 24.60 ? 180 THR B CG2 1 
ATOM   1364 N N   . PRO B 1 81 ? -3.293  1.380   11.797  1.00 27.02 ? 181 PRO B N   1 
ATOM   1365 C CA  . PRO B 1 81 ? -1.970  1.444   12.431  1.00 25.74 ? 181 PRO B CA  1 
ATOM   1366 C C   . PRO B 1 81 ? -1.181  2.713   12.107  1.00 26.94 ? 181 PRO B C   1 
ATOM   1367 O O   . PRO B 1 81 ? -0.378  3.176   12.919  1.00 27.57 ? 181 PRO B O   1 
ATOM   1368 C CB  . PRO B 1 81 ? -1.278  0.190   11.905  1.00 25.75 ? 181 PRO B CB  1 
ATOM   1369 C CG  . PRO B 1 81 ? -2.423  -0.768  11.713  1.00 27.91 ? 181 PRO B CG  1 
ATOM   1370 C CD  . PRO B 1 81 ? -3.459  0.117   11.057  1.00 26.94 ? 181 PRO B CD  1 
ATOM   1371 N N   . VAL B 1 82 ? -1.419  3.270   10.920  1.00 24.44 ? 182 VAL B N   1 
ATOM   1372 C CA  . VAL B 1 82 ? -0.737  4.482   10.461  1.00 22.59 ? 182 VAL B CA  1 
ATOM   1373 C C   . VAL B 1 82 ? -1.661  5.265   9.531   1.00 20.53 ? 182 VAL B C   1 
ATOM   1374 O O   . VAL B 1 82 ? -2.609  4.707   8.983   1.00 19.74 ? 182 VAL B O   1 
ATOM   1375 C CB  . VAL B 1 82 ? 0.533   4.147   9.654   1.00 24.15 ? 182 VAL B CB  1 
ATOM   1376 C CG1 . VAL B 1 82 ? 1.543   3.417   10.526  1.00 27.15 ? 182 VAL B CG1 1 
ATOM   1377 C CG2 . VAL B 1 82 ? 0.158   3.303   8.442   1.00 25.33 ? 182 VAL B CG2 1 
ATOM   1378 N N   . ASN B 1 83 ? -1.386  6.553   9.343   1.00 18.17 ? 183 ASN B N   1 
ATOM   1379 C CA  . ASN B 1 83 ? -2.212  7.354   8.447   1.00 17.39 ? 183 ASN B CA  1 
ATOM   1380 C C   . ASN B 1 83 ? -1.866  6.953   7.021   1.00 17.20 ? 183 ASN B C   1 
ATOM   1381 O O   . ASN B 1 83 ? -0.695  6.906   6.653   1.00 17.30 ? 183 ASN B O   1 
ATOM   1382 C CB  . ASN B 1 83 ? -1.954  8.847   8.658   1.00 17.91 ? 183 ASN B CB  1 
ATOM   1383 C CG  . ASN B 1 83 ? -2.426  9.324   10.015  1.00 18.97 ? 183 ASN B CG  1 
ATOM   1384 O OD1 . ASN B 1 83 ? -3.554  9.048   10.418  1.00 19.64 ? 183 ASN B OD1 1 
ATOM   1385 N ND2 . ASN B 1 83 ? -1.566  10.046  10.727  1.00 17.54 ? 183 ASN B ND2 1 
ATOM   1386 N N   . ILE B 1 84 ? -2.893  6.679   6.225   1.00 15.26 ? 184 ILE B N   1 
ATOM   1387 C CA  . ILE B 1 84 ? -2.713  6.232   4.853   1.00 16.21 ? 184 ILE B CA  1 
ATOM   1388 C C   . ILE B 1 84 ? -3.341  7.151   3.811   1.00 15.16 ? 184 ILE B C   1 
ATOM   1389 O O   . ILE B 1 84 ? -4.523  7.454   3.885   1.00 14.64 ? 184 ILE B O   1 
ATOM   1390 C CB  . ILE B 1 84 ? -3.337  4.824   4.668   1.00 17.73 ? 184 ILE B CB  1 
ATOM   1391 C CG1 . ILE B 1 84 ? -2.665  3.832   5.620   1.00 20.25 ? 184 ILE B CG1 1 
ATOM   1392 C CG2 . ILE B 1 84 ? -3.180  4.362   3.221   1.00 19.41 ? 184 ILE B CG2 1 
ATOM   1393 C CD1 . ILE B 1 84 ? -3.489  2.572   5.846   1.00 23.92 ? 184 ILE B CD1 1 
ATOM   1394 N N   . ILE B 1 85 ? -2.543  7.584   2.842   1.00 14.88 ? 185 ILE B N   1 
ATOM   1395 C CA  . ILE B 1 85 ? -3.044  8.420   1.761   1.00 14.69 ? 185 ILE B CA  1 
ATOM   1396 C C   . ILE B 1 85 ? -3.227  7.463   0.589   1.00 14.99 ? 185 ILE B C   1 
ATOM   1397 O O   . ILE B 1 85 ? -2.247  6.955   0.047   1.00 15.19 ? 185 ILE B O   1 
ATOM   1398 C CB  . ILE B 1 85 ? -2.031  9.513   1.368   1.00 15.00 ? 185 ILE B CB  1 
ATOM   1399 C CG1 . ILE B 1 85 ? -1.680  10.362  2.589   1.00 15.95 ? 185 ILE B CG1 1 
ATOM   1400 C CG2 . ILE B 1 85 ? -2.620  10.393  0.265   1.00 15.43 ? 185 ILE B CG2 1 
ATOM   1401 C CD1 . ILE B 1 85 ? -2.868  10.992  3.271   1.00 18.87 ? 185 ILE B CD1 1 
ATOM   1402 N N   . GLY B 1 86 ? -4.481  7.216   0.217   1.00 14.54 ? 186 GLY B N   1 
ATOM   1403 C CA  . GLY B 1 86 ? -4.785  6.287   -0.862  1.00 15.74 ? 186 GLY B CA  1 
ATOM   1404 C C   . GLY B 1 86 ? -4.910  6.872   -2.256  1.00 14.18 ? 186 GLY B C   1 
ATOM   1405 O O   . GLY B 1 86 ? -4.753  8.076   -2.462  1.00 14.86 ? 186 GLY B O   1 
ATOM   1406 N N   . ARG B 1 87 ? -5.206  6.010   -3.222  1.00 14.72 ? 187 ARG B N   1 
ATOM   1407 C CA  . ARG B 1 87 ? -5.323  6.443   -4.609  1.00 15.80 ? 187 ARG B CA  1 
ATOM   1408 C C   . ARG B 1 87 ? -6.350  7.546   -4.830  1.00 15.81 ? 187 ARG B C   1 
ATOM   1409 O O   . ARG B 1 87 ? -6.198  8.360   -5.735  1.00 15.65 ? 187 ARG B O   1 
ATOM   1410 C CB  . ARG B 1 87 ? -5.644  5.248   -5.512  1.00 16.29 ? 187 ARG B CB  1 
ATOM   1411 C CG  . ARG B 1 87 ? -4.522  4.224   -5.562  1.00 16.06 ? 187 ARG B CG  1 
ATOM   1412 C CD  . ARG B 1 87 ? -4.775  3.126   -6.596  1.00 16.60 ? 187 ARG B CD  1 
ATOM   1413 N NE  . ARG B 1 87 ? -6.013  2.403   -6.332  1.00 17.57 ? 187 ARG B NE  1 
ATOM   1414 C CZ  . ARG B 1 87 ? -7.152  2.610   -6.988  1.00 19.00 ? 187 ARG B CZ  1 
ATOM   1415 N NH1 . ARG B 1 87 ? -7.206  3.518   -7.957  1.00 18.21 ? 187 ARG B NH1 1 
ATOM   1416 N NH2 . ARG B 1 87 ? -8.235  1.919   -6.667  1.00 18.53 ? 187 ARG B NH2 1 
ATOM   1417 N N   . ASN B 1 88 ? -7.385  7.604   -4.000  1.00 15.59 ? 188 ASN B N   1 
ATOM   1418 C CA  . ASN B 1 88 ? -8.386  8.644   -4.214  1.00 16.61 ? 188 ASN B CA  1 
ATOM   1419 C C   . ASN B 1 88 ? -7.772  10.050  -4.134  1.00 17.84 ? 188 ASN B C   1 
ATOM   1420 O O   . ASN B 1 88 ? -8.219  10.962  -4.827  1.00 19.04 ? 188 ASN B O   1 
ATOM   1421 C CB  . ASN B 1 88 ? -9.544  8.496   -3.224  1.00 17.02 ? 188 ASN B CB  1 
ATOM   1422 C CG  . ASN B 1 88 ? -9.154  8.853   -1.806  1.00 17.46 ? 188 ASN B CG  1 
ATOM   1423 O OD1 . ASN B 1 88 ? -8.194  8.316   -1.262  1.00 17.86 ? 188 ASN B OD1 1 
ATOM   1424 N ND2 . ASN B 1 88 ? -9.905  9.763   -1.201  1.00 19.13 ? 188 ASN B ND2 1 
ATOM   1425 N N   . LEU B 1 89 ? -6.744  10.222  -3.304  1.00 16.66 ? 189 LEU B N   1 
ATOM   1426 C CA  . LEU B 1 89 ? -6.094  11.527  -3.175  1.00 17.56 ? 189 LEU B CA  1 
ATOM   1427 C C   . LEU B 1 89 ? -4.781  11.597  -3.954  1.00 16.95 ? 189 LEU B C   1 
ATOM   1428 O O   . LEU B 1 89 ? -4.354  12.678  -4.364  1.00 18.16 ? 189 LEU B O   1 
ATOM   1429 C CB  . LEU B 1 89 ? -5.839  11.861  -1.699  1.00 18.03 ? 189 LEU B CB  1 
ATOM   1430 C CG  . LEU B 1 89 ? -7.095  11.988  -0.834  1.00 19.79 ? 189 LEU B CG  1 
ATOM   1431 C CD1 . LEU B 1 89 ? -6.710  12.405  0.571   1.00 21.93 ? 189 LEU B CD1 1 
ATOM   1432 C CD2 . LEU B 1 89 ? -8.046  13.007  -1.456  1.00 21.56 ? 189 LEU B CD2 1 
ATOM   1433 N N   . LEU B 1 90 ? -4.127  10.451  -4.144  1.00 17.18 ? 190 LEU B N   1 
ATOM   1434 C CA  . LEU B 1 90 ? -2.878  10.429  -4.899  1.00 17.62 ? 190 LEU B CA  1 
ATOM   1435 C C   . LEU B 1 90 ? -3.120  10.900  -6.334  1.00 18.47 ? 190 LEU B C   1 
ATOM   1436 O O   . LEU B 1 90 ? -2.258  11.533  -6.935  1.00 18.36 ? 190 LEU B O   1 
ATOM   1437 C CB  . LEU B 1 90 ? -2.280  9.022   -4.904  1.00 18.32 ? 190 LEU B CB  1 
ATOM   1438 C CG  . LEU B 1 90 ? -1.825  8.512   -3.530  1.00 18.23 ? 190 LEU B CG  1 
ATOM   1439 C CD1 . LEU B 1 90 ? -1.344  7.072   -3.654  1.00 18.35 ? 190 LEU B CD1 1 
ATOM   1440 C CD2 . LEU B 1 90 ? -0.707  9.408   -2.984  1.00 19.74 ? 190 LEU B CD2 1 
ATOM   1441 N N   . THR B 1 91 ? -4.294  10.595  -6.883  1.00 18.09 ? 191 THR B N   1 
ATOM   1442 C CA  . THR B 1 91 ? -4.607  11.023  -8.242  1.00 18.50 ? 191 THR B CA  1 
ATOM   1443 C C   . THR B 1 91 ? -4.844  12.530  -8.269  1.00 19.60 ? 191 THR B C   1 
ATOM   1444 O O   . THR B 1 91 ? -4.576  13.192  -9.268  1.00 18.53 ? 191 THR B O   1 
ATOM   1445 C CB  . THR B 1 91 ? -5.863  10.316  -8.793  1.00 20.11 ? 191 THR B CB  1 
ATOM   1446 O OG1 . THR B 1 91 ? -6.936  10.445  -7.857  1.00 21.41 ? 191 THR B OG1 1 
ATOM   1447 C CG2 . THR B 1 91 ? -5.580  8.850   -9.047  1.00 19.41 ? 191 THR B CG2 1 
ATOM   1448 N N   . GLN B 1 92 ? -5.336  13.080  -7.166  1.00 19.75 ? 192 GLN B N   1 
ATOM   1449 C CA  . GLN B 1 92 ? -5.581  14.513  -7.113  1.00 20.81 ? 192 GLN B CA  1 
ATOM   1450 C C   . GLN B 1 92 ? -4.295  15.333  -7.149  1.00 21.87 ? 192 GLN B C   1 
ATOM   1451 O O   . GLN B 1 92 ? -4.294  16.471  -7.625  1.00 23.33 ? 192 GLN B O   1 
ATOM   1452 C CB  . GLN B 1 92 ? -6.391  14.872  -5.870  1.00 19.74 ? 192 GLN B CB  1 
ATOM   1453 C CG  . GLN B 1 92 ? -7.872  14.624  -6.027  1.00 20.76 ? 192 GLN B CG  1 
ATOM   1454 C CD  . GLN B 1 92 ? -8.673  15.258  -4.916  1.00 21.59 ? 192 GLN B CD  1 
ATOM   1455 O OE1 . GLN B 1 92 ? -8.313  16.328  -4.414  1.00 21.44 ? 192 GLN B OE1 1 
ATOM   1456 N NE2 . GLN B 1 92 ? -9.775  14.620  -4.536  1.00 20.43 ? 192 GLN B NE2 1 
ATOM   1457 N N   . ILE B 1 93 ? -3.198  14.762  -6.659  1.00 21.06 ? 193 ILE B N   1 
ATOM   1458 C CA  . ILE B 1 93 ? -1.927  15.476  -6.662  1.00 21.65 ? 193 ILE B CA  1 
ATOM   1459 C C   . ILE B 1 93 ? -1.023  15.058  -7.824  1.00 22.17 ? 193 ILE B C   1 
ATOM   1460 O O   . ILE B 1 93 ? 0.147   15.442  -7.882  1.00 24.38 ? 193 ILE B O   1 
ATOM   1461 C CB  . ILE B 1 93 ? -1.175  15.292  -5.320  1.00 21.90 ? 193 ILE B CB  1 
ATOM   1462 C CG1 . ILE B 1 93 ? -0.864  13.814  -5.081  1.00 23.85 ? 193 ILE B CG1 1 
ATOM   1463 C CG2 . ILE B 1 93 ? -2.018  15.856  -4.180  1.00 22.60 ? 193 ILE B CG2 1 
ATOM   1464 C CD1 . ILE B 1 93 ? -0.058  13.566  -3.825  1.00 26.35 ? 193 ILE B CD1 1 
ATOM   1465 N N   . GLY B 1 94 ? -1.572  14.269  -8.744  1.00 22.21 ? 194 GLY B N   1 
ATOM   1466 C CA  . GLY B 1 94 ? -0.817  13.825  -9.906  1.00 23.59 ? 194 GLY B CA  1 
ATOM   1467 C C   . GLY B 1 94 ? 0.280   12.806  -9.648  1.00 23.31 ? 194 GLY B C   1 
ATOM   1468 O O   . GLY B 1 94 ? 1.257   12.731  -10.397 1.00 23.81 ? 194 GLY B O   1 
ATOM   1469 N N   . CYS B 1 95 ? 0.118   12.000  -8.605  1.00 21.65 ? 195 CYS B N   1 
ATOM   1470 C CA  . CYS B 1 95 ? 1.120   10.998  -8.266  1.00 22.32 ? 195 CYS B CA  1 
ATOM   1471 C C   . CYS B 1 95 ? 1.102   9.767   -9.183  1.00 22.63 ? 195 CYS B C   1 
ATOM   1472 O O   . CYS B 1 95 ? 0.042   9.215   -9.483  1.00 23.95 ? 195 CYS B O   1 
ATOM   1473 C CB  . CYS B 1 95 ? 0.932   10.562  -6.808  1.00 22.75 ? 195 CYS B CB  1 
ATOM   1474 S SG  . CYS B 1 95 ? 2.249   9.499   -6.168  1.00 26.00 ? 195 CYS B SG  1 
ATOM   1475 N N   . THR B 1 96 ? 2.284   9.355   -9.642  1.00 20.15 ? 196 THR B N   1 
ATOM   1476 C CA  . THR B 1 96 ? 2.408   8.171   -10.491 1.00 21.50 ? 196 THR B CA  1 
ATOM   1477 C C   . THR B 1 96 ? 3.558   7.288   -10.019 1.00 21.26 ? 196 THR B C   1 
ATOM   1478 O O   . THR B 1 96 ? 4.429   7.732   -9.269  1.00 20.54 ? 196 THR B O   1 
ATOM   1479 C CB  . THR B 1 96 ? 2.697   8.524   -11.973 1.00 22.93 ? 196 THR B CB  1 
ATOM   1480 O OG1 . THR B 1 96 ? 3.932   9.246   -12.061 1.00 23.29 ? 196 THR B OG1 1 
ATOM   1481 C CG2 . THR B 1 96 ? 1.564   9.352   -12.567 1.00 24.20 ? 196 THR B CG2 1 
ATOM   1482 N N   . LEU B 1 97 ? 3.539   6.035   -10.462 1.00 20.27 ? 197 LEU B N   1 
ATOM   1483 C CA  . LEU B 1 97 ? 4.590   5.069   -10.154 1.00 22.62 ? 197 LEU B CA  1 
ATOM   1484 C C   . LEU B 1 97 ? 5.451   5.007   -11.408 1.00 22.27 ? 197 LEU B C   1 
ATOM   1485 O O   . LEU B 1 97 ? 4.920   4.963   -12.518 1.00 24.17 ? 197 LEU B O   1 
ATOM   1486 C CB  . LEU B 1 97 ? 4.004   3.685   -9.878  1.00 23.67 ? 197 LEU B CB  1 
ATOM   1487 C CG  . LEU B 1 97 ? 3.406   3.411   -8.498  1.00 24.63 ? 197 LEU B CG  1 
ATOM   1488 C CD1 . LEU B 1 97 ? 2.745   2.045   -8.503  1.00 25.28 ? 197 LEU B CD1 1 
ATOM   1489 C CD2 . LEU B 1 97 ? 4.499   3.463   -7.450  1.00 26.20 ? 197 LEU B CD2 1 
ATOM   1490 N N   . ASN B 1 98 ? 6.768   5.002   -11.239 1.00 23.22 ? 198 ASN B N   1 
ATOM   1491 C CA  . ASN B 1 98 ? 7.674   4.966   -12.386 1.00 26.56 ? 198 ASN B CA  1 
ATOM   1492 C C   . ASN B 1 98 ? 8.834   3.989   -12.219 1.00 27.25 ? 198 ASN B C   1 
ATOM   1493 O O   . ASN B 1 98 ? 9.387   3.848   -11.133 1.00 25.97 ? 198 ASN B O   1 
ATOM   1494 C CB  . ASN B 1 98 ? 8.244   6.366   -12.637 1.00 25.57 ? 198 ASN B CB  1 
ATOM   1495 C CG  . ASN B 1 98 ? 7.169   7.382   -12.967 1.00 30.02 ? 198 ASN B CG  1 
ATOM   1496 O OD1 . ASN B 1 98 ? 6.709   7.470   -14.105 1.00 31.99 ? 198 ASN B OD1 1 
ATOM   1497 N ND2 . ASN B 1 98 ? 6.749   8.145   -11.967 1.00 30.12 ? 198 ASN B ND2 1 
ATOM   1498 N N   . PHE B 1 99 ? 9.198   3.321   -13.310 1.00 29.82 ? 199 PHE B N   1 
ATOM   1499 C CA  . PHE B 1 99 ? 10.317  2.386   -13.303 1.00 32.18 ? 199 PHE B CA  1 
ATOM   1500 C C   . PHE B 1 99 ? 10.687  1.962   -14.718 1.00 33.85 ? 199 PHE B C   1 
ATOM   1501 O O   . PHE B 1 99 ? 11.846  1.556   -14.928 1.00 26.57 ? 199 PHE B O   1 
ATOM   1502 C CB  . PHE B 1 99 ? 10.024  1.149   -12.438 1.00 32.48 ? 199 PHE B CB  1 
ATOM   1503 C CG  . PHE B 1 99 ? 8.888   0.292   -12.934 1.00 34.50 ? 199 PHE B CG  1 
ATOM   1504 C CD1 . PHE B 1 99 ? 7.571   0.613   -12.634 1.00 34.32 ? 199 PHE B CD1 1 
ATOM   1505 C CD2 . PHE B 1 99 ? 9.143   -0.854  -13.681 1.00 34.77 ? 199 PHE B CD2 1 
ATOM   1506 C CE1 . PHE B 1 99 ? 6.522   -0.196  -13.066 1.00 35.25 ? 199 PHE B CE1 1 
ATOM   1507 C CE2 . PHE B 1 99 ? 8.102   -1.670  -14.120 1.00 35.87 ? 199 PHE B CE2 1 
ATOM   1508 C CZ  . PHE B 1 99 ? 6.790   -1.341  -13.811 1.00 35.67 ? 199 PHE B CZ  1 
ATOM   1509 O OXT . PHE B 1 99 ? 9.816   2.036   -15.602 1.00 26.57 ? 199 PHE B OXT 1 
HETATM 1510 C C01 . MS3 C 2 .  ? -4.547  -5.315  0.116   1.00 27.77 ? 501 MS3 A C01 1 
HETATM 1511 C C02 . MS3 C 2 .  ? -5.910  -4.994  -0.307  1.00 30.33 ? 501 MS3 A C02 1 
HETATM 1512 C C03 . MS3 C 2 .  ? -7.017  -5.787  0.248   1.00 31.31 ? 501 MS3 A C03 1 
HETATM 1513 C C04 . MS3 C 2 .  ? -6.749  -6.860  1.191   1.00 32.70 ? 501 MS3 A C04 1 
HETATM 1514 C C05 . MS3 C 2 .  ? -5.393  -7.181  1.610   1.00 32.51 ? 501 MS3 A C05 1 
HETATM 1515 C C06 . MS3 C 2 .  ? -4.273  -6.410  1.077   1.00 30.64 ? 501 MS3 A C06 1 
HETATM 1516 C C07 . MS3 C 2 .  ? -0.463  -0.030  6.324   1.00 24.91 ? 501 MS3 A C07 1 
HETATM 1517 C C08 . MS3 C 2 .  ? -1.049  -0.672  7.504   1.00 26.29 ? 501 MS3 A C08 1 
HETATM 1518 C C09 . MS3 C 2 .  ? -0.254  -0.860  8.670   1.00 28.01 ? 501 MS3 A C09 1 
HETATM 1519 C C10 . MS3 C 2 .  ? 1.132   -0.409  8.669   1.00 28.62 ? 501 MS3 A C10 1 
HETATM 1520 C C11 . MS3 C 2 .  ? 1.733   0.230   7.502   1.00 27.28 ? 501 MS3 A C11 1 
HETATM 1521 C C12 . MS3 C 2 .  ? 0.915   0.415   6.320   1.00 26.88 ? 501 MS3 A C12 1 
HETATM 1522 C C13 . MS3 C 2 .  ? -1.325  0.133   5.120   1.00 22.87 ? 501 MS3 A C13 1 
HETATM 1523 O O14 . MS3 C 2 .  ? -1.779  -1.162  4.658   1.00 25.48 ? 501 MS3 A O14 1 
HETATM 1524 C C15 . MS3 C 2 .  ? -0.763  -1.964  3.957   1.00 22.97 ? 501 MS3 A C15 1 
HETATM 1525 C C16 . MS3 C 2 .  ? -1.386  -2.668  2.781   1.00 23.37 ? 501 MS3 A C16 1 
HETATM 1526 C C17 . MS3 C 2 .  ? -2.121  -1.727  1.850   1.00 23.07 ? 501 MS3 A C17 1 
HETATM 1527 C C18 . MS3 C 2 .  ? -3.201  -2.464  1.052   1.00 22.20 ? 501 MS3 A C18 1 
HETATM 1528 C C19 . MS3 C 2 .  ? -4.571  -2.371  1.768   1.00 21.40 ? 501 MS3 A C19 1 
HETATM 1529 O O20 . MS3 C 2 .  ? -4.790  -2.945  2.832   1.00 20.97 ? 501 MS3 A O20 1 
HETATM 1530 N N21 . MS3 C 2 .  ? -5.523  -1.596  1.100   1.00 18.76 ? 501 MS3 A N21 1 
HETATM 1531 C C22 . MS3 C 2 .  ? -6.899  -1.323  1.518   1.00 21.15 ? 501 MS3 A C22 1 
HETATM 1532 C C23 . MS3 C 2 .  ? -7.074  0.106   2.204   1.00 23.33 ? 501 MS3 A C23 1 
HETATM 1533 C C24 . MS3 C 2 .  ? -8.531  0.442   2.650   1.00 27.12 ? 501 MS3 A C24 1 
HETATM 1534 C C25 . MS3 C 2 .  ? -6.211  0.257   3.467   1.00 25.70 ? 501 MS3 A C25 1 
HETATM 1535 C C26 . MS3 C 2 .  ? -7.753  -1.467  0.243   1.00 21.38 ? 501 MS3 A C26 1 
HETATM 1536 O O27 . MS3 C 2 .  ? -7.520  -0.770  -0.739  1.00 20.35 ? 501 MS3 A O27 1 
HETATM 1537 N N28 . MS3 C 2 .  ? -8.766  -2.411  0.311   1.00 21.90 ? 501 MS3 A N28 1 
HETATM 1538 C C29 . MS3 C 2 .  ? -9.722  -2.605  -1.013  1.00 24.59 ? 501 MS3 A C29 1 
HETATM 1539 O O30 . MS3 C 2 .  ? -2.856  -3.887  0.781   1.00 23.48 ? 501 MS3 A O30 1 
HETATM 1540 C C31 . MS3 C 2 .  ? -3.422  -4.546  -0.398  1.00 26.60 ? 501 MS3 A C31 1 
HETATM 1541 O O32 . MS3 C 2 .  ? -1.123  -1.096  1.035   1.00 22.16 ? 501 MS3 A O32 1 
HETATM 1542 O O33 . MS3 C 2 .  ? -0.380  -3.470  2.046   1.00 23.04 ? 501 MS3 A O33 1 
HETATM 1543 C C34 . MS3 C 2 .  ? -0.219  -3.052  4.817   1.00 20.63 ? 501 MS3 A C34 1 
HETATM 1544 O O35 . MS3 C 2 .  ? -1.002  -3.821  5.414   1.00 18.69 ? 501 MS3 A O35 1 
HETATM 1545 N N36 . MS3 C 2 .  ? 1.160   -3.149  4.901   1.00 18.46 ? 501 MS3 A N36 1 
HETATM 1546 C C37 . MS3 C 2 .  ? 1.868   -4.179  5.699   1.00 18.87 ? 501 MS3 A C37 1 
HETATM 1547 C C38 . MS3 C 2 .  ? 2.426   -5.392  4.816   1.00 22.36 ? 501 MS3 A C38 1 
HETATM 1548 C C39 . MS3 C 2 .  ? 3.161   -6.497  5.647   1.00 22.65 ? 501 MS3 A C39 1 
HETATM 1549 C C40 . MS3 C 2 .  ? 1.335   -6.064  3.966   1.00 21.94 ? 501 MS3 A C40 1 
HETATM 1550 C C41 . MS3 C 2 .  ? 3.020   -3.470  6.412   1.00 20.53 ? 501 MS3 A C41 1 
HETATM 1551 O O42 . MS3 C 2 .  ? 3.867   -2.921  5.752   1.00 16.02 ? 501 MS3 A O42 1 
HETATM 1552 N N43 . MS3 C 2 .  ? 2.982   -3.525  7.784   1.00 21.56 ? 501 MS3 A N43 1 
HETATM 1553 C C44 . MS3 C 2 .  ? 4.010   -2.901  8.624   1.00 26.93 ? 501 MS3 A C44 1 
HETATM 1554 C C45 . MS3 C 2 .  ? 3.537   -2.721  10.053  1.00 29.76 ? 501 MS3 A C45 1 
HETATM 1555 C C46 . MS3 C 2 .  ? 3.776   -1.476  10.744  1.00 31.66 ? 501 MS3 A C46 1 
HETATM 1556 C C47 . MS3 C 2 .  ? 3.292   -1.355  12.131  1.00 34.41 ? 501 MS3 A C47 1 
HETATM 1557 C C48 . MS3 C 2 .  ? 2.587   -2.460  12.804  1.00 33.88 ? 501 MS3 A C48 1 
HETATM 1558 C C49 . MS3 C 2 .  ? 2.408   -3.669  12.001  1.00 33.44 ? 501 MS3 A C49 1 
HETATM 1559 N N50 . MS3 C 2 .  ? 2.868   -3.783  10.681  1.00 32.84 ? 501 MS3 A N50 1 
HETATM 1560 C C51 . MS3 C 2 .  ? -9.616  -3.997  -1.673  1.00 53.21 ? 501 MS3 A C51 1 
HETATM 1561 C C52 . MS3 C 2 .  ? -8.618  -4.246  -2.666  1.00 22.71 ? 501 MS3 A C52 1 
HETATM 1562 C C53 . MS3 C 2 .  ? -8.521  -5.557  -3.282  1.00 22.71 ? 501 MS3 A C53 1 
HETATM 1563 C C54 . MS3 C 2 .  ? -9.435  -6.582  -2.878  1.00 22.71 ? 501 MS3 A C54 1 
HETATM 1564 C C55 . MS3 C 2 .  ? -10.422 -6.290  -1.876  1.00 22.71 ? 501 MS3 A C55 1 
HETATM 1565 N N56 . MS3 C 2 .  ? -10.492 -5.022  -1.303  1.00 22.71 ? 501 MS3 A N56 1 
HETATM 1566 O O   . HOH D 3 .  ? -2.857  1.803   -12.155 1.00 34.98 ? 604 HOH A O   1 
HETATM 1567 O O   . HOH D 3 .  ? -4.605  4.084   -14.036 1.00 29.24 ? 606 HOH A O   1 
HETATM 1568 O O   . HOH D 3 .  ? 7.680   -4.563  8.879   1.00 31.73 ? 610 HOH A O   1 
HETATM 1569 O O   . HOH D 3 .  ? 3.947   -6.467  9.992   1.00 26.69 ? 611 HOH A O   1 
HETATM 1570 O O   . HOH D 3 .  ? -3.416  -16.004 10.130  1.00 32.80 ? 613 HOH A O   1 
HETATM 1571 O O   . HOH D 3 .  ? 5.931   -6.438  8.312   1.00 33.29 ? 614 HOH A O   1 
HETATM 1572 O O   . HOH D 3 .  ? -6.132  4.418   -16.702 1.00 34.00 ? 615 HOH A O   1 
HETATM 1573 O O   . HOH D 3 .  ? 17.334  -7.837  -6.982  1.00 25.16 ? 616 HOH A O   1 
HETATM 1574 O O   . HOH D 3 .  ? -4.049  -18.089 0.316   1.00 35.30 ? 619 HOH A O   1 
HETATM 1575 O O   . HOH D 3 .  ? 15.085  1.908   -6.314  1.00 25.38 ? 620 HOH A O   1 
HETATM 1576 O O   . HOH D 3 .  ? 12.877  2.865   -4.905  1.00 22.22 ? 621 HOH A O   1 
HETATM 1577 O O   . HOH D 3 .  ? -3.627  -3.961  5.174   1.00 18.81 ? 622 HOH A O   1 
HETATM 1578 O O   . HOH D 3 .  ? 5.725   1.275   3.176   1.00 17.23 ? 623 HOH A O   1 
HETATM 1579 O O   . HOH D 3 .  ? 14.614  -2.801  -0.353  1.00 23.99 ? 624 HOH A O   1 
HETATM 1580 O O   . HOH D 3 .  ? 12.624  -1.587  1.297   1.00 38.55 ? 625 HOH A O   1 
HETATM 1581 O O   . HOH D 3 .  ? 4.449   0.151   5.237   1.00 19.24 ? 626 HOH A O   1 
HETATM 1582 O O   . HOH D 3 .  ? 8.766   -9.920  1.949   1.00 23.68 ? 629 HOH A O   1 
HETATM 1583 O O   . HOH D 3 .  ? 14.186  -8.823  0.695   1.00 17.54 ? 632 HOH A O   1 
HETATM 1584 O O   . HOH D 3 .  ? -6.669  -2.324  11.622  1.00 33.20 ? 635 HOH A O   1 
HETATM 1585 O O   . HOH D 3 .  ? 11.946  5.400   -11.314 1.00 33.83 ? 638 HOH A O   1 
HETATM 1586 O O   . HOH D 3 .  ? 15.897  -12.772 0.626   1.00 35.88 ? 639 HOH A O   1 
HETATM 1587 O O   . HOH D 3 .  ? 11.044  -25.255 7.080   1.00 50.49 ? 642 HOH A O   1 
HETATM 1588 O O   . HOH D 3 .  ? -10.444 7.037   -9.765  1.00 43.46 ? 643 HOH A O   1 
HETATM 1589 O O   . HOH D 3 .  ? -9.160  -0.378  -9.944  1.00 33.30 ? 644 HOH A O   1 
HETATM 1590 O O   . HOH D 3 .  ? 13.333  -17.977 5.623   1.00 36.85 ? 645 HOH A O   1 
HETATM 1591 O O   . HOH D 3 .  ? 13.956  -19.489 2.660   1.00 39.94 ? 647 HOH A O   1 
HETATM 1592 O O   . HOH D 3 .  ? 10.716  -10.527 6.202   1.00 50.40 ? 648 HOH A O   1 
HETATM 1593 O O   . HOH D 3 .  ? 13.703  -18.349 -6.770  1.00 43.77 ? 653 HOH A O   1 
HETATM 1594 O O   . HOH D 3 .  ? 16.705  -1.737  -11.730 1.00 40.06 ? 661 HOH A O   1 
HETATM 1595 O O   . HOH D 3 .  ? -3.669  -10.629 -6.646  1.00 35.22 ? 663 HOH A O   1 
HETATM 1596 O O   . HOH D 3 .  ? 11.195  -3.306  3.040   1.00 32.59 ? 664 HOH A O   1 
HETATM 1597 O O   . HOH D 3 .  ? -2.920  -13.977 -9.638  1.00 43.26 ? 665 HOH A O   1 
HETATM 1598 O O   . HOH D 3 .  ? 10.429  -8.795  3.825   1.00 49.76 ? 667 HOH A O   1 
HETATM 1599 O O   . HOH D 3 .  ? 9.894   -5.943  6.883   1.00 43.79 ? 671 HOH A O   1 
HETATM 1600 O O   . HOH D 3 .  ? -10.072 2.656   -9.094  1.00 48.45 ? 672 HOH A O   1 
HETATM 1601 O O   . HOH D 3 .  ? 3.324   -19.659 9.434   1.00 44.58 ? 673 HOH A O   1 
HETATM 1602 O O   . HOH D 3 .  ? -4.497  -9.441  15.004  1.00 46.55 ? 674 HOH A O   1 
HETATM 1603 O O   . HOH D 3 .  ? 9.959   -17.378 13.302  1.00 47.15 ? 675 HOH A O   1 
HETATM 1604 O O   . HOH D 3 .  ? -8.595  -5.588  -8.677  1.00 44.56 ? 676 HOH A O   1 
HETATM 1605 O O   . HOH D 3 .  ? 6.718   -10.585 -15.337 1.00 50.29 ? 677 HOH A O   1 
HETATM 1606 O O   . HOH D 3 .  ? -5.545  -16.015 -0.375  1.00 45.15 ? 679 HOH A O   1 
HETATM 1607 O O   . HOH D 3 .  ? 1.781   -24.102 -5.523  1.00 42.56 ? 680 HOH A O   1 
HETATM 1608 O O   . HOH D 3 .  ? 10.721  -17.977 -8.790  1.00 38.40 ? 681 HOH A O   1 
HETATM 1609 O O   . HOH D 3 .  ? 0.686   -17.054 -4.972  1.00 51.49 ? 683 HOH A O   1 
HETATM 1610 O O   . HOH D 3 .  ? 17.158  -6.503  -9.518  1.00 32.26 ? 685 HOH A O   1 
HETATM 1611 O O   . HOH D 3 .  ? 13.084  -8.109  3.207   1.00 38.67 ? 693 HOH A O   1 
HETATM 1612 O O   . HOH D 3 .  ? 0.228   -19.253 7.094   1.00 50.13 ? 694 HOH A O   1 
HETATM 1613 O O   . HOH D 3 .  ? -3.466  11.014  -15.853 1.00 51.57 ? 696 HOH A O   1 
HETATM 1614 O O   . HOH D 3 .  ? 1.454   -20.163 4.765   1.00 8.58  ? 700 HOH A O   1 
HETATM 1615 O O   . HOH D 3 .  ? 2.189   -6.310  -16.161 1.00 7.82  ? 703 HOH A O   1 
HETATM 1616 O O   . HOH D 3 .  ? -7.103  -14.114 6.577   1.00 7.53  ? 706 HOH A O   1 
HETATM 1617 O O   . HOH D 3 .  ? -5.540  -16.044 8.749   1.00 7.48  ? 707 HOH A O   1 
HETATM 1618 O O   . HOH D 3 .  ? -6.092  -8.790  -7.127  1.00 7.47  ? 709 HOH A O   1 
HETATM 1619 O O   . HOH D 3 .  ? 1.077   -24.180 4.190   1.00 7.43  ? 710 HOH A O   1 
HETATM 1620 O O   . HOH D 3 .  ? -5.918  -2.430  -12.733 1.00 7.37  ? 712 HOH A O   1 
HETATM 1621 O O   . HOH D 3 .  ? -12.165 -5.679  -4.885  1.00 7.22  ? 718 HOH A O   1 
HETATM 1622 O O   . HOH E 3 .  ? -9.526  9.526   -8.484  1.00 31.53 ? 601 HOH B O   1 
HETATM 1623 O O   . HOH E 3 .  ? -2.196  8.994   -11.009 1.00 26.43 ? 602 HOH B O   1 
HETATM 1624 O O   . HOH E 3 .  ? -13.724 17.459  -3.779  1.00 25.28 ? 603 HOH B O   1 
HETATM 1625 O O   . HOH E 3 .  ? 3.854   12.127  -11.781 1.00 32.77 ? 605 HOH B O   1 
HETATM 1626 O O   . HOH E 3 .  ? -10.993 12.003  -5.438  1.00 30.16 ? 607 HOH B O   1 
HETATM 1627 O O   . HOH E 3 .  ? -12.220 11.276  -2.801  1.00 18.51 ? 608 HOH B O   1 
HETATM 1628 O O   . HOH E 3 .  ? -15.366 13.819  -0.885  1.00 29.20 ? 609 HOH B O   1 
HETATM 1629 O O   . HOH E 3 .  ? -8.329  6.702   -7.690  1.00 47.27 ? 612 HOH B O   1 
HETATM 1630 O O   . HOH E 3 .  ? -9.429  -8.204  3.748   1.00 32.18 ? 617 HOH B O   1 
HETATM 1631 O O   . HOH E 3 .  ? 17.661  3.971   -6.109  1.00 24.42 ? 618 HOH B O   1 
HETATM 1632 O O   . HOH E 3 .  ? -10.957 7.690   1.265   1.00 19.22 ? 627 HOH B O   1 
HETATM 1633 O O   . HOH E 3 .  ? -24.672 10.646  7.287   1.00 33.56 ? 628 HOH B O   1 
HETATM 1634 O O   . HOH E 3 .  ? -5.980  -1.597  -3.597  1.00 22.50 ? 630 HOH B O   1 
HETATM 1635 O O   . HOH E 3 .  ? -19.049 14.432  5.525   1.00 33.47 ? 631 HOH B O   1 
HETATM 1636 O O   . HOH E 3 .  ? 1.187   7.892   10.391  1.00 27.57 ? 633 HOH B O   1 
HETATM 1637 O O   . HOH E 3 .  ? -19.914 10.850  4.554   1.00 37.09 ? 634 HOH B O   1 
HETATM 1638 O O   . HOH E 3 .  ? -4.679  0.314   -5.133  1.00 20.06 ? 636 HOH B O   1 
HETATM 1639 O O   . HOH E 3 .  ? -12.913 6.832   -0.475  1.00 46.25 ? 637 HOH B O   1 
HETATM 1640 O O   . HOH E 3 .  ? 5.716   4.625   9.985   1.00 37.97 ? 640 HOH B O   1 
HETATM 1641 O O   . HOH E 3 .  ? -11.838 10.627  -7.455  1.00 42.67 ? 641 HOH B O   1 
HETATM 1642 O O   . HOH E 3 .  ? 1.865   16.993  -9.079  1.00 42.86 ? 646 HOH B O   1 
HETATM 1643 O O   . HOH E 3 .  ? -9.637  4.988   -5.258  1.00 31.67 ? 649 HOH B O   1 
HETATM 1644 O O   . HOH E 3 .  ? 13.299  9.296   -1.654  1.00 36.69 ? 650 HOH B O   1 
HETATM 1645 O O   . HOH E 3 .  ? 1.540   19.647  3.281   1.00 36.50 ? 651 HOH B O   1 
HETATM 1646 O O   . HOH E 3 .  ? -5.632  22.826  7.747   1.00 38.71 ? 652 HOH B O   1 
HETATM 1647 O O   . HOH E 3 .  ? 10.634  6.734   1.093   1.00 31.70 ? 654 HOH B O   1 
HETATM 1648 O O   . HOH E 3 .  ? -8.550  20.239  6.870   1.00 29.15 ? 655 HOH B O   1 
HETATM 1649 O O   . HOH E 3 .  ? -5.454  21.493  5.391   1.00 42.42 ? 656 HOH B O   1 
HETATM 1650 O O   . HOH E 3 .  ? -2.564  25.437  12.921  1.00 38.52 ? 657 HOH B O   1 
HETATM 1651 O O   . HOH E 3 .  ? -7.060  -11.702 5.845   1.00 38.00 ? 658 HOH B O   1 
HETATM 1652 O O   . HOH E 3 .  ? -13.917 4.788   13.835  1.00 48.27 ? 659 HOH B O   1 
HETATM 1653 O O   . HOH E 3 .  ? -19.273 -0.747  3.376   1.00 33.36 ? 660 HOH B O   1 
HETATM 1654 O O   . HOH E 3 .  ? -12.086 20.266  5.638   1.00 32.36 ? 662 HOH B O   1 
HETATM 1655 O O   . HOH E 3 .  ? -12.509 0.093   -2.451  1.00 39.60 ? 666 HOH B O   1 
HETATM 1656 O O   . HOH E 3 .  ? 1.110   11.710  12.554  1.00 33.49 ? 668 HOH B O   1 
HETATM 1657 O O   . HOH E 3 .  ? 11.151  3.133   6.800   1.00 29.58 ? 669 HOH B O   1 
HETATM 1658 O O   . HOH E 3 .  ? -7.143  5.568   15.924  1.00 38.99 ? 670 HOH B O   1 
HETATM 1659 O O   . HOH E 3 .  ? 18.274  6.443   -4.326  1.00 40.88 ? 678 HOH B O   1 
HETATM 1660 O O   . HOH E 3 .  ? -18.319 16.128  12.780  1.00 50.97 ? 682 HOH B O   1 
HETATM 1661 O O   . HOH E 3 .  ? -9.257  -11.168 4.573   1.00 51.54 ? 684 HOH B O   1 
HETATM 1662 O O   . HOH E 3 .  ? -11.978 -2.613  1.226   1.00 42.40 ? 686 HOH B O   1 
HETATM 1663 O O   . HOH E 3 .  ? -12.452 -9.365  9.249   1.00 41.40 ? 687 HOH B O   1 
HETATM 1664 O O   . HOH E 3 .  ? -5.332  11.017  12.353  1.00 36.58 ? 688 HOH B O   1 
HETATM 1665 O O   . HOH E 3 .  ? -13.515 -1.917  13.547  1.00 42.07 ? 689 HOH B O   1 
HETATM 1666 O O   . HOH E 3 .  ? -27.446 9.110   7.470   1.00 43.59 ? 690 HOH B O   1 
HETATM 1667 O O   . HOH E 3 .  ? 3.952   6.827   10.528  1.00 37.38 ? 691 HOH B O   1 
HETATM 1668 O O   . HOH E 3 .  ? -1.963  11.000  13.443  1.00 35.82 ? 692 HOH B O   1 
HETATM 1669 O O   . HOH E 3 .  ? 13.915  0.687   -13.615 1.00 41.50 ? 695 HOH B O   1 
HETATM 1670 O O   . HOH E 3 .  ? 13.936  5.917   0.393   1.00 12.56 ? 697 HOH B O   1 
HETATM 1671 O O   . HOH E 3 .  ? 6.306   16.106  3.221   1.00 9.02  ? 698 HOH B O   1 
HETATM 1672 O O   . HOH E 3 .  ? 12.476  -0.028  5.137   1.00 8.58  ? 699 HOH B O   1 
HETATM 1673 O O   . HOH E 3 .  ? 0.401   20.456  14.094  1.00 8.21  ? 701 HOH B O   1 
HETATM 1674 O O   . HOH E 3 .  ? -12.196 -0.034  0.027   1.00 7.97  ? 702 HOH B O   1 
HETATM 1675 O O   . HOH E 3 .  ? -3.868  23.374  4.220   1.00 7.72  ? 704 HOH B O   1 
HETATM 1676 O O   . HOH E 3 .  ? -3.373  26.954  7.658   1.00 7.61  ? 705 HOH B O   1 
HETATM 1677 O O   . HOH E 3 .  ? -1.712  25.888  4.355   1.00 7.48  ? 708 HOH B O   1 
HETATM 1678 O O   . HOH E 3 .  ? 11.302  8.910   2.061   1.00 7.38  ? 711 HOH B O   1 
HETATM 1679 O O   . HOH E 3 .  ? 4.358   1.775   12.288  1.00 7.36  ? 713 HOH B O   1 
HETATM 1680 O O   . HOH E 3 .  ? 10.536  7.634   5.645   1.00 7.35  ? 714 HOH B O   1 
HETATM 1681 O O   . HOH E 3 .  ? -21.862 16.776  6.401   1.00 7.31  ? 715 HOH B O   1 
HETATM 1682 O O   . HOH E 3 .  ? -17.930 13.471  13.611  1.00 7.31  ? 716 HOH B O   1 
HETATM 1683 O O   . HOH E 3 .  ? -5.691  9.436   17.505  1.00 7.25  ? 717 HOH B O   1 
HETATM 1684 O O   . HOH E 3 .  ? 8.540   10.679  1.242   1.00 7.18  ? 719 HOH B O   1 
HETATM 1685 O O   . HOH E 3 .  ? 4.802   9.475   12.588  1.00 7.17  ? 720 HOH B O   1 
HETATM 1686 O O   . HOH E 3 .  ? -10.602 -7.510  1.796   1.00 7.16  ? 721 HOH B O   1 
HETATM 1687 O O   . HOH E 3 .  ? -6.626  -10.808 11.845  1.00 7.08  ? 722 HOH B O   1 
HETATM 1688 O O   . HOH E 3 .  ? 6.281   1.167   12.431  1.00 7.00  ? 723 HOH B O   1 
# 
